data_6H5H
#
_entry.id   6H5H
#
_entity_poly.entity_id   1
_entity_poly.type   'polypeptide(L)'
_entity_poly.pdbx_seq_one_letter_code
;MKHHHHHHPMSDYDIPTTENLYFQGAMGGQETLNGALVNMLKEEGNKALSVGNIDDALQYYAAAITLDKYPHKIKSGAEA
KKLPGVGTKIAEKIDEFLATGKLRKLEKIRQDDTSSSINFL
;
_entity_poly.pdbx_strand_id   A
#
# COMPACT_ATOMS: atom_id res chain seq x y z
N GLU A 31 -13.00 -1.98 -7.75
CA GLU A 31 -13.63 -0.86 -8.46
C GLU A 31 -12.84 0.42 -8.24
N THR A 32 -12.38 0.63 -7.00
CA THR A 32 -11.61 1.82 -6.67
C THR A 32 -10.36 1.91 -7.55
N LEU A 33 -9.99 3.13 -7.93
CA LEU A 33 -8.87 3.32 -8.85
C LEU A 33 -7.58 2.71 -8.32
N ASN A 34 -7.43 2.65 -7.00
CA ASN A 34 -6.20 2.10 -6.40
C ASN A 34 -6.35 0.62 -5.99
N GLY A 35 -7.46 -0.02 -6.34
CA GLY A 35 -7.73 -1.37 -5.88
C GLY A 35 -6.58 -2.33 -6.19
N ALA A 36 -5.97 -2.17 -7.37
CA ALA A 36 -4.87 -3.06 -7.75
C ALA A 36 -3.73 -2.94 -6.77
N LEU A 37 -3.35 -1.71 -6.45
CA LEU A 37 -2.30 -1.48 -5.46
C LEU A 37 -2.72 -2.02 -4.09
N VAL A 38 -4.00 -1.90 -3.76
CA VAL A 38 -4.49 -2.39 -2.48
C VAL A 38 -4.25 -3.90 -2.38
N ASN A 39 -4.52 -4.62 -3.47
CA ASN A 39 -4.29 -6.05 -3.48
C ASN A 39 -2.81 -6.37 -3.25
N MET A 40 -1.94 -5.63 -3.92
CA MET A 40 -0.50 -5.83 -3.74
C MET A 40 -0.10 -5.57 -2.29
N LEU A 41 -0.71 -4.56 -1.67
CA LEU A 41 -0.45 -4.28 -0.27
C LEU A 41 -0.85 -5.45 0.61
N LYS A 42 -2.00 -6.07 0.29
CA LYS A 42 -2.44 -7.24 1.05
C LYS A 42 -1.40 -8.36 0.95
N GLU A 43 -0.81 -8.52 -0.23
CA GLU A 43 0.25 -9.52 -0.39
C GLU A 43 1.44 -9.19 0.51
N GLU A 44 1.81 -7.91 0.55
CA GLU A 44 2.92 -7.50 1.40
C GLU A 44 2.61 -7.76 2.87
N GLY A 45 1.36 -7.51 3.26
CA GLY A 45 0.95 -7.77 4.63
C GLY A 45 1.12 -9.23 4.99
N ASN A 46 0.70 -10.12 4.08
CA ASN A 46 0.86 -11.55 4.31
C ASN A 46 2.33 -11.92 4.44
N LYS A 47 3.19 -11.28 3.64
CA LYS A 47 4.62 -11.55 3.73
C LYS A 47 5.15 -11.17 5.11
N ALA A 48 4.74 -10.01 5.61
CA ALA A 48 5.17 -9.57 6.93
C ALA A 48 4.72 -10.58 7.98
N LEU A 49 3.50 -11.06 7.87
CA LEU A 49 3.02 -12.10 8.77
C LEU A 49 3.87 -13.36 8.67
N SER A 50 4.28 -13.70 7.45
CA SER A 50 5.08 -14.91 7.24
C SER A 50 6.40 -14.85 8.01
N VAL A 51 6.97 -13.67 8.12
CA VAL A 51 8.22 -13.50 8.87
C VAL A 51 8.00 -13.25 10.37
N GLY A 52 6.74 -13.24 10.83
CA GLY A 52 6.46 -12.95 12.24
C GLY A 52 6.33 -11.44 12.54
N ASN A 53 6.25 -10.62 11.50
CA ASN A 53 6.14 -9.17 11.67
C ASN A 53 4.68 -8.73 11.61
N ILE A 54 3.91 -9.11 12.62
CA ILE A 54 2.48 -8.83 12.62
C ILE A 54 2.22 -7.32 12.62
N ASP A 55 3.07 -6.55 13.32
CA ASP A 55 2.87 -5.11 13.39
C ASP A 55 2.94 -4.48 12.00
N ASP A 56 3.95 -4.87 11.23
CA ASP A 56 4.09 -4.34 9.87
C ASP A 56 2.92 -4.76 9.00
N ALA A 57 2.45 -5.99 9.17
CA ALA A 57 1.33 -6.47 8.37
C ALA A 57 0.10 -5.62 8.62
N LEU A 58 -0.18 -5.34 9.89
CA LEU A 58 -1.30 -4.47 10.22
C LEU A 58 -1.13 -3.08 9.61
N GLN A 59 0.10 -2.58 9.62
CA GLN A 59 0.36 -1.26 9.05
C GLN A 59 0.02 -1.24 7.55
N TYR A 60 0.44 -2.27 6.83
CA TYR A 60 0.13 -2.35 5.41
C TYR A 60 -1.38 -2.38 5.19
N TYR A 61 -2.10 -3.14 6.01
CA TYR A 61 -3.55 -3.21 5.88
C TYR A 61 -4.20 -1.84 6.10
N ALA A 62 -3.68 -1.10 7.07
CA ALA A 62 -4.23 0.23 7.34
C ALA A 62 -4.02 1.15 6.14
N ALA A 63 -2.82 1.10 5.56
CA ALA A 63 -2.53 1.91 4.38
C ALA A 63 -3.43 1.51 3.21
N ALA A 64 -3.69 0.20 3.08
CA ALA A 64 -4.53 -0.28 1.99
C ALA A 64 -5.94 0.31 2.09
N ILE A 65 -6.50 0.31 3.31
CA ILE A 65 -7.84 0.86 3.49
C ILE A 65 -7.86 2.34 3.13
N THR A 66 -6.88 3.10 3.60
CA THR A 66 -6.82 4.52 3.30
C THR A 66 -6.72 4.76 1.80
N LEU A 67 -5.87 3.98 1.12
CA LEU A 67 -5.69 4.13 -0.31
C LEU A 67 -7.00 3.86 -1.06
N ASP A 68 -7.79 2.91 -0.57
CA ASP A 68 -9.09 2.66 -1.16
C ASP A 68 -10.01 3.86 -0.97
N LYS A 69 -10.09 4.36 0.26
CA LYS A 69 -10.94 5.50 0.55
C LYS A 69 -10.57 6.74 -0.27
N TYR A 70 -9.29 6.87 -0.61
CA TYR A 70 -8.84 8.02 -1.40
C TYR A 70 -9.61 8.07 -2.73
N PRO A 71 -10.14 9.21 -3.14
CA PRO A 71 -11.05 9.27 -4.32
C PRO A 71 -10.36 9.39 -5.68
N HIS A 72 -9.06 9.14 -5.75
CA HIS A 72 -8.33 9.33 -7.00
C HIS A 72 -7.23 8.30 -7.19
N LYS A 73 -6.94 7.96 -8.45
CA LYS A 73 -5.79 7.14 -8.75
C LYS A 73 -4.52 7.89 -8.33
N ILE A 74 -3.63 7.21 -7.62
CA ILE A 74 -2.37 7.82 -7.22
C ILE A 74 -1.29 7.57 -8.27
N LYS A 75 -0.60 8.63 -8.68
CA LYS A 75 0.43 8.52 -9.72
C LYS A 75 1.79 8.07 -9.16
N SER A 76 2.01 8.24 -7.85
CA SER A 76 3.28 7.85 -7.25
C SER A 76 3.11 7.53 -5.77
N GLY A 77 3.99 6.68 -5.26
CA GLY A 77 3.96 6.32 -3.85
C GLY A 77 4.25 7.52 -2.95
N ALA A 78 5.09 8.44 -3.43
CA ALA A 78 5.48 9.58 -2.62
C ALA A 78 4.26 10.38 -2.19
N GLU A 79 3.33 10.58 -3.13
CA GLU A 79 2.05 11.17 -2.78
C GLU A 79 1.29 10.30 -1.78
N ALA A 80 1.40 8.98 -1.94
CA ALA A 80 0.67 8.05 -1.08
C ALA A 80 1.07 8.23 0.39
N LYS A 81 2.34 8.56 0.63
CA LYS A 81 2.82 8.74 1.99
C LYS A 81 2.01 9.80 2.75
N LYS A 82 1.45 10.77 2.03
CA LYS A 82 0.67 11.82 2.68
C LYS A 82 -0.54 11.26 3.43
N LEU A 83 -1.03 10.08 3.06
CA LEU A 83 -2.24 9.54 3.65
C LEU A 83 -1.95 8.84 4.97
N PRO A 84 -2.79 8.96 5.98
CA PRO A 84 -2.52 8.32 7.30
C PRO A 84 -2.35 6.81 7.16
N GLY A 85 -1.25 6.30 7.73
CA GLY A 85 -0.99 4.86 7.69
C GLY A 85 0.00 4.45 6.61
N VAL A 86 0.34 5.34 5.67
CA VAL A 86 1.30 5.01 4.62
C VAL A 86 2.71 5.33 5.09
N GLY A 87 3.63 4.40 4.85
CA GLY A 87 5.03 4.57 5.26
C GLY A 87 5.94 4.66 4.04
N THR A 88 7.21 5.00 4.29
CA THR A 88 8.16 5.15 3.19
C THR A 88 8.28 3.85 2.41
N LYS A 89 8.36 2.73 3.13
CA LYS A 89 8.49 1.44 2.47
C LYS A 89 7.28 1.17 1.57
N ILE A 90 6.09 1.53 2.05
CA ILE A 90 4.88 1.31 1.27
C ILE A 90 4.92 2.17 0.00
N ALA A 91 5.38 3.41 0.13
CA ALA A 91 5.49 4.29 -1.03
C ALA A 91 6.41 3.66 -2.07
N GLU A 92 7.52 3.07 -1.62
CA GLU A 92 8.45 2.44 -2.54
C GLU A 92 7.79 1.29 -3.29
N LYS A 93 6.97 0.50 -2.61
CA LYS A 93 6.23 -0.58 -3.28
C LYS A 93 5.32 -0.01 -4.36
N ILE A 94 4.66 1.11 -4.06
CA ILE A 94 3.81 1.76 -5.05
C ILE A 94 4.64 2.16 -6.28
N ASP A 95 5.82 2.74 -6.05
CA ASP A 95 6.67 3.15 -7.14
C ASP A 95 7.06 1.95 -8.00
N GLU A 96 7.38 0.83 -7.35
CA GLU A 96 7.77 -0.36 -8.08
C GLU A 96 6.62 -0.86 -8.94
N PHE A 97 5.41 -0.90 -8.38
CA PHE A 97 4.26 -1.38 -9.14
C PHE A 97 4.02 -0.51 -10.37
N LEU A 98 4.18 0.79 -10.24
CA LEU A 98 4.07 1.69 -11.38
C LEU A 98 5.15 1.39 -12.42
N ALA A 99 6.36 1.11 -11.94
CA ALA A 99 7.46 0.76 -12.84
C ALA A 99 7.16 -0.51 -13.63
N THR A 100 6.44 -1.44 -13.01
CA THR A 100 6.05 -2.67 -13.70
C THR A 100 4.90 -2.43 -14.69
N GLY A 101 4.11 -1.38 -14.48
CA GLY A 101 3.00 -1.08 -15.38
C GLY A 101 1.77 -0.62 -14.58
N GLU A 31 -14.62 -0.98 -9.28
CA GLU A 31 -13.45 -1.19 -8.43
C GLU A 31 -12.71 0.12 -8.20
N THR A 32 -12.28 0.33 -6.96
CA THR A 32 -11.56 1.54 -6.61
C THR A 32 -10.30 1.67 -7.46
N LEU A 33 -9.98 2.91 -7.84
CA LEU A 33 -8.85 3.14 -8.75
C LEU A 33 -7.54 2.59 -8.18
N ASN A 34 -7.41 2.56 -6.86
CA ASN A 34 -6.18 2.06 -6.24
C ASN A 34 -6.27 0.58 -5.82
N GLY A 35 -7.34 -0.11 -6.22
CA GLY A 35 -7.57 -1.47 -5.73
C GLY A 35 -6.38 -2.38 -5.97
N ALA A 36 -5.70 -2.22 -7.10
CA ALA A 36 -4.56 -3.07 -7.41
C ALA A 36 -3.48 -2.91 -6.34
N LEU A 37 -3.17 -1.66 -6.00
CA LEU A 37 -2.19 -1.39 -4.96
C LEU A 37 -2.66 -1.96 -3.61
N VAL A 38 -3.96 -1.91 -3.36
CA VAL A 38 -4.51 -2.51 -2.13
C VAL A 38 -4.20 -4.00 -2.09
N ASN A 39 -4.33 -4.67 -3.24
CA ASN A 39 -3.98 -6.08 -3.33
C ASN A 39 -2.49 -6.29 -3.03
N MET A 40 -1.66 -5.37 -3.52
CA MET A 40 -0.23 -5.46 -3.27
C MET A 40 0.05 -5.38 -1.76
N LEU A 41 -0.65 -4.49 -1.09
CA LEU A 41 -0.50 -4.36 0.36
C LEU A 41 -0.91 -5.64 1.06
N LYS A 42 -2.00 -6.26 0.60
CA LYS A 42 -2.45 -7.50 1.20
C LYS A 42 -1.37 -8.57 1.11
N GLU A 43 -0.69 -8.63 -0.03
CA GLU A 43 0.40 -9.58 -0.19
C GLU A 43 1.53 -9.29 0.78
N GLU A 44 1.88 -8.01 0.91
CA GLU A 44 2.93 -7.62 1.85
C GLU A 44 2.54 -7.97 3.29
N GLY A 45 1.26 -7.77 3.61
CA GLY A 45 0.78 -8.10 4.95
C GLY A 45 0.96 -9.58 5.24
N ASN A 46 0.62 -10.43 4.28
CA ASN A 46 0.77 -11.86 4.46
C ASN A 46 2.24 -12.23 4.69
N LYS A 47 3.14 -11.60 3.94
CA LYS A 47 4.57 -11.85 4.12
C LYS A 47 5.02 -11.47 5.54
N ALA A 48 4.58 -10.30 6.01
CA ALA A 48 4.95 -9.87 7.35
C ALA A 48 4.45 -10.86 8.39
N LEU A 49 3.22 -11.34 8.20
CA LEU A 49 2.68 -12.35 9.11
C LEU A 49 3.53 -13.61 9.06
N SER A 50 3.99 -13.99 7.87
CA SER A 50 4.78 -15.21 7.72
C SER A 50 6.06 -15.16 8.55
N VAL A 51 6.64 -13.97 8.67
CA VAL A 51 7.85 -13.80 9.48
C VAL A 51 7.55 -13.51 10.96
N GLY A 52 6.28 -13.47 11.36
CA GLY A 52 5.93 -13.15 12.75
C GLY A 52 5.79 -11.64 13.00
N ASN A 53 5.80 -10.83 11.94
CA ASN A 53 5.73 -9.38 12.08
C ASN A 53 4.29 -8.89 11.92
N ILE A 54 3.45 -9.24 12.89
CA ILE A 54 2.03 -8.91 12.81
C ILE A 54 1.83 -7.39 12.80
N ASP A 55 2.67 -6.65 13.54
CA ASP A 55 2.52 -5.21 13.61
C ASP A 55 2.66 -4.57 12.23
N ASP A 56 3.73 -4.95 11.51
CA ASP A 56 3.95 -4.40 10.18
C ASP A 56 2.83 -4.81 9.23
N ALA A 57 2.34 -6.05 9.37
CA ALA A 57 1.27 -6.53 8.50
C ALA A 57 0.03 -5.65 8.68
N LEU A 58 -0.31 -5.37 9.94
CA LEU A 58 -1.45 -4.48 10.21
C LEU A 58 -1.23 -3.10 9.60
N GLN A 59 0.02 -2.61 9.65
CA GLN A 59 0.30 -1.30 9.09
C GLN A 59 0.02 -1.25 7.60
N TYR A 60 0.45 -2.27 6.87
CA TYR A 60 0.15 -2.35 5.44
C TYR A 60 -1.36 -2.38 5.21
N TYR A 61 -2.09 -3.15 6.02
CA TYR A 61 -3.53 -3.23 5.86
C TYR A 61 -4.17 -1.87 6.10
N ALA A 62 -3.66 -1.11 7.06
CA ALA A 62 -4.20 0.21 7.35
C ALA A 62 -4.03 1.12 6.14
N ALA A 63 -2.84 1.08 5.54
CA ALA A 63 -2.58 1.88 4.35
C ALA A 63 -3.50 1.47 3.21
N ALA A 64 -3.76 0.17 3.08
CA ALA A 64 -4.65 -0.32 2.02
C ALA A 64 -6.04 0.26 2.16
N ILE A 65 -6.57 0.27 3.39
CA ILE A 65 -7.90 0.84 3.61
C ILE A 65 -7.91 2.31 3.23
N THR A 66 -6.85 3.04 3.62
CA THR A 66 -6.77 4.46 3.29
C THR A 66 -6.75 4.65 1.76
N LEU A 67 -5.99 3.83 1.06
CA LEU A 67 -5.91 3.93 -0.39
C LEU A 67 -7.28 3.71 -1.04
N ASP A 68 -8.07 2.81 -0.46
CA ASP A 68 -9.44 2.59 -0.93
C ASP A 68 -10.28 3.84 -0.71
N LYS A 69 -10.22 4.39 0.51
CA LYS A 69 -11.01 5.57 0.85
C LYS A 69 -10.66 6.75 -0.05
N TYR A 70 -9.42 6.83 -0.50
CA TYR A 70 -9.01 7.92 -1.38
C TYR A 70 -9.87 7.92 -2.66
N PRO A 71 -10.46 9.03 -3.05
CA PRO A 71 -11.41 9.04 -4.21
C PRO A 71 -10.74 9.18 -5.57
N HIS A 72 -9.42 9.01 -5.64
CA HIS A 72 -8.70 9.24 -6.89
C HIS A 72 -7.55 8.25 -7.08
N LYS A 73 -7.25 7.93 -8.34
CA LYS A 73 -6.05 7.16 -8.64
C LYS A 73 -4.82 7.97 -8.23
N ILE A 74 -3.89 7.33 -7.54
CA ILE A 74 -2.65 8.02 -7.17
C ILE A 74 -1.59 7.80 -8.25
N LYS A 75 -0.92 8.89 -8.63
CA LYS A 75 0.05 8.85 -9.72
C LYS A 75 1.43 8.39 -9.28
N SER A 76 1.73 8.47 -7.97
CA SER A 76 3.03 8.05 -7.47
C SER A 76 2.96 7.63 -6.01
N GLY A 77 3.88 6.78 -5.59
CA GLY A 77 3.95 6.34 -4.21
C GLY A 77 4.28 7.51 -3.27
N ALA A 78 5.10 8.44 -3.75
CA ALA A 78 5.50 9.57 -2.92
C ALA A 78 4.27 10.35 -2.47
N GLU A 79 3.32 10.54 -3.38
CA GLU A 79 2.03 11.11 -2.99
C GLU A 79 1.32 10.19 -2.00
N ALA A 80 1.46 8.87 -2.18
CA ALA A 80 0.78 7.93 -1.30
C ALA A 80 1.22 8.09 0.15
N LYS A 81 2.48 8.45 0.36
CA LYS A 81 3.00 8.65 1.71
C LYS A 81 2.20 9.70 2.48
N LYS A 82 1.60 10.66 1.77
CA LYS A 82 0.83 11.71 2.42
C LYS A 82 -0.36 11.15 3.22
N LEU A 83 -0.84 9.96 2.86
CA LEU A 83 -2.03 9.42 3.48
C LEU A 83 -1.69 8.70 4.80
N PRO A 84 -2.49 8.82 5.84
CA PRO A 84 -2.19 8.14 7.14
C PRO A 84 -2.04 6.63 6.97
N GLY A 85 -0.95 6.09 7.49
CA GLY A 85 -0.71 4.65 7.43
C GLY A 85 0.28 4.25 6.33
N VAL A 86 0.61 5.17 5.41
CA VAL A 86 1.57 4.85 4.36
C VAL A 86 3.00 5.13 4.83
N GLY A 87 3.90 4.19 4.57
CA GLY A 87 5.29 4.35 4.97
C GLY A 87 6.21 4.51 3.75
N THR A 88 7.46 4.84 4.00
CA THR A 88 8.41 5.05 2.90
C THR A 88 8.57 3.79 2.06
N LYS A 89 8.69 2.65 2.73
CA LYS A 89 8.86 1.39 2.01
C LYS A 89 7.67 1.11 1.11
N ILE A 90 6.47 1.39 1.62
CA ILE A 90 5.27 1.16 0.83
C ILE A 90 5.25 2.09 -0.38
N ALA A 91 5.63 3.35 -0.17
CA ALA A 91 5.67 4.31 -1.27
C ALA A 91 6.61 3.83 -2.36
N GLU A 92 7.78 3.30 -1.97
CA GLU A 92 8.75 2.82 -2.94
C GLU A 92 8.18 1.66 -3.75
N LYS A 93 7.46 0.75 -3.09
CA LYS A 93 6.84 -0.36 -3.80
C LYS A 93 5.83 0.16 -4.85
N ILE A 94 5.08 1.18 -4.47
CA ILE A 94 4.13 1.79 -5.41
C ILE A 94 4.88 2.35 -6.62
N ASP A 95 5.99 3.04 -6.37
CA ASP A 95 6.76 3.63 -7.47
C ASP A 95 7.23 2.54 -8.43
N GLU A 96 7.72 1.43 -7.90
CA GLU A 96 8.20 0.35 -8.75
C GLU A 96 7.06 -0.22 -9.59
N PHE A 97 5.91 -0.44 -8.97
CA PHE A 97 4.77 -1.00 -9.69
C PHE A 97 4.34 -0.11 -10.84
N LEU A 98 4.31 1.20 -10.61
CA LEU A 98 3.99 2.14 -11.69
C LEU A 98 5.06 2.12 -12.77
N ALA A 99 6.32 2.00 -12.37
CA ALA A 99 7.42 1.94 -13.34
C ALA A 99 7.30 0.72 -14.26
N THR A 100 6.78 -0.38 -13.73
CA THR A 100 6.55 -1.57 -14.55
C THR A 100 5.33 -1.43 -15.46
N GLY A 101 4.41 -0.53 -15.13
CA GLY A 101 3.22 -0.32 -15.94
C GLY A 101 2.43 -1.62 -16.09
N GLU A 31 -14.56 -0.97 -9.66
CA GLU A 31 -13.49 -1.17 -8.69
C GLU A 31 -12.79 0.14 -8.37
N THR A 32 -12.34 0.29 -7.12
CA THR A 32 -11.66 1.50 -6.70
C THR A 32 -10.41 1.71 -7.56
N LEU A 33 -10.12 2.98 -7.86
CA LEU A 33 -9.02 3.29 -8.78
C LEU A 33 -7.68 2.73 -8.29
N ASN A 34 -7.52 2.63 -6.97
CA ASN A 34 -6.28 2.08 -6.41
C ASN A 34 -6.39 0.60 -6.05
N GLY A 35 -7.50 -0.06 -6.40
CA GLY A 35 -7.76 -1.42 -5.92
C GLY A 35 -6.61 -2.37 -6.20
N ALA A 36 -5.99 -2.23 -7.37
CA ALA A 36 -4.88 -3.12 -7.73
C ALA A 36 -3.76 -3.00 -6.71
N LEU A 37 -3.38 -1.76 -6.40
CA LEU A 37 -2.35 -1.53 -5.39
C LEU A 37 -2.78 -2.07 -4.03
N VAL A 38 -4.07 -1.94 -3.71
CA VAL A 38 -4.57 -2.45 -2.45
C VAL A 38 -4.35 -3.96 -2.36
N ASN A 39 -4.61 -4.67 -3.45
CA ASN A 39 -4.41 -6.12 -3.46
C ASN A 39 -2.95 -6.46 -3.22
N MET A 40 -2.05 -5.72 -3.87
CA MET A 40 -0.62 -5.94 -3.66
C MET A 40 -0.24 -5.70 -2.20
N LEU A 41 -0.85 -4.70 -1.57
CA LEU A 41 -0.61 -4.43 -0.16
C LEU A 41 -1.02 -5.62 0.71
N LYS A 42 -2.17 -6.22 0.41
CA LYS A 42 -2.61 -7.39 1.16
C LYS A 42 -1.59 -8.52 1.06
N GLU A 43 -1.01 -8.69 -0.13
CA GLU A 43 0.02 -9.71 -0.32
C GLU A 43 1.23 -9.41 0.56
N GLU A 44 1.65 -8.14 0.60
CA GLU A 44 2.78 -7.76 1.43
C GLU A 44 2.47 -7.99 2.90
N GLY A 45 1.23 -7.71 3.31
CA GLY A 45 0.84 -7.93 4.69
C GLY A 45 0.97 -9.41 5.07
N ASN A 46 0.50 -10.29 4.18
CA ASN A 46 0.60 -11.72 4.45
C ASN A 46 2.05 -12.15 4.59
N LYS A 47 2.93 -11.61 3.75
CA LYS A 47 4.34 -11.92 3.85
C LYS A 47 4.91 -11.49 5.20
N ALA A 48 4.56 -10.29 5.65
CA ALA A 48 5.04 -9.80 6.93
C ALA A 48 4.59 -10.73 8.05
N LEU A 49 3.33 -11.16 7.99
CA LEU A 49 2.83 -12.12 8.97
C LEU A 49 3.62 -13.43 8.91
N SER A 50 3.95 -13.86 7.69
CA SER A 50 4.69 -15.12 7.52
C SER A 50 6.04 -15.09 8.23
N VAL A 51 6.68 -13.93 8.26
CA VAL A 51 7.96 -13.80 8.95
C VAL A 51 7.82 -13.46 10.44
N GLY A 52 6.60 -13.35 10.96
CA GLY A 52 6.40 -12.98 12.36
C GLY A 52 6.35 -11.46 12.58
N ASN A 53 6.26 -10.68 11.51
CA ASN A 53 6.25 -9.22 11.62
C ASN A 53 4.81 -8.71 11.61
N ILE A 54 4.09 -8.98 12.68
CA ILE A 54 2.67 -8.62 12.74
C ILE A 54 2.49 -7.11 12.66
N ASP A 55 3.41 -6.35 13.26
CA ASP A 55 3.29 -4.89 13.25
C ASP A 55 3.31 -4.36 11.83
N ASP A 56 4.26 -4.82 11.03
CA ASP A 56 4.36 -4.37 9.65
C ASP A 56 3.12 -4.79 8.85
N ALA A 57 2.63 -6.00 9.09
CA ALA A 57 1.47 -6.49 8.37
C ALA A 57 0.27 -5.58 8.63
N LEU A 58 0.03 -5.26 9.90
CA LEU A 58 -1.07 -4.37 10.25
C LEU A 58 -0.91 -3.01 9.59
N GLN A 59 0.34 -2.51 9.54
CA GLN A 59 0.59 -1.22 8.92
C GLN A 59 0.20 -1.23 7.45
N TYR A 60 0.58 -2.28 6.74
CA TYR A 60 0.21 -2.39 5.33
C TYR A 60 -1.30 -2.41 5.15
N TYR A 61 -2.00 -3.14 6.03
CA TYR A 61 -3.45 -3.20 5.94
C TYR A 61 -4.08 -1.82 6.14
N ALA A 62 -3.52 -1.05 7.08
CA ALA A 62 -4.04 0.29 7.33
C ALA A 62 -3.87 1.17 6.10
N ALA A 63 -2.70 1.09 5.48
CA ALA A 63 -2.44 1.86 4.27
C ALA A 63 -3.39 1.45 3.15
N ALA A 64 -3.66 0.15 3.04
CA ALA A 64 -4.55 -0.35 2.00
C ALA A 64 -5.95 0.25 2.14
N ILE A 65 -6.47 0.27 3.37
CA ILE A 65 -7.80 0.83 3.60
C ILE A 65 -7.84 2.30 3.21
N THR A 66 -6.83 3.07 3.62
CA THR A 66 -6.80 4.48 3.30
C THR A 66 -6.75 4.70 1.79
N LEU A 67 -5.93 3.90 1.11
CA LEU A 67 -5.80 4.02 -0.35
C LEU A 67 -7.14 3.74 -1.05
N ASP A 68 -7.91 2.81 -0.50
CA ASP A 68 -9.25 2.56 -1.03
C ASP A 68 -10.14 3.77 -0.83
N LYS A 69 -10.13 4.33 0.37
CA LYS A 69 -10.94 5.50 0.68
C LYS A 69 -10.60 6.69 -0.21
N TYR A 70 -9.34 6.78 -0.64
CA TYR A 70 -8.92 7.89 -1.49
C TYR A 70 -9.78 7.91 -2.78
N PRO A 71 -10.34 9.04 -3.17
CA PRO A 71 -11.26 9.08 -4.36
C PRO A 71 -10.54 9.23 -5.70
N HIS A 72 -9.22 9.02 -5.73
CA HIS A 72 -8.47 9.21 -6.97
C HIS A 72 -7.33 8.20 -7.11
N LYS A 73 -7.01 7.85 -8.35
CA LYS A 73 -5.81 7.06 -8.60
C LYS A 73 -4.59 7.88 -8.20
N ILE A 74 -3.68 7.27 -7.45
CA ILE A 74 -2.43 7.94 -7.09
C ILE A 74 -1.34 7.66 -8.12
N LYS A 75 -0.68 8.72 -8.56
CA LYS A 75 0.33 8.60 -9.63
C LYS A 75 1.70 8.16 -9.11
N SER A 76 1.96 8.34 -7.82
CA SER A 76 3.25 7.95 -7.25
C SER A 76 3.14 7.66 -5.76
N GLY A 77 4.07 6.86 -5.26
CA GLY A 77 4.12 6.54 -3.83
C GLY A 77 4.37 7.78 -2.99
N ALA A 78 5.14 8.73 -3.52
CA ALA A 78 5.47 9.93 -2.76
C ALA A 78 4.20 10.66 -2.37
N GLU A 79 3.25 10.76 -3.30
CA GLU A 79 1.93 11.27 -2.97
C GLU A 79 1.24 10.37 -1.94
N ALA A 80 1.47 9.06 -2.04
CA ALA A 80 0.82 8.10 -1.14
C ALA A 80 1.20 8.36 0.31
N LYS A 81 2.42 8.82 0.54
CA LYS A 81 2.90 9.09 1.90
C LYS A 81 2.00 10.08 2.63
N LYS A 82 1.36 10.99 1.88
CA LYS A 82 0.49 12.00 2.49
C LYS A 82 -0.67 11.38 3.27
N LEU A 83 -1.06 10.15 2.92
CA LEU A 83 -2.26 9.55 3.50
C LEU A 83 -1.94 8.88 4.84
N PRO A 84 -2.78 8.99 5.85
CA PRO A 84 -2.49 8.38 7.18
C PRO A 84 -2.26 6.87 7.08
N GLY A 85 -1.16 6.41 7.64
CA GLY A 85 -0.84 4.99 7.64
C GLY A 85 0.17 4.59 6.55
N VAL A 86 0.45 5.48 5.61
CA VAL A 86 1.43 5.18 4.56
C VAL A 86 2.85 5.41 5.09
N GLY A 87 3.73 4.45 4.81
CA GLY A 87 5.12 4.56 5.26
C GLY A 87 6.08 4.63 4.07
N THR A 88 7.35 4.91 4.34
CA THR A 88 8.33 5.04 3.27
C THR A 88 8.41 3.74 2.47
N LYS A 89 8.44 2.61 3.16
CA LYS A 89 8.54 1.32 2.47
C LYS A 89 7.35 1.11 1.55
N ILE A 90 6.16 1.48 2.03
CA ILE A 90 4.95 1.30 1.23
C ILE A 90 5.01 2.18 -0.02
N ALA A 91 5.47 3.41 0.15
CA ALA A 91 5.58 4.33 -0.98
C ALA A 91 6.52 3.74 -2.03
N GLU A 92 7.63 3.15 -1.59
CA GLU A 92 8.59 2.56 -2.51
C GLU A 92 7.94 1.42 -3.29
N LYS A 93 7.13 0.60 -2.61
CA LYS A 93 6.43 -0.48 -3.29
C LYS A 93 5.49 0.07 -4.37
N ILE A 94 4.82 1.18 -4.06
CA ILE A 94 3.95 1.81 -5.05
C ILE A 94 4.76 2.25 -6.27
N ASP A 95 5.92 2.85 -6.02
CA ASP A 95 6.78 3.31 -7.11
C ASP A 95 7.19 2.13 -7.99
N GLU A 96 7.55 1.02 -7.37
CA GLU A 96 7.95 -0.16 -8.12
C GLU A 96 6.81 -0.68 -8.98
N PHE A 97 5.60 -0.75 -8.40
CA PHE A 97 4.45 -1.25 -9.15
C PHE A 97 4.19 -0.38 -10.38
N LEU A 98 4.30 0.94 -10.22
CA LEU A 98 4.15 1.84 -11.35
C LEU A 98 5.25 1.61 -12.39
N ALA A 99 6.47 1.35 -11.92
CA ALA A 99 7.58 1.07 -12.82
C ALA A 99 7.32 -0.18 -13.66
N THR A 100 6.64 -1.16 -13.08
CA THR A 100 6.26 -2.36 -13.83
C THR A 100 5.11 -2.10 -14.81
N GLY A 101 4.30 -1.08 -14.54
CA GLY A 101 3.17 -0.77 -15.42
C GLY A 101 3.67 -0.31 -16.79
N GLU A 31 -14.67 -0.54 -9.57
CA GLU A 31 -13.72 -0.73 -8.49
C GLU A 31 -12.89 0.53 -8.27
N THR A 32 -12.46 0.72 -7.03
CA THR A 32 -11.65 1.90 -6.70
C THR A 32 -10.39 1.93 -7.55
N LEU A 33 -9.98 3.12 -7.94
CA LEU A 33 -8.83 3.27 -8.84
C LEU A 33 -7.57 2.64 -8.28
N ASN A 34 -7.44 2.63 -6.95
CA ASN A 34 -6.24 2.08 -6.31
C ASN A 34 -6.41 0.61 -5.88
N GLY A 35 -7.52 -0.03 -6.22
CA GLY A 35 -7.82 -1.36 -5.72
C GLY A 35 -6.67 -2.34 -5.99
N ALA A 36 -6.06 -2.22 -7.16
CA ALA A 36 -4.98 -3.14 -7.53
C ALA A 36 -3.83 -3.02 -6.52
N LEU A 37 -3.44 -1.78 -6.23
CA LEU A 37 -2.38 -1.56 -5.25
C LEU A 37 -2.80 -2.06 -3.87
N VAL A 38 -4.09 -1.92 -3.54
CA VAL A 38 -4.59 -2.39 -2.25
C VAL A 38 -4.37 -3.91 -2.14
N ASN A 39 -4.66 -4.62 -3.23
CA ASN A 39 -4.47 -6.07 -3.23
C ASN A 39 -3.00 -6.42 -3.02
N MET A 40 -2.11 -5.70 -3.70
CA MET A 40 -0.68 -5.95 -3.55
C MET A 40 -0.25 -5.71 -2.10
N LEU A 41 -0.80 -4.68 -1.47
CA LEU A 41 -0.52 -4.42 -0.06
C LEU A 41 -0.96 -5.60 0.80
N LYS A 42 -2.13 -6.16 0.49
CA LYS A 42 -2.62 -7.30 1.25
C LYS A 42 -1.63 -8.46 1.18
N GLU A 43 -1.06 -8.68 0.00
CA GLU A 43 -0.04 -9.72 -0.16
C GLU A 43 1.18 -9.43 0.71
N GLU A 44 1.60 -8.16 0.72
CA GLU A 44 2.74 -7.77 1.53
C GLU A 44 2.46 -7.98 3.01
N GLY A 45 1.22 -7.69 3.43
CA GLY A 45 0.84 -7.90 4.82
C GLY A 45 0.98 -9.37 5.20
N ASN A 46 0.51 -10.26 4.33
CA ASN A 46 0.64 -11.70 4.58
C ASN A 46 2.10 -12.10 4.67
N LYS A 47 2.95 -11.49 3.84
CA LYS A 47 4.38 -11.78 3.89
C LYS A 47 4.95 -11.39 5.25
N ALA A 48 4.58 -10.21 5.75
CA ALA A 48 5.04 -9.78 7.06
C ALA A 48 4.59 -10.76 8.13
N LEU A 49 3.36 -11.25 8.01
CA LEU A 49 2.86 -12.25 8.94
C LEU A 49 3.70 -13.53 8.89
N SER A 50 4.08 -13.94 7.68
CA SER A 50 4.86 -15.17 7.52
C SER A 50 6.20 -15.10 8.26
N VAL A 51 6.79 -13.91 8.30
CA VAL A 51 8.04 -13.72 9.04
C VAL A 51 7.84 -13.40 10.52
N GLY A 52 6.59 -13.35 11.00
CA GLY A 52 6.33 -13.02 12.40
C GLY A 52 6.22 -11.51 12.66
N ASN A 53 6.15 -10.70 11.60
CA ASN A 53 6.08 -9.26 11.75
C ASN A 53 4.63 -8.78 11.67
N ILE A 54 3.85 -9.14 12.69
CA ILE A 54 2.42 -8.81 12.69
C ILE A 54 2.21 -7.29 12.69
N ASP A 55 3.08 -6.55 13.37
CA ASP A 55 2.94 -5.10 13.45
C ASP A 55 3.02 -4.49 12.06
N ASP A 56 4.03 -4.88 11.29
CA ASP A 56 4.18 -4.37 9.93
C ASP A 56 2.99 -4.77 9.07
N ALA A 57 2.50 -6.00 9.25
CA ALA A 57 1.37 -6.47 8.44
C ALA A 57 0.16 -5.58 8.67
N LEU A 58 -0.12 -5.27 9.93
CA LEU A 58 -1.24 -4.38 10.26
C LEU A 58 -1.03 -3.01 9.63
N GLN A 59 0.20 -2.52 9.63
CA GLN A 59 0.48 -1.21 9.04
C GLN A 59 0.14 -1.21 7.54
N TYR A 60 0.56 -2.25 6.83
CA TYR A 60 0.22 -2.35 5.41
C TYR A 60 -1.28 -2.38 5.20
N TYR A 61 -2.00 -3.12 6.04
CA TYR A 61 -3.45 -3.22 5.89
C TYR A 61 -4.10 -1.86 6.07
N ALA A 62 -3.61 -1.08 7.03
CA ALA A 62 -4.18 0.24 7.29
C ALA A 62 -3.97 1.16 6.08
N ALA A 63 -2.76 1.12 5.51
CA ALA A 63 -2.48 1.94 4.34
C ALA A 63 -3.35 1.54 3.17
N ALA A 64 -3.57 0.23 3.00
CA ALA A 64 -4.38 -0.25 1.88
C ALA A 64 -5.81 0.26 1.98
N ILE A 65 -6.39 0.20 3.17
CA ILE A 65 -7.76 0.69 3.36
C ILE A 65 -7.83 2.19 3.04
N THR A 66 -6.85 2.96 3.52
CA THR A 66 -6.84 4.39 3.26
C THR A 66 -6.76 4.66 1.76
N LEU A 67 -5.91 3.90 1.06
CA LEU A 67 -5.76 4.07 -0.38
C LEU A 67 -7.08 3.80 -1.10
N ASP A 68 -7.86 2.84 -0.60
CA ASP A 68 -9.18 2.59 -1.16
C ASP A 68 -10.10 3.79 -0.96
N LYS A 69 -10.15 4.29 0.27
CA LYS A 69 -11.01 5.43 0.57
C LYS A 69 -10.65 6.67 -0.25
N TYR A 70 -9.37 6.81 -0.60
CA TYR A 70 -8.93 7.96 -1.38
C TYR A 70 -9.70 8.02 -2.71
N PRO A 71 -10.24 9.16 -3.09
CA PRO A 71 -11.16 9.23 -4.28
C PRO A 71 -10.48 9.36 -5.64
N HIS A 72 -9.17 9.13 -5.71
CA HIS A 72 -8.45 9.33 -6.96
C HIS A 72 -7.34 8.30 -7.17
N LYS A 73 -7.05 7.98 -8.43
CA LYS A 73 -5.89 7.18 -8.74
C LYS A 73 -4.62 7.92 -8.32
N ILE A 74 -3.72 7.24 -7.62
CA ILE A 74 -2.47 7.88 -7.22
C ILE A 74 -1.40 7.64 -8.28
N LYS A 75 -0.71 8.71 -8.66
CA LYS A 75 0.31 8.63 -9.71
C LYS A 75 1.67 8.17 -9.18
N SER A 76 1.91 8.30 -7.87
CA SER A 76 3.18 7.88 -7.29
C SER A 76 3.02 7.53 -5.81
N GLY A 77 3.90 6.66 -5.34
CA GLY A 77 3.88 6.27 -3.92
C GLY A 77 4.15 7.46 -3.01
N ALA A 78 4.95 8.41 -3.48
CA ALA A 78 5.30 9.57 -2.65
C ALA A 78 4.03 10.31 -2.25
N GLU A 79 3.09 10.46 -3.18
CA GLU A 79 1.77 10.98 -2.83
C GLU A 79 1.08 10.07 -1.83
N ALA A 80 1.26 8.76 -1.97
CA ALA A 80 0.60 7.80 -1.07
C ALA A 80 1.03 8.02 0.39
N LYS A 81 2.28 8.41 0.59
CA LYS A 81 2.79 8.66 1.93
C LYS A 81 1.96 9.70 2.67
N LYS A 82 1.34 10.64 1.94
CA LYS A 82 0.55 11.69 2.57
C LYS A 82 -0.63 11.12 3.38
N LEU A 83 -1.07 9.91 3.04
CA LEU A 83 -2.27 9.35 3.66
C LEU A 83 -1.92 8.64 4.97
N PRO A 84 -2.76 8.72 5.99
CA PRO A 84 -2.46 8.05 7.30
C PRO A 84 -2.26 6.55 7.13
N GLY A 85 -1.15 6.05 7.65
CA GLY A 85 -0.85 4.62 7.57
C GLY A 85 0.16 4.27 6.48
N VAL A 86 0.47 5.20 5.57
CA VAL A 86 1.43 4.93 4.51
C VAL A 86 2.83 5.37 4.94
N GLY A 87 3.82 4.51 4.69
CA GLY A 87 5.19 4.80 5.07
C GLY A 87 6.09 4.90 3.84
N THR A 88 7.33 5.34 4.05
CA THR A 88 8.26 5.51 2.94
C THR A 88 8.46 4.19 2.20
N LYS A 89 8.59 3.10 2.94
CA LYS A 89 8.84 1.80 2.32
C LYS A 89 7.68 1.43 1.39
N ILE A 90 6.46 1.67 1.85
CA ILE A 90 5.29 1.37 1.05
C ILE A 90 5.27 2.24 -0.21
N ALA A 91 5.61 3.52 -0.05
CA ALA A 91 5.64 4.43 -1.17
C ALA A 91 6.60 3.95 -2.26
N GLU A 92 7.80 3.52 -1.85
CA GLU A 92 8.79 3.04 -2.81
C GLU A 92 8.27 1.83 -3.57
N LYS A 93 7.63 0.90 -2.86
CA LYS A 93 7.05 -0.27 -3.52
C LYS A 93 5.97 0.14 -4.53
N ILE A 94 5.18 1.15 -4.18
CA ILE A 94 4.18 1.68 -5.11
C ILE A 94 4.89 2.22 -6.37
N ASP A 95 6.01 2.90 -6.18
CA ASP A 95 6.77 3.43 -7.32
C ASP A 95 7.21 2.28 -8.22
N GLU A 96 7.68 1.20 -7.61
CA GLU A 96 8.12 0.04 -8.40
C GLU A 96 6.96 -0.54 -9.18
N PHE A 97 5.79 -0.65 -8.56
CA PHE A 97 4.62 -1.20 -9.23
C PHE A 97 4.27 -0.37 -10.46
N LEU A 98 4.35 0.95 -10.34
CA LEU A 98 4.15 1.83 -11.48
C LEU A 98 5.23 1.61 -12.54
N ALA A 99 6.46 1.38 -12.10
CA ALA A 99 7.57 1.14 -13.02
C ALA A 99 7.35 -0.12 -13.85
N THR A 100 6.70 -1.12 -13.27
CA THR A 100 6.36 -2.33 -14.02
C THR A 100 5.19 -2.12 -14.98
N GLY A 101 4.37 -1.09 -14.74
CA GLY A 101 3.23 -0.82 -15.61
C GLY A 101 2.67 0.57 -15.34
N GLU A 31 -14.02 -1.09 -9.72
CA GLU A 31 -13.49 -1.00 -8.35
C GLU A 31 -12.72 0.30 -8.16
N THR A 32 -12.27 0.55 -6.93
CA THR A 32 -11.53 1.75 -6.62
C THR A 32 -10.27 1.83 -7.49
N LEU A 33 -9.90 3.05 -7.89
CA LEU A 33 -8.77 3.24 -8.79
C LEU A 33 -7.47 2.65 -8.23
N ASN A 34 -7.36 2.62 -6.90
CA ASN A 34 -6.14 2.10 -6.26
C ASN A 34 -6.26 0.63 -5.84
N GLY A 35 -7.33 -0.06 -6.26
CA GLY A 35 -7.59 -1.42 -5.79
C GLY A 35 -6.38 -2.33 -6.00
N ALA A 36 -5.71 -2.16 -7.14
CA ALA A 36 -4.56 -3.03 -7.44
C ALA A 36 -3.48 -2.87 -6.37
N LEU A 37 -3.16 -1.62 -6.04
CA LEU A 37 -2.17 -1.37 -4.99
C LEU A 37 -2.65 -1.91 -3.64
N VAL A 38 -3.96 -1.83 -3.40
CA VAL A 38 -4.52 -2.38 -2.17
C VAL A 38 -4.26 -3.88 -2.11
N ASN A 39 -4.42 -4.57 -3.25
CA ASN A 39 -4.11 -5.99 -3.32
C ASN A 39 -2.64 -6.24 -3.02
N MET A 40 -1.77 -5.36 -3.51
CA MET A 40 -0.35 -5.50 -3.25
C MET A 40 -0.07 -5.44 -1.75
N LEU A 41 -0.74 -4.51 -1.07
CA LEU A 41 -0.56 -4.38 0.36
C LEU A 41 -1.05 -5.62 1.10
N LYS A 42 -2.17 -6.19 0.66
CA LYS A 42 -2.68 -7.40 1.30
C LYS A 42 -1.65 -8.53 1.19
N GLU A 43 -1.01 -8.64 0.04
CA GLU A 43 0.01 -9.67 -0.14
C GLU A 43 1.19 -9.43 0.81
N GLU A 44 1.61 -8.18 0.92
CA GLU A 44 2.70 -7.84 1.82
C GLU A 44 2.32 -8.14 3.27
N GLY A 45 1.07 -7.87 3.63
CA GLY A 45 0.59 -8.13 4.98
C GLY A 45 0.70 -9.61 5.31
N ASN A 46 0.25 -10.47 4.40
CA ASN A 46 0.29 -11.90 4.64
C ASN A 46 1.74 -12.38 4.83
N LYS A 47 2.65 -11.86 4.00
CA LYS A 47 4.05 -12.24 4.14
C LYS A 47 4.62 -11.79 5.50
N ALA A 48 4.30 -10.56 5.90
CA ALA A 48 4.79 -10.06 7.17
C ALA A 48 4.30 -10.92 8.32
N LEU A 49 3.02 -11.30 8.27
CA LEU A 49 2.46 -12.17 9.30
C LEU A 49 3.18 -13.52 9.32
N SER A 50 3.46 -14.07 8.15
CA SER A 50 4.11 -15.38 8.07
C SER A 50 5.48 -15.37 8.73
N VAL A 51 6.18 -14.25 8.65
CA VAL A 51 7.50 -14.14 9.29
C VAL A 51 7.44 -13.69 10.76
N GLY A 52 6.24 -13.49 11.31
CA GLY A 52 6.11 -13.02 12.69
C GLY A 52 6.16 -11.50 12.83
N ASN A 53 6.08 -10.77 11.72
CA ASN A 53 6.15 -9.32 11.75
C ASN A 53 4.74 -8.73 11.74
N ILE A 54 4.01 -8.93 12.83
CA ILE A 54 2.62 -8.53 12.90
C ILE A 54 2.49 -7.00 12.78
N ASP A 55 3.45 -6.27 13.33
CA ASP A 55 3.37 -4.81 13.30
C ASP A 55 3.37 -4.29 11.86
N ASP A 56 4.32 -4.77 11.06
CA ASP A 56 4.40 -4.33 9.68
C ASP A 56 3.17 -4.76 8.90
N ALA A 57 2.68 -5.97 9.17
CA ALA A 57 1.50 -6.47 8.47
C ALA A 57 0.31 -5.57 8.71
N LEU A 58 0.07 -5.22 9.97
CA LEU A 58 -1.04 -4.33 10.31
C LEU A 58 -0.88 -2.97 9.62
N GLN A 59 0.35 -2.48 9.56
CA GLN A 59 0.60 -1.19 8.93
C GLN A 59 0.22 -1.21 7.46
N TYR A 60 0.60 -2.28 6.75
CA TYR A 60 0.23 -2.40 5.35
C TYR A 60 -1.29 -2.45 5.18
N TYR A 61 -1.96 -3.20 6.05
CA TYR A 61 -3.41 -3.30 5.97
C TYR A 61 -4.07 -1.94 6.17
N ALA A 62 -3.55 -1.14 7.09
CA ALA A 62 -4.11 0.18 7.35
C ALA A 62 -3.95 1.06 6.12
N ALA A 63 -2.76 1.01 5.51
CA ALA A 63 -2.51 1.80 4.31
C ALA A 63 -3.44 1.37 3.18
N ALA A 64 -3.68 0.06 3.06
CA ALA A 64 -4.53 -0.45 2.00
C ALA A 64 -5.96 0.10 2.12
N ILE A 65 -6.49 0.09 3.34
CA ILE A 65 -7.84 0.63 3.55
C ILE A 65 -7.89 2.10 3.18
N THR A 66 -6.88 2.86 3.60
CA THR A 66 -6.84 4.28 3.29
C THR A 66 -6.79 4.52 1.77
N LEU A 67 -5.96 3.75 1.07
CA LEU A 67 -5.85 3.90 -0.38
C LEU A 67 -7.18 3.63 -1.07
N ASP A 68 -7.95 2.67 -0.54
CA ASP A 68 -9.27 2.39 -1.09
C ASP A 68 -10.20 3.59 -0.87
N LYS A 69 -10.25 4.08 0.37
CA LYS A 69 -11.12 5.21 0.70
C LYS A 69 -10.78 6.46 -0.12
N TYR A 70 -9.51 6.61 -0.48
CA TYR A 70 -9.09 7.77 -1.25
C TYR A 70 -9.86 7.81 -2.58
N PRO A 71 -10.45 8.94 -2.96
CA PRO A 71 -11.35 8.97 -4.15
C PRO A 71 -10.67 9.16 -5.51
N HIS A 72 -9.35 8.98 -5.57
CA HIS A 72 -8.62 9.24 -6.81
C HIS A 72 -7.47 8.27 -7.03
N LYS A 73 -7.17 7.99 -8.30
CA LYS A 73 -5.98 7.22 -8.63
C LYS A 73 -4.75 7.99 -8.19
N ILE A 74 -3.81 7.32 -7.52
CA ILE A 74 -2.56 7.95 -7.13
C ILE A 74 -1.51 7.76 -8.22
N LYS A 75 -0.86 8.86 -8.59
CA LYS A 75 0.13 8.83 -9.67
C LYS A 75 1.52 8.40 -9.19
N SER A 76 1.79 8.49 -7.90
CA SER A 76 3.09 8.10 -7.37
C SER A 76 2.98 7.67 -5.91
N GLY A 77 3.91 6.81 -5.48
CA GLY A 77 3.96 6.38 -4.10
C GLY A 77 4.25 7.55 -3.16
N ALA A 78 5.07 8.50 -3.61
CA ALA A 78 5.41 9.65 -2.78
C ALA A 78 4.15 10.40 -2.38
N GLU A 79 3.23 10.55 -3.32
CA GLU A 79 1.91 11.10 -3.00
C GLU A 79 1.19 10.18 -2.01
N ALA A 80 1.38 8.86 -2.16
CA ALA A 80 0.69 7.91 -1.29
C ALA A 80 1.09 8.11 0.17
N LYS A 81 2.34 8.52 0.40
CA LYS A 81 2.83 8.75 1.76
C LYS A 81 1.96 9.79 2.50
N LYS A 82 1.34 10.71 1.76
CA LYS A 82 0.52 11.74 2.39
C LYS A 82 -0.65 11.15 3.17
N LEU A 83 -1.08 9.93 2.83
CA LEU A 83 -2.26 9.35 3.45
C LEU A 83 -1.91 8.62 4.75
N PRO A 84 -2.75 8.67 5.77
CA PRO A 84 -2.41 8.05 7.08
C PRO A 84 -2.20 6.55 6.95
N GLY A 85 -1.08 6.06 7.47
CA GLY A 85 -0.77 4.64 7.44
C GLY A 85 0.23 4.26 6.33
N VAL A 86 0.51 5.17 5.41
CA VAL A 86 1.48 4.88 4.35
C VAL A 86 2.90 5.18 4.84
N GLY A 87 3.82 4.26 4.57
CA GLY A 87 5.21 4.44 4.99
C GLY A 87 6.13 4.61 3.78
N THR A 88 7.38 4.95 4.05
CA THR A 88 8.34 5.18 2.96
C THR A 88 8.52 3.93 2.12
N LYS A 89 8.67 2.79 2.77
CA LYS A 89 8.87 1.53 2.05
C LYS A 89 7.67 1.24 1.13
N ILE A 90 6.47 1.50 1.64
CA ILE A 90 5.27 1.26 0.85
C ILE A 90 5.26 2.18 -0.37
N ALA A 91 5.61 3.45 -0.15
CA ALA A 91 5.65 4.41 -1.25
C ALA A 91 6.62 3.94 -2.34
N GLU A 92 7.78 3.46 -1.94
CA GLU A 92 8.77 3.00 -2.91
C GLU A 92 8.23 1.82 -3.72
N LYS A 93 7.54 0.90 -3.05
CA LYS A 93 6.94 -0.24 -3.76
C LYS A 93 5.92 0.25 -4.80
N ILE A 94 5.14 1.25 -4.44
CA ILE A 94 4.18 1.83 -5.38
C ILE A 94 4.93 2.41 -6.59
N ASP A 95 6.04 3.08 -6.34
CA ASP A 95 6.82 3.67 -7.43
C ASP A 95 7.31 2.58 -8.38
N GLU A 96 7.78 1.47 -7.82
CA GLU A 96 8.25 0.36 -8.65
C GLU A 96 7.11 -0.20 -9.49
N PHE A 97 5.95 -0.40 -8.88
CA PHE A 97 4.81 -0.93 -9.61
C PHE A 97 4.42 -0.04 -10.78
N LEU A 98 4.44 1.27 -10.57
CA LEU A 98 4.19 2.20 -11.67
C LEU A 98 5.26 2.09 -12.75
N ALA A 99 6.51 1.92 -12.33
CA ALA A 99 7.61 1.76 -13.28
C ALA A 99 7.44 0.52 -14.16
N THR A 100 6.85 -0.53 -13.58
CA THR A 100 6.57 -1.75 -14.35
C THR A 100 5.36 -1.56 -15.28
N GLY A 101 4.47 -0.63 -14.96
CA GLY A 101 3.29 -0.39 -15.80
C GLY A 101 3.54 0.76 -16.77
N GLU A 31 -15.02 -0.96 -8.35
CA GLU A 31 -13.57 -1.18 -8.41
C GLU A 31 -12.83 0.12 -8.16
N THR A 32 -12.36 0.31 -6.93
CA THR A 32 -11.62 1.51 -6.57
C THR A 32 -10.38 1.65 -7.46
N LEU A 33 -10.06 2.89 -7.83
CA LEU A 33 -8.96 3.13 -8.76
C LEU A 33 -7.63 2.56 -8.24
N ASN A 34 -7.48 2.53 -6.93
CA ASN A 34 -6.24 2.00 -6.33
C ASN A 34 -6.36 0.53 -5.89
N GLY A 35 -7.47 -0.14 -6.26
CA GLY A 35 -7.73 -1.49 -5.77
C GLY A 35 -6.56 -2.43 -6.03
N ALA A 36 -5.93 -2.28 -7.20
CA ALA A 36 -4.82 -3.17 -7.55
C ALA A 36 -3.70 -3.03 -6.53
N LEU A 37 -3.35 -1.78 -6.20
CA LEU A 37 -2.33 -1.54 -5.18
C LEU A 37 -2.77 -2.09 -3.83
N VAL A 38 -4.06 -1.99 -3.53
CA VAL A 38 -4.57 -2.49 -2.26
C VAL A 38 -4.31 -4.00 -2.15
N ASN A 39 -4.55 -4.72 -3.24
CA ASN A 39 -4.30 -6.16 -3.24
C ASN A 39 -2.82 -6.44 -3.01
N MET A 40 -1.95 -5.66 -3.66
CA MET A 40 -0.52 -5.85 -3.49
C MET A 40 -0.11 -5.64 -2.04
N LEU A 41 -0.72 -4.66 -1.37
CA LEU A 41 -0.45 -4.44 0.04
C LEU A 41 -0.87 -5.65 0.88
N LYS A 42 -2.02 -6.24 0.54
CA LYS A 42 -2.47 -7.43 1.26
C LYS A 42 -1.44 -8.55 1.14
N GLU A 43 -0.84 -8.70 -0.04
CA GLU A 43 0.17 -9.73 -0.23
C GLU A 43 1.38 -9.48 0.67
N GLU A 44 1.81 -8.22 0.74
CA GLU A 44 2.91 -7.86 1.63
C GLU A 44 2.55 -8.12 3.09
N GLY A 45 1.30 -7.83 3.45
CA GLY A 45 0.84 -8.08 4.81
C GLY A 45 0.98 -9.54 5.18
N ASN A 46 0.55 -10.43 4.28
CA ASN A 46 0.66 -11.85 4.53
C ASN A 46 2.13 -12.26 4.69
N LYS A 47 3.01 -11.67 3.89
CA LYS A 47 4.43 -11.96 4.00
C LYS A 47 4.96 -11.58 5.38
N ALA A 48 4.57 -10.39 5.85
CA ALA A 48 5.02 -9.94 7.17
C ALA A 48 4.52 -10.91 8.24
N LEU A 49 3.27 -11.37 8.11
CA LEU A 49 2.74 -12.35 9.05
C LEU A 49 3.55 -13.63 9.03
N SER A 50 3.95 -14.07 7.83
CA SER A 50 4.69 -15.32 7.71
C SER A 50 6.01 -15.27 8.47
N VAL A 51 6.63 -14.10 8.52
CA VAL A 51 7.89 -13.93 9.26
C VAL A 51 7.67 -13.58 10.74
N GLY A 52 6.42 -13.50 11.20
CA GLY A 52 6.14 -13.14 12.59
C GLY A 52 6.06 -11.62 12.82
N ASN A 53 6.02 -10.83 11.75
CA ASN A 53 5.99 -9.38 11.87
C ASN A 53 4.54 -8.87 11.79
N ILE A 54 3.77 -9.16 12.82
CA ILE A 54 2.36 -8.81 12.82
C ILE A 54 2.18 -7.29 12.74
N ASP A 55 3.05 -6.53 13.39
CA ASP A 55 2.93 -5.08 13.40
C ASP A 55 3.01 -4.52 11.98
N ASP A 56 4.00 -4.98 11.21
CA ASP A 56 4.14 -4.53 9.84
C ASP A 56 2.95 -4.93 8.99
N ALA A 57 2.45 -6.14 9.21
CA ALA A 57 1.30 -6.62 8.44
C ALA A 57 0.09 -5.70 8.65
N LEU A 58 -0.19 -5.37 9.92
CA LEU A 58 -1.29 -4.47 10.22
C LEU A 58 -1.08 -3.11 9.57
N GLN A 59 0.16 -2.63 9.56
CA GLN A 59 0.45 -1.34 8.96
C GLN A 59 0.11 -1.33 7.47
N TYR A 60 0.52 -2.39 6.76
CA TYR A 60 0.21 -2.49 5.34
C TYR A 60 -1.30 -2.50 5.11
N TYR A 61 -2.03 -3.25 5.95
CA TYR A 61 -3.48 -3.31 5.80
C TYR A 61 -4.12 -1.94 5.99
N ALA A 62 -3.61 -1.17 6.95
CA ALA A 62 -4.15 0.15 7.20
C ALA A 62 -3.94 1.06 5.99
N ALA A 63 -2.73 0.99 5.42
CA ALA A 63 -2.43 1.81 4.24
C ALA A 63 -3.33 1.41 3.08
N ALA A 64 -3.57 0.12 2.91
CA ALA A 64 -4.41 -0.35 1.81
C ALA A 64 -5.83 0.22 1.91
N ILE A 65 -6.40 0.18 3.12
CA ILE A 65 -7.74 0.73 3.31
C ILE A 65 -7.76 2.22 2.98
N THR A 66 -6.73 2.94 3.41
CA THR A 66 -6.66 4.37 3.12
C THR A 66 -6.62 4.63 1.61
N LEU A 67 -5.84 3.81 0.90
CA LEU A 67 -5.75 3.96 -0.55
C LEU A 67 -7.12 3.75 -1.21
N ASP A 68 -7.90 2.83 -0.67
CA ASP A 68 -9.26 2.63 -1.16
C ASP A 68 -10.12 3.87 -0.91
N LYS A 69 -10.06 4.40 0.31
CA LYS A 69 -10.84 5.57 0.66
C LYS A 69 -10.51 6.78 -0.23
N TYR A 70 -9.26 6.87 -0.69
CA TYR A 70 -8.86 7.98 -1.56
C TYR A 70 -9.71 7.95 -2.84
N PRO A 71 -10.29 9.06 -3.25
CA PRO A 71 -11.23 9.07 -4.43
C PRO A 71 -10.54 9.17 -5.79
N HIS A 72 -9.21 8.98 -5.84
CA HIS A 72 -8.49 9.13 -7.10
C HIS A 72 -7.35 8.13 -7.23
N LYS A 73 -7.04 7.75 -8.46
CA LYS A 73 -5.83 6.98 -8.71
C LYS A 73 -4.62 7.83 -8.34
N ILE A 74 -3.68 7.24 -7.60
CA ILE A 74 -2.45 7.96 -7.26
C ILE A 74 -1.38 7.70 -8.30
N LYS A 75 -0.78 8.78 -8.79
CA LYS A 75 0.23 8.67 -9.86
C LYS A 75 1.64 8.35 -9.33
N SER A 76 1.88 8.60 -8.05
CA SER A 76 3.21 8.33 -7.48
C SER A 76 3.11 8.00 -6.00
N GLY A 77 4.06 7.20 -5.51
CA GLY A 77 4.12 6.86 -4.09
C GLY A 77 4.36 8.07 -3.22
N ALA A 78 5.09 9.06 -3.74
CA ALA A 78 5.43 10.24 -2.94
C ALA A 78 4.16 10.92 -2.45
N GLU A 79 3.18 11.05 -3.33
CA GLU A 79 1.86 11.51 -2.91
C GLU A 79 1.23 10.54 -1.90
N ALA A 80 1.48 9.25 -2.08
CA ALA A 80 0.88 8.24 -1.21
C ALA A 80 1.29 8.44 0.24
N LYS A 81 2.52 8.90 0.45
CA LYS A 81 3.01 9.12 1.81
C LYS A 81 2.11 10.07 2.60
N LYS A 82 1.47 11.02 1.90
CA LYS A 82 0.60 11.98 2.57
C LYS A 82 -0.56 11.33 3.32
N LEU A 83 -0.95 10.11 2.93
CA LEU A 83 -2.14 9.48 3.48
C LEU A 83 -1.82 8.78 4.81
N PRO A 84 -2.69 8.86 5.81
CA PRO A 84 -2.40 8.21 7.13
C PRO A 84 -2.16 6.72 6.98
N GLY A 85 -1.05 6.25 7.55
CA GLY A 85 -0.73 4.82 7.52
C GLY A 85 0.29 4.45 6.44
N VAL A 86 0.57 5.36 5.50
CA VAL A 86 1.57 5.09 4.47
C VAL A 86 2.98 5.28 5.03
N GLY A 87 3.86 4.33 4.73
CA GLY A 87 5.24 4.41 5.20
C GLY A 87 6.20 4.57 4.02
N THR A 88 7.47 4.83 4.31
CA THR A 88 8.46 5.04 3.26
C THR A 88 8.57 3.80 2.38
N LYS A 89 8.67 2.63 3.01
CA LYS A 89 8.80 1.40 2.26
C LYS A 89 7.61 1.18 1.35
N ILE A 90 6.42 1.46 1.86
CA ILE A 90 5.20 1.27 1.08
C ILE A 90 5.20 2.23 -0.12
N ALA A 91 5.60 3.47 0.10
CA ALA A 91 5.64 4.44 -0.98
C ALA A 91 6.56 3.97 -2.10
N GLU A 92 7.72 3.45 -1.72
CA GLU A 92 8.67 2.94 -2.72
C GLU A 92 8.05 1.77 -3.49
N LYS A 93 7.30 0.93 -2.79
CA LYS A 93 6.61 -0.18 -3.46
C LYS A 93 5.64 0.35 -4.50
N ILE A 94 4.94 1.42 -4.17
CA ILE A 94 4.02 2.04 -5.12
C ILE A 94 4.77 2.51 -6.36
N ASP A 95 5.94 3.12 -6.15
CA ASP A 95 6.74 3.59 -7.28
C ASP A 95 7.13 2.42 -8.18
N GLU A 96 7.53 1.31 -7.57
CA GLU A 96 7.91 0.12 -8.34
C GLU A 96 6.72 -0.40 -9.14
N PHE A 97 5.54 -0.45 -8.51
CA PHE A 97 4.35 -0.95 -9.19
C PHE A 97 4.05 -0.10 -10.42
N LEU A 98 4.21 1.22 -10.28
CA LEU A 98 4.04 2.11 -11.43
C LEU A 98 5.09 1.82 -12.51
N ALA A 99 6.31 1.54 -12.09
CA ALA A 99 7.38 1.22 -13.03
C ALA A 99 7.07 -0.04 -13.83
N THR A 100 6.39 -0.99 -13.22
CA THR A 100 5.97 -2.20 -13.92
C THR A 100 4.78 -1.95 -14.86
N GLY A 101 4.02 -0.89 -14.63
CA GLY A 101 2.88 -0.57 -15.48
C GLY A 101 1.57 -0.85 -14.75
N GLU A 31 -15.13 -0.54 -8.49
CA GLU A 31 -13.70 -0.82 -8.55
C GLU A 31 -12.90 0.47 -8.31
N THR A 32 -12.46 0.66 -7.06
CA THR A 32 -11.67 1.84 -6.73
C THR A 32 -10.41 1.89 -7.57
N LEU A 33 -10.01 3.10 -7.96
CA LEU A 33 -8.87 3.26 -8.86
C LEU A 33 -7.59 2.66 -8.30
N ASN A 34 -7.47 2.62 -6.97
CA ASN A 34 -6.27 2.08 -6.34
C ASN A 34 -6.44 0.61 -5.90
N GLY A 35 -7.56 -0.03 -6.27
CA GLY A 35 -7.85 -1.37 -5.77
C GLY A 35 -6.70 -2.34 -6.04
N ALA A 36 -6.07 -2.20 -7.20
CA ALA A 36 -4.98 -3.11 -7.56
C ALA A 36 -3.85 -3.00 -6.54
N LEU A 37 -3.46 -1.76 -6.22
CA LEU A 37 -2.43 -1.54 -5.21
C LEU A 37 -2.86 -2.08 -3.85
N VAL A 38 -4.15 -1.95 -3.54
CA VAL A 38 -4.67 -2.46 -2.28
C VAL A 38 -4.45 -3.97 -2.19
N ASN A 39 -4.73 -4.67 -3.29
CA ASN A 39 -4.52 -6.11 -3.32
C ASN A 39 -3.06 -6.45 -3.11
N MET A 40 -2.17 -5.72 -3.78
CA MET A 40 -0.74 -5.97 -3.63
C MET A 40 -0.31 -5.76 -2.18
N LEU A 41 -0.86 -4.73 -1.52
CA LEU A 41 -0.55 -4.50 -0.12
C LEU A 41 -1.01 -5.66 0.75
N LYS A 42 -2.19 -6.20 0.43
CA LYS A 42 -2.70 -7.34 1.20
C LYS A 42 -1.74 -8.52 1.12
N GLU A 43 -1.20 -8.76 -0.07
CA GLU A 43 -0.26 -9.86 -0.24
C GLU A 43 1.01 -9.62 0.58
N GLU A 44 1.51 -8.39 0.53
CA GLU A 44 2.70 -8.04 1.30
C GLU A 44 2.44 -8.18 2.80
N GLY A 45 1.24 -7.81 3.24
CA GLY A 45 0.89 -7.96 4.64
C GLY A 45 0.97 -9.42 5.08
N ASN A 46 0.46 -10.32 4.23
CA ASN A 46 0.52 -11.74 4.54
C ASN A 46 1.97 -12.20 4.63
N LYS A 47 2.83 -11.68 3.75
CA LYS A 47 4.25 -12.03 3.81
C LYS A 47 4.86 -11.59 5.14
N ALA A 48 4.54 -10.37 5.57
CA ALA A 48 5.08 -9.87 6.83
C ALA A 48 4.64 -10.77 7.98
N LEU A 49 3.37 -11.19 7.95
CA LEU A 49 2.89 -12.14 8.96
C LEU A 49 3.67 -13.44 8.89
N SER A 50 3.99 -13.89 7.69
CA SER A 50 4.69 -15.15 7.51
C SER A 50 6.06 -15.14 8.20
N VAL A 51 6.71 -13.98 8.21
CA VAL A 51 8.00 -13.85 8.88
C VAL A 51 7.89 -13.49 10.36
N GLY A 52 6.67 -13.37 10.89
CA GLY A 52 6.49 -12.98 12.30
C GLY A 52 6.46 -11.45 12.50
N ASN A 53 6.35 -10.69 11.41
CA ASN A 53 6.33 -9.23 11.51
C ASN A 53 4.89 -8.72 11.50
N ILE A 54 4.17 -9.00 12.58
CA ILE A 54 2.75 -8.64 12.65
C ILE A 54 2.56 -7.13 12.55
N ASP A 55 3.47 -6.36 13.15
CA ASP A 55 3.35 -4.91 13.14
C ASP A 55 3.37 -4.38 11.71
N ASP A 56 4.31 -4.85 10.91
CA ASP A 56 4.40 -4.41 9.52
C ASP A 56 3.17 -4.82 8.74
N ALA A 57 2.67 -6.04 9.00
CA ALA A 57 1.49 -6.52 8.29
C ALA A 57 0.30 -5.60 8.55
N LEU A 58 0.07 -5.26 9.82
CA LEU A 58 -1.03 -4.37 10.16
C LEU A 58 -0.85 -3.01 9.50
N GLN A 59 0.38 -2.52 9.46
CA GLN A 59 0.65 -1.22 8.83
C GLN A 59 0.25 -1.24 7.35
N TYR A 60 0.64 -2.29 6.64
CA TYR A 60 0.29 -2.41 5.23
C TYR A 60 -1.23 -2.43 5.06
N TYR A 61 -1.93 -3.17 5.92
CA TYR A 61 -3.38 -3.24 5.82
C TYR A 61 -4.01 -1.87 5.99
N ALA A 62 -3.50 -1.10 6.95
CA ALA A 62 -4.05 0.23 7.19
C ALA A 62 -3.85 1.12 5.98
N ALA A 63 -2.66 1.08 5.39
CA ALA A 63 -2.37 1.89 4.22
C ALA A 63 -3.28 1.49 3.06
N ALA A 64 -3.52 0.20 2.90
CA ALA A 64 -4.35 -0.28 1.81
C ALA A 64 -5.78 0.26 1.93
N ILE A 65 -6.33 0.20 3.13
CA ILE A 65 -7.69 0.71 3.34
C ILE A 65 -7.76 2.21 3.02
N THR A 66 -6.77 2.97 3.48
CA THR A 66 -6.76 4.41 3.20
C THR A 66 -6.68 4.66 1.70
N LEU A 67 -5.84 3.89 1.01
CA LEU A 67 -5.71 4.05 -0.44
C LEU A 67 -7.04 3.78 -1.15
N ASP A 68 -7.81 2.83 -0.64
CA ASP A 68 -9.14 2.57 -1.20
C ASP A 68 -10.06 3.77 -0.99
N LYS A 69 -10.12 4.27 0.24
CA LYS A 69 -10.98 5.41 0.54
C LYS A 69 -10.60 6.65 -0.27
N TYR A 70 -9.33 6.79 -0.62
CA TYR A 70 -8.89 7.95 -1.40
C TYR A 70 -9.66 8.01 -2.72
N PRO A 71 -10.20 9.15 -3.11
CA PRO A 71 -11.12 9.22 -4.28
C PRO A 71 -10.45 9.35 -5.65
N HIS A 72 -9.14 9.11 -5.73
CA HIS A 72 -8.42 9.31 -6.99
C HIS A 72 -7.32 8.28 -7.21
N LYS A 73 -7.05 7.96 -8.47
CA LYS A 73 -5.88 7.15 -8.78
C LYS A 73 -4.63 7.90 -8.37
N ILE A 74 -3.72 7.22 -7.68
CA ILE A 74 -2.46 7.84 -7.28
C ILE A 74 -1.38 7.61 -8.35
N LYS A 75 -0.73 8.69 -8.76
CA LYS A 75 0.29 8.62 -9.81
C LYS A 75 1.66 8.20 -9.28
N SER A 76 1.90 8.34 -7.98
CA SER A 76 3.18 7.97 -7.40
C SER A 76 3.04 7.62 -5.92
N GLY A 77 3.94 6.78 -5.44
CA GLY A 77 3.94 6.39 -4.02
C GLY A 77 4.21 7.59 -3.11
N ALA A 78 5.02 8.54 -3.59
CA ALA A 78 5.38 9.68 -2.76
C ALA A 78 4.13 10.44 -2.35
N GLU A 79 3.19 10.60 -3.28
CA GLU A 79 1.88 11.15 -2.93
C GLU A 79 1.17 10.26 -1.93
N ALA A 80 1.32 8.95 -2.08
CA ALA A 80 0.62 8.01 -1.20
C ALA A 80 1.05 8.20 0.26
N LYS A 81 2.30 8.56 0.48
CA LYS A 81 2.81 8.75 1.84
C LYS A 81 2.00 9.80 2.60
N LYS A 82 1.43 10.77 1.90
CA LYS A 82 0.66 11.82 2.55
C LYS A 82 -0.55 11.27 3.31
N LEU A 83 -1.04 10.09 2.92
CA LEU A 83 -2.27 9.55 3.51
C LEU A 83 -1.98 8.88 4.86
N PRO A 84 -2.84 9.01 5.85
CA PRO A 84 -2.58 8.40 7.19
C PRO A 84 -2.40 6.88 7.08
N GLY A 85 -1.31 6.39 7.66
CA GLY A 85 -1.04 4.96 7.67
C GLY A 85 -0.01 4.53 6.62
N VAL A 86 0.33 5.41 5.67
CA VAL A 86 1.32 5.06 4.65
C VAL A 86 2.72 5.44 5.13
N GLY A 87 3.68 4.53 4.94
CA GLY A 87 5.06 4.78 5.35
C GLY A 87 5.96 4.91 4.14
N THR A 88 7.21 5.31 4.37
CA THR A 88 8.16 5.49 3.28
C THR A 88 8.34 4.19 2.50
N LYS A 89 8.44 3.08 3.22
CA LYS A 89 8.65 1.79 2.57
C LYS A 89 7.48 1.47 1.65
N ILE A 90 6.27 1.75 2.11
CA ILE A 90 5.07 1.48 1.31
C ILE A 90 5.09 2.35 0.06
N ALA A 91 5.46 3.62 0.22
CA ALA A 91 5.52 4.54 -0.91
C ALA A 91 6.47 4.01 -1.98
N GLU A 92 7.66 3.57 -1.55
CA GLU A 92 8.63 3.03 -2.50
C GLU A 92 8.07 1.80 -3.21
N LYS A 93 7.33 0.97 -2.46
CA LYS A 93 6.70 -0.21 -3.06
C LYS A 93 5.71 0.20 -4.16
N ILE A 94 4.95 1.26 -3.91
CA ILE A 94 4.03 1.78 -4.92
C ILE A 94 4.82 2.22 -6.15
N ASP A 95 5.95 2.88 -5.93
CA ASP A 95 6.77 3.34 -7.05
C ASP A 95 7.22 2.16 -7.90
N GLU A 96 7.64 1.08 -7.25
CA GLU A 96 8.07 -0.10 -7.99
C GLU A 96 6.93 -0.69 -8.80
N PHE A 97 5.75 -0.77 -8.20
CA PHE A 97 4.59 -1.34 -8.91
C PHE A 97 4.28 -0.52 -10.17
N LEU A 98 4.33 0.80 -10.07
CA LEU A 98 4.12 1.65 -11.24
C LEU A 98 5.23 1.43 -12.27
N ALA A 99 6.45 1.24 -11.81
CA ALA A 99 7.57 0.97 -12.71
C ALA A 99 7.35 -0.32 -13.51
N THR A 100 6.71 -1.30 -12.87
CA THR A 100 6.37 -2.55 -13.56
C THR A 100 5.19 -2.38 -14.53
N GLY A 101 4.34 -1.39 -14.30
CA GLY A 101 3.20 -1.15 -15.17
C GLY A 101 3.54 -0.12 -16.24
N GLU A 31 -14.53 -1.14 -9.09
CA GLU A 31 -13.20 -1.34 -8.55
C GLU A 31 -12.53 0.00 -8.26
N THR A 32 -12.10 0.19 -7.02
CA THR A 32 -11.43 1.42 -6.62
C THR A 32 -10.18 1.64 -7.47
N LEU A 33 -9.91 2.89 -7.80
CA LEU A 33 -8.80 3.21 -8.70
C LEU A 33 -7.47 2.68 -8.17
N ASN A 34 -7.33 2.62 -6.84
CA ASN A 34 -6.10 2.11 -6.23
C ASN A 34 -6.18 0.62 -5.85
N GLY A 35 -7.23 -0.07 -6.28
CA GLY A 35 -7.47 -1.44 -5.83
C GLY A 35 -6.26 -2.34 -6.05
N ALA A 36 -5.57 -2.16 -7.18
CA ALA A 36 -4.42 -3.00 -7.48
C ALA A 36 -3.37 -2.86 -6.40
N LEU A 37 -3.05 -1.62 -6.04
CA LEU A 37 -2.09 -1.38 -4.97
C LEU A 37 -2.59 -1.96 -3.64
N VAL A 38 -3.90 -1.89 -3.41
CA VAL A 38 -4.47 -2.47 -2.19
C VAL A 38 -4.20 -3.97 -2.16
N ASN A 39 -4.32 -4.64 -3.31
CA ASN A 39 -4.02 -6.06 -3.39
C ASN A 39 -2.54 -6.31 -3.07
N MET A 40 -1.68 -5.41 -3.55
CA MET A 40 -0.26 -5.54 -3.26
C MET A 40 -0.01 -5.49 -1.75
N LEU A 41 -0.71 -4.57 -1.08
CA LEU A 41 -0.57 -4.46 0.36
C LEU A 41 -1.03 -5.72 1.07
N LYS A 42 -2.12 -6.32 0.60
CA LYS A 42 -2.60 -7.56 1.20
C LYS A 42 -1.55 -8.65 1.13
N GLU A 43 -0.86 -8.74 -0.01
CA GLU A 43 0.20 -9.73 -0.16
C GLU A 43 1.35 -9.46 0.81
N GLU A 44 1.74 -8.18 0.91
CA GLU A 44 2.80 -7.81 1.84
C GLU A 44 2.41 -8.11 3.27
N GLY A 45 1.14 -7.86 3.61
CA GLY A 45 0.66 -8.11 4.96
C GLY A 45 0.79 -9.58 5.32
N ASN A 46 0.35 -10.46 4.42
CA ASN A 46 0.43 -11.89 4.68
C ASN A 46 1.88 -12.33 4.85
N LYS A 47 2.77 -11.78 4.03
CA LYS A 47 4.19 -12.11 4.15
C LYS A 47 4.74 -11.69 5.50
N ALA A 48 4.39 -10.48 5.94
CA ALA A 48 4.88 -9.98 7.22
C ALA A 48 4.39 -10.88 8.35
N LEU A 49 3.12 -11.29 8.28
CA LEU A 49 2.60 -12.21 9.29
C LEU A 49 3.37 -13.52 9.28
N SER A 50 3.70 -14.01 8.08
CA SER A 50 4.40 -15.29 7.95
C SER A 50 5.75 -15.26 8.66
N VAL A 51 6.42 -14.11 8.65
CA VAL A 51 7.71 -13.98 9.33
C VAL A 51 7.57 -13.57 10.81
N GLY A 52 6.35 -13.42 11.32
CA GLY A 52 6.16 -12.98 12.71
C GLY A 52 6.15 -11.45 12.86
N ASN A 53 6.09 -10.72 11.75
CA ASN A 53 6.10 -9.26 11.79
C ASN A 53 4.67 -8.70 11.75
N ILE A 54 3.93 -8.95 12.82
CA ILE A 54 2.52 -8.57 12.85
C ILE A 54 2.37 -7.05 12.74
N ASP A 55 3.29 -6.31 13.35
CA ASP A 55 3.18 -4.85 13.36
C ASP A 55 3.21 -4.29 11.93
N ASP A 56 4.19 -4.71 11.15
CA ASP A 56 4.30 -4.23 9.77
C ASP A 56 3.10 -4.66 8.94
N ALA A 57 2.64 -5.90 9.16
CA ALA A 57 1.50 -6.41 8.39
C ALA A 57 0.27 -5.54 8.64
N LEU A 58 -0.02 -5.25 9.91
CA LEU A 58 -1.15 -4.41 10.24
C LEU A 58 -1.01 -3.02 9.61
N GLN A 59 0.21 -2.50 9.60
CA GLN A 59 0.45 -1.18 9.02
C GLN A 59 0.08 -1.17 7.53
N TYR A 60 0.51 -2.20 6.81
CA TYR A 60 0.17 -2.29 5.39
C TYR A 60 -1.34 -2.36 5.19
N TYR A 61 -2.02 -3.13 6.03
CA TYR A 61 -3.48 -3.25 5.91
C TYR A 61 -4.15 -1.90 6.13
N ALA A 62 -3.64 -1.12 7.09
CA ALA A 62 -4.20 0.20 7.36
C ALA A 62 -4.03 1.10 6.14
N ALA A 63 -2.85 1.07 5.54
CA ALA A 63 -2.59 1.87 4.35
C ALA A 63 -3.51 1.45 3.21
N ALA A 64 -3.74 0.15 3.08
CA ALA A 64 -4.59 -0.35 2.01
C ALA A 64 -6.01 0.21 2.13
N ILE A 65 -6.56 0.20 3.34
CA ILE A 65 -7.90 0.74 3.54
C ILE A 65 -7.93 2.23 3.17
N THR A 66 -6.91 2.97 3.59
CA THR A 66 -6.85 4.38 3.26
C THR A 66 -6.80 4.60 1.75
N LEU A 67 -6.00 3.78 1.06
CA LEU A 67 -5.88 3.90 -0.39
C LEU A 67 -7.22 3.67 -1.08
N ASP A 68 -8.01 2.74 -0.55
CA ASP A 68 -9.35 2.52 -1.07
C ASP A 68 -10.24 3.75 -0.86
N LYS A 69 -10.23 4.27 0.37
CA LYS A 69 -11.04 5.43 0.70
C LYS A 69 -10.68 6.64 -0.15
N TYR A 70 -9.42 6.75 -0.58
CA TYR A 70 -9.00 7.86 -1.43
C TYR A 70 -9.84 7.88 -2.71
N PRO A 71 -10.41 9.01 -3.11
CA PRO A 71 -11.32 9.04 -4.28
C PRO A 71 -10.61 9.20 -5.63
N HIS A 72 -9.29 9.01 -5.66
CA HIS A 72 -8.54 9.23 -6.90
C HIS A 72 -7.39 8.24 -7.05
N LYS A 73 -7.08 7.91 -8.31
CA LYS A 73 -5.86 7.15 -8.57
C LYS A 73 -4.65 7.98 -8.16
N ILE A 74 -3.72 7.36 -7.43
CA ILE A 74 -2.50 8.06 -7.06
C ILE A 74 -1.41 7.85 -8.11
N LYS A 75 -0.76 8.93 -8.50
CA LYS A 75 0.24 8.89 -9.58
C LYS A 75 1.62 8.44 -9.10
N SER A 76 1.89 8.54 -7.80
CA SER A 76 3.19 8.14 -7.27
C SER A 76 3.08 7.69 -5.81
N GLY A 77 3.99 6.80 -5.41
CA GLY A 77 4.01 6.34 -4.02
C GLY A 77 4.33 7.49 -3.06
N ALA A 78 5.18 8.41 -3.48
CA ALA A 78 5.56 9.53 -2.63
C ALA A 78 4.32 10.32 -2.22
N GLU A 79 3.41 10.54 -3.17
CA GLU A 79 2.13 11.14 -2.84
C GLU A 79 1.35 10.24 -1.88
N ALA A 80 1.46 8.92 -2.06
CA ALA A 80 0.73 7.99 -1.21
C ALA A 80 1.13 8.13 0.26
N LYS A 81 2.40 8.47 0.51
CA LYS A 81 2.89 8.64 1.87
C LYS A 81 2.10 9.71 2.62
N LYS A 82 1.52 10.68 1.90
CA LYS A 82 0.76 11.75 2.55
C LYS A 82 -0.44 11.21 3.33
N LEU A 83 -0.94 10.03 2.97
CA LEU A 83 -2.15 9.50 3.60
C LEU A 83 -1.82 8.75 4.89
N PRO A 84 -2.64 8.85 5.92
CA PRO A 84 -2.33 8.14 7.21
C PRO A 84 -2.21 6.63 7.01
N GLY A 85 -1.12 6.07 7.52
CA GLY A 85 -0.90 4.63 7.42
C GLY A 85 0.08 4.24 6.31
N VAL A 86 0.43 5.17 5.41
CA VAL A 86 1.38 4.86 4.34
C VAL A 86 2.80 5.18 4.81
N GLY A 87 3.72 4.27 4.53
CA GLY A 87 5.12 4.45 4.94
C GLY A 87 6.03 4.57 3.72
N THR A 88 7.29 4.91 3.96
CA THR A 88 8.24 5.08 2.87
C THR A 88 8.37 3.79 2.05
N LYS A 89 8.45 2.66 2.75
CA LYS A 89 8.60 1.39 2.05
C LYS A 89 7.41 1.12 1.14
N ILE A 90 6.22 1.45 1.61
CA ILE A 90 5.01 1.26 0.83
C ILE A 90 5.05 2.15 -0.41
N ALA A 91 5.48 3.40 -0.22
CA ALA A 91 5.59 4.33 -1.34
C ALA A 91 6.54 3.77 -2.40
N GLU A 92 7.64 3.17 -1.96
CA GLU A 92 8.61 2.61 -2.89
C GLU A 92 7.99 1.49 -3.72
N LYS A 93 7.20 0.62 -3.08
CA LYS A 93 6.52 -0.45 -3.81
C LYS A 93 5.58 0.14 -4.86
N ILE A 94 4.87 1.20 -4.50
CA ILE A 94 3.97 1.86 -5.44
C ILE A 94 4.77 2.39 -6.63
N ASP A 95 5.92 3.00 -6.36
CA ASP A 95 6.75 3.53 -7.43
C ASP A 95 7.18 2.42 -8.39
N GLU A 96 7.57 1.28 -7.84
CA GLU A 96 8.00 0.16 -8.67
C GLU A 96 6.86 -0.32 -9.57
N PHE A 97 5.66 -0.46 -9.00
CA PHE A 97 4.52 -0.91 -9.78
C PHE A 97 4.23 0.04 -10.93
N LEU A 98 4.32 1.35 -10.68
CA LEU A 98 4.17 2.33 -11.75
C LEU A 98 5.27 2.18 -12.79
N ALA A 99 6.49 1.92 -12.34
CA ALA A 99 7.61 1.73 -13.25
C ALA A 99 7.39 0.55 -14.19
N THR A 100 6.72 -0.50 -13.70
CA THR A 100 6.40 -1.64 -14.55
C THR A 100 5.25 -1.35 -15.51
N GLY A 101 4.43 -0.34 -15.23
CA GLY A 101 3.32 0.01 -16.10
C GLY A 101 2.32 -1.15 -16.19
N GLU A 31 -14.73 -1.02 -9.19
CA GLU A 31 -13.42 -1.26 -8.60
C GLU A 31 -12.72 0.06 -8.32
N THR A 32 -12.28 0.24 -7.07
CA THR A 32 -11.58 1.47 -6.69
C THR A 32 -10.33 1.65 -7.54
N LEU A 33 -10.03 2.90 -7.89
CA LEU A 33 -8.92 3.17 -8.80
C LEU A 33 -7.59 2.64 -8.27
N ASN A 34 -7.44 2.59 -6.95
CA ASN A 34 -6.21 2.10 -6.34
C ASN A 34 -6.28 0.62 -5.94
N GLY A 35 -7.35 -0.09 -6.33
CA GLY A 35 -7.57 -1.44 -5.86
C GLY A 35 -6.37 -2.34 -6.13
N ALA A 36 -5.73 -2.16 -7.29
CA ALA A 36 -4.59 -3.02 -7.65
C ALA A 36 -3.48 -2.87 -6.61
N LEU A 37 -3.14 -1.64 -6.26
CA LEU A 37 -2.14 -1.40 -5.23
C LEU A 37 -2.59 -1.97 -3.89
N VAL A 38 -3.89 -1.88 -3.60
CA VAL A 38 -4.41 -2.41 -2.36
C VAL A 38 -4.17 -3.92 -2.29
N ASN A 39 -4.40 -4.61 -3.40
CA ASN A 39 -4.18 -6.05 -3.45
C ASN A 39 -2.72 -6.38 -3.19
N MET A 40 -1.82 -5.63 -3.83
CA MET A 40 -0.39 -5.87 -3.64
C MET A 40 -0.01 -5.68 -2.17
N LEU A 41 -0.58 -4.65 -1.54
CA LEU A 41 -0.32 -4.42 -0.12
C LEU A 41 -0.82 -5.59 0.71
N LYS A 42 -1.98 -6.13 0.37
CA LYS A 42 -2.53 -7.26 1.10
C LYS A 42 -1.56 -8.45 1.05
N GLU A 43 -0.97 -8.67 -0.13
CA GLU A 43 0.00 -9.76 -0.27
C GLU A 43 1.21 -9.51 0.62
N GLU A 44 1.70 -8.27 0.64
CA GLU A 44 2.85 -7.93 1.48
C GLU A 44 2.50 -8.12 2.95
N GLY A 45 1.28 -7.76 3.33
CA GLY A 45 0.85 -7.93 4.72
C GLY A 45 0.90 -9.40 5.11
N ASN A 46 0.38 -10.27 4.24
CA ASN A 46 0.41 -11.70 4.52
C ASN A 46 1.84 -12.20 4.66
N LYS A 47 2.74 -11.68 3.82
CA LYS A 47 4.15 -12.07 3.92
C LYS A 47 4.73 -11.68 5.27
N ALA A 48 4.42 -10.47 5.73
CA ALA A 48 4.92 -10.02 7.02
C ALA A 48 4.41 -10.93 8.13
N LEU A 49 3.14 -11.31 8.04
CA LEU A 49 2.58 -12.26 9.01
C LEU A 49 3.32 -13.59 8.94
N SER A 50 3.65 -14.03 7.73
CA SER A 50 4.33 -15.31 7.56
C SER A 50 5.67 -15.34 8.30
N VAL A 51 6.36 -14.21 8.34
CA VAL A 51 7.64 -14.13 9.06
C VAL A 51 7.49 -13.81 10.55
N GLY A 52 6.26 -13.65 11.04
CA GLY A 52 6.05 -13.28 12.44
C GLY A 52 6.06 -11.76 12.67
N ASN A 53 6.02 -10.97 11.59
CA ASN A 53 6.05 -9.51 11.71
C ASN A 53 4.63 -8.95 11.67
N ILE A 54 3.86 -9.23 12.72
CA ILE A 54 2.46 -8.83 12.74
C ILE A 54 2.33 -7.30 12.69
N ASP A 55 3.25 -6.59 13.33
CA ASP A 55 3.16 -5.13 13.36
C ASP A 55 3.23 -4.56 11.95
N ASP A 56 4.21 -5.03 11.16
CA ASP A 56 4.36 -4.55 9.79
C ASP A 56 3.14 -4.91 8.96
N ALA A 57 2.60 -6.12 9.17
CA ALA A 57 1.44 -6.55 8.41
C ALA A 57 0.26 -5.61 8.66
N LEU A 58 0.03 -5.29 9.93
CA LEU A 58 -1.06 -4.37 10.28
C LEU A 58 -0.86 -3.01 9.61
N GLN A 59 0.37 -2.53 9.59
CA GLN A 59 0.65 -1.23 8.97
C GLN A 59 0.30 -1.24 7.49
N TYR A 60 0.71 -2.30 6.79
CA TYR A 60 0.38 -2.41 5.36
C TYR A 60 -1.14 -2.43 5.15
N TYR A 61 -1.85 -3.18 6.00
CA TYR A 61 -3.30 -3.25 5.86
C TYR A 61 -3.94 -1.88 6.05
N ALA A 62 -3.43 -1.11 7.01
CA ALA A 62 -3.98 0.22 7.26
C ALA A 62 -3.78 1.12 6.05
N ALA A 63 -2.58 1.07 5.46
CA ALA A 63 -2.30 1.89 4.28
C ALA A 63 -3.20 1.49 3.13
N ALA A 64 -3.43 0.18 2.96
CA ALA A 64 -4.27 -0.29 1.87
C ALA A 64 -5.69 0.24 2.00
N ILE A 65 -6.26 0.19 3.20
CA ILE A 65 -7.61 0.68 3.41
C ILE A 65 -7.69 2.18 3.09
N THR A 66 -6.70 2.95 3.55
CA THR A 66 -6.70 4.38 3.27
C THR A 66 -6.64 4.64 1.75
N LEU A 67 -5.81 3.86 1.05
CA LEU A 67 -5.70 4.01 -0.39
C LEU A 67 -7.03 3.74 -1.09
N ASP A 68 -7.79 2.79 -0.55
CA ASP A 68 -9.13 2.51 -1.07
C ASP A 68 -10.04 3.72 -0.86
N LYS A 69 -10.04 4.26 0.36
CA LYS A 69 -10.87 5.41 0.68
C LYS A 69 -10.54 6.63 -0.18
N TYR A 70 -9.29 6.74 -0.62
CA TYR A 70 -8.88 7.87 -1.46
C TYR A 70 -9.76 7.94 -2.72
N PRO A 71 -10.33 9.08 -3.06
CA PRO A 71 -11.29 9.16 -4.21
C PRO A 71 -10.62 9.33 -5.58
N HIS A 72 -9.31 9.10 -5.67
CA HIS A 72 -8.60 9.32 -6.92
C HIS A 72 -7.49 8.30 -7.15
N LYS A 73 -7.24 7.98 -8.42
CA LYS A 73 -6.07 7.17 -8.76
C LYS A 73 -4.81 7.94 -8.38
N ILE A 74 -3.89 7.29 -7.68
CA ILE A 74 -2.62 7.93 -7.34
C ILE A 74 -1.59 7.62 -8.43
N LYS A 75 -0.94 8.68 -8.92
CA LYS A 75 0.05 8.52 -10.00
C LYS A 75 1.44 8.15 -9.48
N SER A 76 1.71 8.40 -8.19
CA SER A 76 3.02 8.07 -7.62
C SER A 76 2.92 7.80 -6.13
N GLY A 77 3.87 7.02 -5.62
CA GLY A 77 3.94 6.72 -4.19
C GLY A 77 4.17 7.97 -3.35
N ALA A 78 4.87 8.96 -3.91
CA ALA A 78 5.20 10.16 -3.15
C ALA A 78 3.93 10.83 -2.66
N GLU A 79 2.91 10.91 -3.52
CA GLU A 79 1.60 11.36 -3.08
C GLU A 79 1.02 10.41 -2.03
N ALA A 80 1.30 9.12 -2.16
CA ALA A 80 0.72 8.12 -1.26
C ALA A 80 1.13 8.38 0.19
N LYS A 81 2.34 8.87 0.40
CA LYS A 81 2.83 9.14 1.75
C LYS A 81 1.91 10.12 2.49
N LYS A 82 1.22 11.00 1.77
CA LYS A 82 0.35 11.98 2.40
C LYS A 82 -0.78 11.31 3.19
N LEU A 83 -1.14 10.07 2.85
CA LEU A 83 -2.30 9.43 3.46
C LEU A 83 -1.93 8.77 4.80
N PRO A 84 -2.75 8.87 5.82
CA PRO A 84 -2.41 8.27 7.15
C PRO A 84 -2.17 6.76 7.04
N GLY A 85 -1.06 6.31 7.60
CA GLY A 85 -0.71 4.89 7.58
C GLY A 85 0.31 4.54 6.50
N VAL A 86 0.60 5.45 5.57
CA VAL A 86 1.61 5.17 4.54
C VAL A 86 3.00 5.48 5.08
N GLY A 87 3.95 4.57 4.83
CA GLY A 87 5.32 4.76 5.26
C GLY A 87 6.25 4.90 4.06
N THR A 88 7.51 5.25 4.33
CA THR A 88 8.47 5.44 3.25
C THR A 88 8.64 4.16 2.44
N LYS A 89 8.78 3.04 3.13
CA LYS A 89 8.98 1.76 2.45
C LYS A 89 7.77 1.45 1.56
N ILE A 90 6.57 1.71 2.07
CA ILE A 90 5.36 1.44 1.31
C ILE A 90 5.32 2.31 0.06
N ALA A 91 5.67 3.58 0.22
CA ALA A 91 5.66 4.51 -0.91
C ALA A 91 6.59 4.02 -2.02
N GLU A 92 7.79 3.56 -1.65
CA GLU A 92 8.74 3.06 -2.63
C GLU A 92 8.15 1.84 -3.34
N LYS A 93 7.48 0.96 -2.60
CA LYS A 93 6.84 -0.21 -3.20
C LYS A 93 5.79 0.23 -4.22
N ILE A 94 5.05 1.28 -3.91
CA ILE A 94 4.08 1.84 -4.85
C ILE A 94 4.80 2.28 -6.13
N ASP A 95 5.93 2.97 -5.97
CA ASP A 95 6.68 3.45 -7.12
C ASP A 95 7.11 2.29 -8.01
N GLU A 96 7.58 1.20 -7.39
CA GLU A 96 8.01 0.04 -8.15
C GLU A 96 6.85 -0.57 -8.91
N PHE A 97 5.70 -0.71 -8.25
CA PHE A 97 4.53 -1.30 -8.89
C PHE A 97 4.12 -0.50 -10.12
N LEU A 98 4.13 0.83 -9.99
CA LEU A 98 3.81 1.69 -11.13
C LEU A 98 4.84 1.54 -12.23
N ALA A 99 6.11 1.40 -11.86
CA ALA A 99 7.17 1.20 -12.84
C ALA A 99 6.96 -0.09 -13.64
N THR A 100 6.41 -1.12 -12.98
CA THR A 100 6.09 -2.37 -13.66
C THR A 100 4.84 -2.25 -14.55
N GLY A 101 3.96 -1.30 -14.24
CA GLY A 101 2.75 -1.11 -15.03
C GLY A 101 2.92 0.02 -16.04
N GLU A 31 -12.70 -2.61 -7.65
CA GLU A 31 -13.54 -1.52 -8.11
C GLU A 31 -12.85 -0.18 -7.88
N THR A 32 -12.33 0.01 -6.67
CA THR A 32 -11.64 1.25 -6.33
C THR A 32 -10.45 1.47 -7.27
N LEU A 33 -10.20 2.72 -7.62
CA LEU A 33 -9.15 3.04 -8.59
C LEU A 33 -7.79 2.52 -8.14
N ASN A 34 -7.56 2.48 -6.83
CA ASN A 34 -6.29 1.99 -6.29
C ASN A 34 -6.34 0.50 -5.89
N GLY A 35 -7.41 -0.21 -6.25
CA GLY A 35 -7.61 -1.58 -5.77
C GLY A 35 -6.40 -2.46 -6.06
N ALA A 36 -5.78 -2.28 -7.22
CA ALA A 36 -4.65 -3.13 -7.58
C ALA A 36 -3.51 -2.97 -6.58
N LEU A 37 -3.17 -1.72 -6.27
CA LEU A 37 -2.15 -1.46 -5.27
C LEU A 37 -2.57 -1.99 -3.90
N VAL A 38 -3.86 -1.89 -3.59
CA VAL A 38 -4.37 -2.40 -2.32
C VAL A 38 -4.13 -3.90 -2.23
N ASN A 39 -4.37 -4.61 -3.33
CA ASN A 39 -4.16 -6.05 -3.35
C ASN A 39 -2.69 -6.38 -3.10
N MET A 40 -1.79 -5.63 -3.76
CA MET A 40 -0.37 -5.87 -3.59
C MET A 40 0.05 -5.68 -2.14
N LEU A 41 -0.49 -4.64 -1.49
CA LEU A 41 -0.22 -4.42 -0.08
C LEU A 41 -0.75 -5.57 0.76
N LYS A 42 -1.96 -6.03 0.44
CA LYS A 42 -2.56 -7.12 1.20
C LYS A 42 -1.71 -8.37 1.15
N GLU A 43 -1.15 -8.68 -0.02
CA GLU A 43 -0.35 -9.89 -0.17
C GLU A 43 0.92 -9.80 0.67
N GLU A 44 1.58 -8.64 0.65
CA GLU A 44 2.76 -8.46 1.48
C GLU A 44 2.41 -8.50 2.97
N GLY A 45 1.25 -7.95 3.33
CA GLY A 45 0.81 -7.99 4.72
C GLY A 45 0.68 -9.43 5.20
N ASN A 46 0.04 -10.27 4.39
CA ASN A 46 -0.11 -11.68 4.75
C ASN A 46 1.26 -12.35 4.88
N LYS A 47 2.19 -12.00 4.00
CA LYS A 47 3.54 -12.54 4.08
C LYS A 47 4.20 -12.15 5.40
N ALA A 48 4.06 -10.89 5.78
CA ALA A 48 4.65 -10.42 7.03
C ALA A 48 4.09 -11.21 8.20
N LEU A 49 2.77 -11.44 8.20
CA LEU A 49 2.15 -12.26 9.22
C LEU A 49 2.74 -13.68 9.21
N SER A 50 2.96 -14.21 8.01
CA SER A 50 3.47 -15.58 7.89
C SER A 50 4.83 -15.73 8.56
N VAL A 51 5.65 -14.69 8.51
CA VAL A 51 6.97 -14.73 9.15
C VAL A 51 6.95 -14.30 10.64
N GLY A 52 5.77 -13.99 11.18
CA GLY A 52 5.68 -13.53 12.57
C GLY A 52 5.88 -12.01 12.71
N ASN A 53 5.85 -11.27 11.61
CA ASN A 53 6.03 -9.83 11.65
C ASN A 53 4.67 -9.13 11.66
N ILE A 54 3.94 -9.27 12.76
CA ILE A 54 2.58 -8.75 12.85
C ILE A 54 2.58 -7.23 12.70
N ASP A 55 3.58 -6.55 13.24
CA ASP A 55 3.62 -5.10 13.19
C ASP A 55 3.64 -4.61 11.75
N ASP A 56 4.53 -5.16 10.94
CA ASP A 56 4.62 -4.75 9.54
C ASP A 56 3.34 -5.09 8.80
N ALA A 57 2.76 -6.25 9.08
CA ALA A 57 1.53 -6.65 8.41
C ALA A 57 0.42 -5.65 8.69
N LEU A 58 0.26 -5.26 9.95
CA LEU A 58 -0.77 -4.29 10.31
C LEU A 58 -0.56 -2.96 9.60
N GLN A 59 0.70 -2.52 9.49
CA GLN A 59 0.98 -1.25 8.82
C GLN A 59 0.55 -1.29 7.36
N TYR A 60 0.89 -2.38 6.67
CA TYR A 60 0.47 -2.53 5.27
C TYR A 60 -1.04 -2.53 5.15
N TYR A 61 -1.72 -3.22 6.05
CA TYR A 61 -3.19 -3.26 6.00
C TYR A 61 -3.78 -1.87 6.18
N ALA A 62 -3.19 -1.08 7.08
CA ALA A 62 -3.69 0.27 7.32
C ALA A 62 -3.55 1.12 6.06
N ALA A 63 -2.41 1.01 5.40
CA ALA A 63 -2.19 1.76 4.17
C ALA A 63 -3.17 1.32 3.08
N ALA A 64 -3.45 0.02 3.02
CA ALA A 64 -4.38 -0.49 2.02
C ALA A 64 -5.77 0.11 2.19
N ILE A 65 -6.25 0.16 3.44
CA ILE A 65 -7.57 0.72 3.70
C ILE A 65 -7.61 2.19 3.29
N THR A 66 -6.59 2.96 3.67
CA THR A 66 -6.56 4.38 3.33
C THR A 66 -6.56 4.58 1.81
N LEU A 67 -5.77 3.77 1.10
CA LEU A 67 -5.70 3.89 -0.36
C LEU A 67 -7.06 3.63 -1.01
N ASP A 68 -7.81 2.69 -0.44
CA ASP A 68 -9.17 2.44 -0.92
C ASP A 68 -10.06 3.65 -0.69
N LYS A 69 -10.04 4.17 0.53
CA LYS A 69 -10.87 5.34 0.86
C LYS A 69 -10.55 6.55 0.00
N TYR A 70 -9.30 6.66 -0.45
CA TYR A 70 -8.91 7.79 -1.30
C TYR A 70 -9.78 7.81 -2.57
N PRO A 71 -10.37 8.93 -2.94
CA PRO A 71 -11.35 8.96 -4.06
C PRO A 71 -10.73 9.09 -5.46
N HIS A 72 -9.42 8.88 -5.58
CA HIS A 72 -8.75 9.08 -6.88
C HIS A 72 -7.64 8.07 -7.11
N LYS A 73 -7.40 7.75 -8.37
CA LYS A 73 -6.21 6.96 -8.72
C LYS A 73 -4.96 7.76 -8.38
N ILE A 74 -4.02 7.14 -7.70
CA ILE A 74 -2.76 7.80 -7.37
C ILE A 74 -1.72 7.56 -8.47
N LYS A 75 -1.13 8.63 -8.97
CA LYS A 75 -0.15 8.53 -10.05
C LYS A 75 1.26 8.22 -9.55
N SER A 76 1.53 8.46 -8.27
CA SER A 76 2.87 8.19 -7.73
C SER A 76 2.80 7.82 -6.26
N GLY A 77 3.77 7.01 -5.81
CA GLY A 77 3.85 6.61 -4.42
C GLY A 77 4.14 7.80 -3.51
N ALA A 78 4.93 8.75 -4.00
CA ALA A 78 5.31 9.91 -3.19
C ALA A 78 4.07 10.66 -2.74
N GLU A 79 3.11 10.82 -3.65
CA GLU A 79 1.82 11.37 -3.27
C GLU A 79 1.12 10.45 -2.27
N ALA A 80 1.28 9.14 -2.44
CA ALA A 80 0.62 8.18 -1.56
C ALA A 80 1.06 8.35 -0.11
N LYS A 81 2.32 8.73 0.10
CA LYS A 81 2.83 8.93 1.45
C LYS A 81 2.01 9.97 2.22
N LYS A 82 1.41 10.92 1.52
CA LYS A 82 0.61 11.96 2.19
C LYS A 82 -0.56 11.36 2.98
N LEU A 83 -1.01 10.16 2.61
CA LEU A 83 -2.19 9.57 3.23
C LEU A 83 -1.86 8.98 4.61
N PRO A 84 -2.68 9.17 5.62
CA PRO A 84 -2.36 8.64 6.98
C PRO A 84 -2.17 7.13 6.96
N GLY A 85 -1.07 6.67 7.54
CA GLY A 85 -0.79 5.23 7.62
C GLY A 85 0.22 4.76 6.55
N VAL A 86 0.53 5.60 5.56
CA VAL A 86 1.51 5.23 4.54
C VAL A 86 2.90 5.62 4.99
N GLY A 87 3.86 4.69 4.86
CA GLY A 87 5.24 4.95 5.23
C GLY A 87 6.10 5.19 4.01
N THR A 88 7.34 5.62 4.23
CA THR A 88 8.25 5.88 3.13
C THR A 88 8.49 4.63 2.30
N LYS A 89 8.70 3.50 2.98
CA LYS A 89 8.99 2.25 2.29
C LYS A 89 7.82 1.87 1.39
N ILE A 90 6.60 2.01 1.90
CA ILE A 90 5.42 1.66 1.13
C ILE A 90 5.31 2.57 -0.10
N ALA A 91 5.55 3.86 0.10
CA ALA A 91 5.47 4.81 -1.01
C ALA A 91 6.44 4.43 -2.11
N GLU A 92 7.68 4.10 -1.74
CA GLU A 92 8.68 3.70 -2.73
C GLU A 92 8.23 2.43 -3.46
N LYS A 93 7.62 1.50 -2.73
CA LYS A 93 7.09 0.29 -3.36
C LYS A 93 6.05 0.63 -4.41
N ILE A 94 5.19 1.61 -4.11
CA ILE A 94 4.20 2.06 -5.08
C ILE A 94 4.89 2.60 -6.33
N ASP A 95 5.98 3.35 -6.13
CA ASP A 95 6.74 3.88 -7.26
C ASP A 95 7.26 2.74 -8.12
N GLU A 96 7.76 1.69 -7.47
CA GLU A 96 8.29 0.54 -8.20
C GLU A 96 7.17 -0.13 -9.01
N PHE A 97 6.01 -0.29 -8.39
CA PHE A 97 4.90 -0.93 -9.07
C PHE A 97 4.51 -0.15 -10.33
N LEU A 98 4.49 1.18 -10.24
CA LEU A 98 4.22 2.01 -11.41
C LEU A 98 5.32 1.85 -12.46
N ALA A 99 6.57 1.76 -12.01
CA ALA A 99 7.69 1.59 -12.93
C ALA A 99 7.57 0.28 -13.72
N THR A 100 7.03 -0.76 -13.09
CA THR A 100 6.80 -2.02 -13.78
C THR A 100 5.60 -1.97 -14.73
N GLY A 101 4.69 -1.02 -14.52
CA GLY A 101 3.52 -0.89 -15.37
C GLY A 101 2.88 0.49 -15.24
N GLU A 31 -14.76 -1.15 -9.01
CA GLU A 31 -13.41 -1.35 -8.49
C GLU A 31 -12.73 -0.01 -8.21
N THR A 32 -12.31 0.18 -6.96
CA THR A 32 -11.64 1.41 -6.58
C THR A 32 -10.39 1.63 -7.44
N LEU A 33 -10.11 2.88 -7.77
CA LEU A 33 -9.01 3.20 -8.67
C LEU A 33 -7.67 2.67 -8.16
N ASN A 34 -7.51 2.61 -6.84
CA ASN A 34 -6.27 2.10 -6.24
C ASN A 34 -6.36 0.62 -5.86
N GLY A 35 -7.42 -0.08 -6.28
CA GLY A 35 -7.65 -1.45 -5.82
C GLY A 35 -6.44 -2.35 -6.05
N ALA A 36 -5.75 -2.17 -7.19
CA ALA A 36 -4.61 -3.02 -7.50
C ALA A 36 -3.53 -2.85 -6.44
N LEU A 37 -3.22 -1.60 -6.10
CA LEU A 37 -2.24 -1.34 -5.05
C LEU A 37 -2.72 -1.89 -3.71
N VAL A 38 -4.02 -1.84 -3.46
CA VAL A 38 -4.57 -2.39 -2.22
C VAL A 38 -4.28 -3.89 -2.16
N ASN A 39 -4.42 -4.58 -3.29
CA ASN A 39 -4.08 -5.99 -3.35
C ASN A 39 -2.60 -6.21 -3.06
N MET A 40 -1.76 -5.30 -3.56
CA MET A 40 -0.33 -5.40 -3.31
C MET A 40 -0.03 -5.32 -1.81
N LEU A 41 -0.71 -4.40 -1.14
CA LEU A 41 -0.54 -4.26 0.30
C LEU A 41 -0.98 -5.52 1.04
N LYS A 42 -2.10 -6.11 0.60
CA LYS A 42 -2.58 -7.33 1.23
C LYS A 42 -1.53 -8.43 1.14
N GLU A 43 -0.87 -8.53 -0.01
CA GLU A 43 0.18 -9.53 -0.17
C GLU A 43 1.34 -9.26 0.77
N GLU A 44 1.74 -8.00 0.87
CA GLU A 44 2.83 -7.63 1.78
C GLU A 44 2.46 -7.94 3.23
N GLY A 45 1.20 -7.69 3.58
CA GLY A 45 0.74 -8.00 4.93
C GLY A 45 0.88 -9.48 5.24
N ASN A 46 0.50 -10.32 4.29
CA ASN A 46 0.60 -11.77 4.50
C ASN A 46 2.06 -12.18 4.72
N LYS A 47 2.97 -11.61 3.95
CA LYS A 47 4.39 -11.92 4.12
C LYS A 47 4.87 -11.50 5.51
N ALA A 48 4.49 -10.31 5.94
CA ALA A 48 4.91 -9.83 7.26
C ALA A 48 4.41 -10.77 8.34
N LEU A 49 3.16 -11.22 8.23
CA LEU A 49 2.62 -12.19 9.18
C LEU A 49 3.41 -13.48 9.14
N SER A 50 3.80 -13.91 7.93
CA SER A 50 4.54 -15.16 7.79
C SER A 50 5.85 -15.13 8.55
N VAL A 51 6.49 -13.97 8.61
CA VAL A 51 7.75 -13.84 9.35
C VAL A 51 7.55 -13.51 10.83
N GLY A 52 6.31 -13.42 11.30
CA GLY A 52 6.05 -13.04 12.70
C GLY A 52 5.99 -11.53 12.92
N ASN A 53 5.96 -10.74 11.85
CA ASN A 53 5.93 -9.29 11.96
C ASN A 53 4.49 -8.77 11.88
N ILE A 54 3.72 -9.06 12.91
CA ILE A 54 2.30 -8.70 12.90
C ILE A 54 2.13 -7.18 12.83
N ASP A 55 3.02 -6.44 13.49
CA ASP A 55 2.90 -4.98 13.52
C ASP A 55 2.98 -4.42 12.10
N ASP A 56 3.98 -4.86 11.34
CA ASP A 56 4.14 -4.38 9.97
C ASP A 56 2.95 -4.79 9.11
N ALA A 57 2.44 -6.00 9.32
CA ALA A 57 1.31 -6.47 8.54
C ALA A 57 0.10 -5.56 8.76
N LEU A 58 -0.15 -5.20 10.02
CA LEU A 58 -1.25 -4.29 10.32
C LEU A 58 -1.06 -2.94 9.64
N GLN A 59 0.18 -2.46 9.61
CA GLN A 59 0.45 -1.17 8.96
C GLN A 59 0.09 -1.21 7.48
N TYR A 60 0.49 -2.29 6.78
CA TYR A 60 0.14 -2.42 5.37
C TYR A 60 -1.37 -2.44 5.19
N TYR A 61 -2.08 -3.17 6.06
CA TYR A 61 -3.54 -3.24 5.95
C TYR A 61 -4.17 -1.87 6.15
N ALA A 62 -3.63 -1.08 7.07
CA ALA A 62 -4.17 0.25 7.32
C ALA A 62 -4.01 1.13 6.08
N ALA A 63 -2.82 1.06 5.46
CA ALA A 63 -2.58 1.84 4.26
C ALA A 63 -3.52 1.40 3.14
N ALA A 64 -3.77 0.10 3.03
CA ALA A 64 -4.65 -0.41 1.98
C ALA A 64 -6.06 0.17 2.12
N ILE A 65 -6.59 0.18 3.34
CA ILE A 65 -7.91 0.74 3.56
C ILE A 65 -7.94 2.22 3.17
N THR A 66 -6.90 2.95 3.57
CA THR A 66 -6.84 4.38 3.25
C THR A 66 -6.82 4.59 1.74
N LEU A 67 -6.02 3.81 1.02
CA LEU A 67 -5.96 3.94 -0.44
C LEU A 67 -7.31 3.68 -1.08
N ASP A 68 -8.07 2.74 -0.53
CA ASP A 68 -9.43 2.50 -1.03
C ASP A 68 -10.31 3.72 -0.80
N LYS A 69 -10.27 4.26 0.42
CA LYS A 69 -11.05 5.45 0.75
C LYS A 69 -10.70 6.64 -0.13
N TYR A 70 -9.45 6.73 -0.58
CA TYR A 70 -9.02 7.83 -1.42
C TYR A 70 -9.89 7.88 -2.69
N PRO A 71 -10.46 9.02 -3.07
CA PRO A 71 -11.38 9.07 -4.24
C PRO A 71 -10.68 9.23 -5.59
N HIS A 72 -9.37 9.02 -5.63
CA HIS A 72 -8.63 9.22 -6.88
C HIS A 72 -7.50 8.23 -7.04
N LYS A 73 -7.19 7.88 -8.30
CA LYS A 73 -5.98 7.10 -8.57
C LYS A 73 -4.76 7.92 -8.17
N ILE A 74 -3.83 7.30 -7.46
CA ILE A 74 -2.58 7.98 -7.10
C ILE A 74 -1.53 7.73 -8.18
N LYS A 75 -0.90 8.81 -8.64
CA LYS A 75 0.07 8.71 -9.72
C LYS A 75 1.48 8.34 -9.24
N SER A 76 1.77 8.53 -7.96
CA SER A 76 3.09 8.21 -7.43
C SER A 76 3.02 7.73 -5.99
N GLY A 77 3.96 6.87 -5.61
CA GLY A 77 4.03 6.38 -4.23
C GLY A 77 4.34 7.50 -3.26
N ALA A 78 5.18 8.46 -3.68
CA ALA A 78 5.59 9.55 -2.81
C ALA A 78 4.36 10.32 -2.33
N GLU A 79 3.42 10.57 -3.25
CA GLU A 79 2.14 11.14 -2.87
C GLU A 79 1.39 10.20 -1.93
N ALA A 80 1.50 8.89 -2.16
CA ALA A 80 0.79 7.91 -1.34
C ALA A 80 1.21 8.01 0.13
N LYS A 81 2.47 8.32 0.37
CA LYS A 81 2.98 8.44 1.73
C LYS A 81 2.19 9.47 2.55
N LYS A 82 1.62 10.48 1.88
CA LYS A 82 0.87 11.52 2.57
C LYS A 82 -0.33 10.94 3.33
N LEU A 83 -0.83 9.78 2.90
CA LEU A 83 -2.05 9.22 3.49
C LEU A 83 -1.73 8.48 4.80
N PRO A 84 -2.57 8.57 5.81
CA PRO A 84 -2.26 7.93 7.13
C PRO A 84 -2.11 6.41 6.98
N GLY A 85 -1.01 5.89 7.52
CA GLY A 85 -0.76 4.46 7.47
C GLY A 85 0.25 4.05 6.39
N VAL A 86 0.58 4.97 5.47
CA VAL A 86 1.56 4.64 4.42
C VAL A 86 2.96 4.99 4.90
N GLY A 87 3.91 4.08 4.66
CA GLY A 87 5.29 4.30 5.06
C GLY A 87 6.19 4.52 3.84
N THR A 88 7.44 4.90 4.08
CA THR A 88 8.37 5.16 2.99
C THR A 88 8.55 3.91 2.14
N LYS A 89 8.70 2.75 2.79
CA LYS A 89 8.90 1.51 2.06
C LYS A 89 7.70 1.22 1.17
N ILE A 90 6.51 1.46 1.68
CA ILE A 90 5.29 1.21 0.91
C ILE A 90 5.26 2.12 -0.32
N ALA A 91 5.62 3.39 -0.13
CA ALA A 91 5.66 4.33 -1.25
C ALA A 91 6.60 3.84 -2.33
N GLU A 92 7.77 3.33 -1.93
CA GLU A 92 8.73 2.83 -2.91
C GLU A 92 8.16 1.67 -3.71
N LYS A 93 7.44 0.76 -3.06
CA LYS A 93 6.81 -0.34 -3.78
C LYS A 93 5.82 0.19 -4.82
N ILE A 94 5.07 1.22 -4.45
CA ILE A 94 4.14 1.83 -5.40
C ILE A 94 4.91 2.38 -6.60
N ASP A 95 6.03 3.06 -6.35
CA ASP A 95 6.82 3.63 -7.43
C ASP A 95 7.29 2.54 -8.39
N GLU A 96 7.75 1.41 -7.84
CA GLU A 96 8.22 0.32 -8.69
C GLU A 96 7.09 -0.22 -9.54
N PHE A 97 5.91 -0.41 -8.94
CA PHE A 97 4.77 -0.94 -9.67
C PHE A 97 4.40 -0.02 -10.84
N LEU A 98 4.44 1.29 -10.60
CA LEU A 98 4.20 2.25 -11.68
C LEU A 98 5.27 2.13 -12.77
N ALA A 99 6.52 1.93 -12.35
CA ALA A 99 7.61 1.76 -13.30
C ALA A 99 7.40 0.52 -14.19
N THR A 100 6.79 -0.51 -13.64
CA THR A 100 6.48 -1.71 -14.40
C THR A 100 5.28 -1.50 -15.34
N GLY A 101 4.41 -0.55 -15.02
CA GLY A 101 3.24 -0.28 -15.86
C GLY A 101 2.25 -1.44 -15.81
N GLU A 31 -15.00 -0.88 -8.48
CA GLU A 31 -13.58 -1.13 -8.31
C GLU A 31 -12.82 0.18 -8.11
N THR A 32 -12.39 0.42 -6.88
CA THR A 32 -11.66 1.64 -6.57
C THR A 32 -10.40 1.74 -7.42
N LEU A 33 -10.06 2.96 -7.82
CA LEU A 33 -8.94 3.17 -8.74
C LEU A 33 -7.62 2.60 -8.19
N ASN A 34 -7.49 2.57 -6.86
CA ASN A 34 -6.25 2.07 -6.25
C ASN A 34 -6.36 0.59 -5.82
N GLY A 35 -7.42 -0.10 -6.23
CA GLY A 35 -7.65 -1.47 -5.77
C GLY A 35 -6.45 -2.36 -6.01
N ALA A 36 -5.78 -2.20 -7.14
CA ALA A 36 -4.64 -3.06 -7.47
C ALA A 36 -3.56 -2.93 -6.41
N LEU A 37 -3.21 -1.69 -6.07
CA LEU A 37 -2.23 -1.46 -5.02
C LEU A 37 -2.70 -2.01 -3.68
N VAL A 38 -4.00 -1.92 -3.42
CA VAL A 38 -4.56 -2.50 -2.20
C VAL A 38 -4.30 -4.01 -2.16
N ASN A 39 -4.46 -4.66 -3.32
CA ASN A 39 -4.17 -6.09 -3.41
C ASN A 39 -2.70 -6.35 -3.10
N MET A 40 -1.82 -5.47 -3.57
CA MET A 40 -0.39 -5.61 -3.29
C MET A 40 -0.15 -5.56 -1.78
N LEU A 41 -0.80 -4.62 -1.11
CA LEU A 41 -0.65 -4.50 0.34
C LEU A 41 -1.14 -5.76 1.04
N LYS A 42 -2.26 -6.30 0.58
CA LYS A 42 -2.81 -7.50 1.21
C LYS A 42 -1.82 -8.65 1.18
N GLU A 43 -1.20 -8.88 0.02
CA GLU A 43 -0.23 -9.97 -0.10
C GLU A 43 0.99 -9.73 0.77
N GLU A 44 1.49 -8.50 0.75
CA GLU A 44 2.66 -8.15 1.55
C GLU A 44 2.35 -8.28 3.04
N GLY A 45 1.13 -7.91 3.44
CA GLY A 45 0.73 -8.03 4.83
C GLY A 45 0.79 -9.48 5.28
N ASN A 46 0.24 -10.38 4.46
CA ASN A 46 0.28 -11.80 4.78
C ASN A 46 1.72 -12.30 4.87
N LYS A 47 2.59 -11.80 3.99
CA LYS A 47 3.99 -12.18 4.04
C LYS A 47 4.62 -11.76 5.37
N ALA A 48 4.33 -10.53 5.80
CA ALA A 48 4.86 -10.05 7.06
C ALA A 48 4.40 -10.94 8.21
N LEU A 49 3.13 -11.34 8.17
CA LEU A 49 2.62 -12.26 9.17
C LEU A 49 3.37 -13.58 9.12
N SER A 50 3.68 -14.05 7.92
CA SER A 50 4.38 -15.33 7.76
C SER A 50 5.74 -15.32 8.45
N VAL A 51 6.41 -14.17 8.45
CA VAL A 51 7.70 -14.05 9.14
C VAL A 51 7.57 -13.67 10.62
N GLY A 52 6.35 -13.53 11.14
CA GLY A 52 6.16 -13.11 12.52
C GLY A 52 6.15 -11.60 12.72
N ASN A 53 6.07 -10.83 11.63
CA ASN A 53 6.08 -9.38 11.71
C ASN A 53 4.65 -8.83 11.67
N ILE A 54 3.90 -9.09 12.73
CA ILE A 54 2.50 -8.70 12.78
C ILE A 54 2.35 -7.17 12.69
N ASP A 55 3.29 -6.44 13.29
CA ASP A 55 3.20 -4.98 13.29
C ASP A 55 3.24 -4.45 11.87
N ASP A 56 4.19 -4.93 11.07
CA ASP A 56 4.30 -4.49 9.68
C ASP A 56 3.06 -4.87 8.89
N ALA A 57 2.54 -6.08 9.14
CA ALA A 57 1.36 -6.53 8.41
C ALA A 57 0.19 -5.59 8.66
N LEU A 58 -0.03 -5.24 9.93
CA LEU A 58 -1.11 -4.32 10.26
C LEU A 58 -0.91 -2.96 9.58
N GLN A 59 0.34 -2.50 9.52
CA GLN A 59 0.62 -1.22 8.88
C GLN A 59 0.22 -1.23 7.42
N TYR A 60 0.56 -2.32 6.70
CA TYR A 60 0.17 -2.43 5.30
C TYR A 60 -1.35 -2.42 5.17
N TYR A 61 -2.04 -3.14 6.05
CA TYR A 61 -3.50 -3.18 5.98
C TYR A 61 -4.11 -1.80 6.17
N ALA A 62 -3.54 -1.01 7.09
CA ALA A 62 -4.05 0.33 7.34
C ALA A 62 -3.91 1.20 6.09
N ALA A 63 -2.74 1.11 5.45
CA ALA A 63 -2.52 1.87 4.22
C ALA A 63 -3.48 1.44 3.12
N ALA A 64 -3.76 0.13 3.05
CA ALA A 64 -4.67 -0.37 2.03
C ALA A 64 -6.07 0.24 2.19
N ILE A 65 -6.56 0.29 3.42
CA ILE A 65 -7.89 0.87 3.66
C ILE A 65 -7.92 2.33 3.25
N THR A 66 -6.89 3.09 3.63
CA THR A 66 -6.84 4.50 3.28
C THR A 66 -6.82 4.70 1.77
N LEU A 67 -6.03 3.90 1.07
CA LEU A 67 -5.94 4.00 -0.39
C LEU A 67 -7.28 3.74 -1.04
N ASP A 68 -8.06 2.81 -0.48
CA ASP A 68 -9.41 2.56 -0.98
C ASP A 68 -10.30 3.79 -0.78
N LYS A 69 -10.27 4.34 0.43
CA LYS A 69 -11.08 5.52 0.74
C LYS A 69 -10.73 6.71 -0.16
N TYR A 70 -9.48 6.80 -0.59
CA TYR A 70 -9.05 7.90 -1.45
C TYR A 70 -9.91 7.92 -2.72
N PRO A 71 -10.49 9.05 -3.12
CA PRO A 71 -11.42 9.08 -4.28
C PRO A 71 -10.74 9.22 -5.64
N HIS A 72 -9.42 9.01 -5.71
CA HIS A 72 -8.70 9.23 -6.96
C HIS A 72 -7.57 8.22 -7.15
N LYS A 73 -7.28 7.91 -8.41
CA LYS A 73 -6.08 7.13 -8.72
C LYS A 73 -4.85 7.92 -8.32
N ILE A 74 -3.91 7.28 -7.61
CA ILE A 74 -2.66 7.95 -7.26
C ILE A 74 -1.61 7.69 -8.34
N LYS A 75 -0.96 8.77 -8.78
CA LYS A 75 0.01 8.67 -9.87
C LYS A 75 1.40 8.26 -9.40
N SER A 76 1.70 8.42 -8.10
CA SER A 76 3.01 8.05 -7.58
C SER A 76 2.91 7.62 -6.12
N GLY A 77 3.83 6.76 -5.71
CA GLY A 77 3.90 6.31 -4.32
C GLY A 77 4.20 7.47 -3.38
N ALA A 78 5.00 8.43 -3.83
CA ALA A 78 5.36 9.57 -3.00
C ALA A 78 4.11 10.30 -2.54
N GLU A 79 3.15 10.47 -3.46
CA GLU A 79 1.85 10.98 -3.08
C GLU A 79 1.16 10.06 -2.08
N ALA A 80 1.35 8.75 -2.25
CA ALA A 80 0.71 7.78 -1.35
C ALA A 80 1.16 7.97 0.09
N LYS A 81 2.42 8.36 0.27
CA LYS A 81 2.96 8.59 1.61
C LYS A 81 2.14 9.64 2.37
N LYS A 82 1.52 10.57 1.66
CA LYS A 82 0.73 11.62 2.31
C LYS A 82 -0.43 11.06 3.14
N LEU A 83 -0.89 9.85 2.80
CA LEU A 83 -2.09 9.31 3.43
C LEU A 83 -1.74 8.60 4.75
N PRO A 84 -2.55 8.71 5.78
CA PRO A 84 -2.22 8.08 7.10
C PRO A 84 -2.09 6.58 6.97
N GLY A 85 -1.01 6.04 7.53
CA GLY A 85 -0.77 4.60 7.48
C GLY A 85 0.24 4.18 6.40
N VAL A 86 0.59 5.08 5.48
CA VAL A 86 1.58 4.76 4.46
C VAL A 86 2.97 5.20 4.91
N GLY A 87 3.94 4.31 4.77
CA GLY A 87 5.32 4.63 5.17
C GLY A 87 6.19 4.88 3.94
N THR A 88 7.41 5.35 4.17
CA THR A 88 8.33 5.63 3.07
C THR A 88 8.59 4.37 2.25
N LYS A 89 8.81 3.25 2.94
CA LYS A 89 9.10 2.00 2.25
C LYS A 89 7.94 1.61 1.35
N ILE A 90 6.72 1.77 1.84
CA ILE A 90 5.55 1.40 1.07
C ILE A 90 5.43 2.30 -0.17
N ALA A 91 5.68 3.59 0.02
CA ALA A 91 5.61 4.52 -1.10
C ALA A 91 6.59 4.12 -2.21
N GLU A 92 7.82 3.80 -1.82
CA GLU A 92 8.82 3.41 -2.81
C GLU A 92 8.40 2.16 -3.55
N LYS A 93 7.80 1.20 -2.84
CA LYS A 93 7.30 -0.01 -3.47
C LYS A 93 6.23 0.33 -4.51
N ILE A 94 5.35 1.27 -4.17
CA ILE A 94 4.34 1.74 -5.13
C ILE A 94 5.03 2.33 -6.36
N ASP A 95 6.10 3.10 -6.15
CA ASP A 95 6.83 3.70 -7.26
C ASP A 95 7.35 2.62 -8.21
N GLU A 96 7.90 1.55 -7.63
CA GLU A 96 8.42 0.46 -8.45
C GLU A 96 7.29 -0.19 -9.25
N PHE A 97 6.15 -0.42 -8.60
CA PHE A 97 5.02 -1.04 -9.28
C PHE A 97 4.56 -0.21 -10.48
N LEU A 98 4.50 1.11 -10.30
CA LEU A 98 4.16 1.99 -11.43
C LEU A 98 5.25 1.93 -12.51
N ALA A 99 6.51 1.84 -12.08
CA ALA A 99 7.61 1.76 -13.04
C ALA A 99 7.51 0.52 -13.92
N THR A 100 7.00 -0.58 -13.36
CA THR A 100 6.78 -1.79 -14.14
C THR A 100 5.57 -1.69 -15.07
N GLY A 101 4.65 -0.77 -14.78
CA GLY A 101 3.46 -0.60 -15.62
C GLY A 101 2.74 0.70 -15.28
N GLU A 31 -14.25 -0.73 -9.89
CA GLU A 31 -13.44 -0.83 -8.67
C GLU A 31 -12.67 0.47 -8.43
N THR A 32 -12.27 0.68 -7.19
CA THR A 32 -11.52 1.89 -6.84
C THR A 32 -10.24 1.97 -7.66
N LEU A 33 -9.87 3.19 -8.04
CA LEU A 33 -8.72 3.38 -8.92
C LEU A 33 -7.44 2.78 -8.36
N ASN A 34 -7.31 2.74 -7.03
CA ASN A 34 -6.11 2.20 -6.40
C ASN A 34 -6.27 0.73 -5.98
N GLY A 35 -7.39 0.09 -6.32
CA GLY A 35 -7.68 -1.25 -5.81
C GLY A 35 -6.53 -2.23 -6.08
N ALA A 36 -5.92 -2.11 -7.25
CA ALA A 36 -4.81 -3.00 -7.60
C ALA A 36 -3.69 -2.85 -6.58
N LEU A 37 -3.34 -1.61 -6.26
CA LEU A 37 -2.31 -1.35 -5.27
C LEU A 37 -2.72 -1.91 -3.91
N VAL A 38 -4.01 -1.80 -3.57
CA VAL A 38 -4.49 -2.31 -2.30
C VAL A 38 -4.23 -3.81 -2.20
N ASN A 39 -4.49 -4.53 -3.29
CA ASN A 39 -4.25 -5.97 -3.31
C ASN A 39 -2.78 -6.28 -3.09
N MET A 40 -1.91 -5.53 -3.77
CA MET A 40 -0.47 -5.74 -3.62
C MET A 40 -0.03 -5.51 -2.17
N LEU A 41 -0.62 -4.50 -1.53
CA LEU A 41 -0.31 -4.24 -0.12
C LEU A 41 -0.72 -5.43 0.74
N LYS A 42 -1.88 -6.02 0.44
CA LYS A 42 -2.33 -7.19 1.19
C LYS A 42 -1.31 -8.32 1.07
N GLU A 43 -0.74 -8.49 -0.12
CA GLU A 43 0.30 -9.49 -0.31
C GLU A 43 1.51 -9.18 0.57
N GLU A 44 1.90 -7.91 0.62
CA GLU A 44 3.02 -7.52 1.47
C GLU A 44 2.72 -7.77 2.94
N GLY A 45 1.46 -7.53 3.34
CA GLY A 45 1.06 -7.79 4.71
C GLY A 45 1.24 -9.27 5.05
N ASN A 46 0.83 -10.14 4.13
CA ASN A 46 0.99 -11.57 4.35
C ASN A 46 2.46 -11.94 4.48
N LYS A 47 3.32 -11.29 3.70
CA LYS A 47 4.76 -11.54 3.79
C LYS A 47 5.28 -11.16 5.18
N ALA A 48 4.84 -10.01 5.68
CA ALA A 48 5.25 -9.58 7.02
C ALA A 48 4.81 -10.61 8.05
N LEU A 49 3.58 -11.12 7.90
CA LEU A 49 3.10 -12.17 8.79
C LEU A 49 3.98 -13.41 8.69
N SER A 50 4.42 -13.73 7.47
CA SER A 50 5.25 -14.92 7.27
C SER A 50 6.55 -14.85 8.07
N VAL A 51 7.10 -13.65 8.22
CA VAL A 51 8.32 -13.47 9.00
C VAL A 51 8.04 -13.23 10.50
N GLY A 52 6.77 -13.25 10.92
CA GLY A 52 6.44 -12.97 12.32
C GLY A 52 6.27 -11.48 12.63
N ASN A 53 6.21 -10.64 11.60
CA ASN A 53 6.08 -9.20 11.79
C ASN A 53 4.61 -8.77 11.69
N ILE A 54 3.82 -9.18 12.67
CA ILE A 54 2.39 -8.90 12.63
C ILE A 54 2.12 -7.40 12.64
N ASP A 55 2.93 -6.64 13.38
CA ASP A 55 2.72 -5.20 13.48
C ASP A 55 2.83 -4.55 12.10
N ASP A 56 3.87 -4.89 11.36
CA ASP A 56 4.05 -4.33 10.03
C ASP A 56 2.92 -4.76 9.09
N ALA A 57 2.48 -6.00 9.23
CA ALA A 57 1.39 -6.48 8.37
C ALA A 57 0.14 -5.64 8.58
N LEU A 58 -0.20 -5.38 9.85
CA LEU A 58 -1.34 -4.53 10.15
C LEU A 58 -1.18 -3.14 9.55
N GLN A 59 0.03 -2.60 9.59
CA GLN A 59 0.29 -1.29 9.03
C GLN A 59 0.01 -1.28 7.52
N TYR A 60 0.48 -2.30 6.81
CA TYR A 60 0.23 -2.38 5.38
C TYR A 60 -1.26 -2.44 5.09
N TYR A 61 -2.00 -3.22 5.88
CA TYR A 61 -3.43 -3.33 5.68
C TYR A 61 -4.12 -1.98 5.88
N ALA A 62 -3.68 -1.23 6.88
CA ALA A 62 -4.27 0.07 7.15
C ALA A 62 -4.04 1.02 5.98
N ALA A 63 -2.82 1.01 5.45
CA ALA A 63 -2.49 1.88 4.33
C ALA A 63 -3.33 1.51 3.10
N ALA A 64 -3.52 0.21 2.89
CA ALA A 64 -4.29 -0.25 1.75
C ALA A 64 -5.73 0.27 1.81
N ILE A 65 -6.35 0.17 2.99
CA ILE A 65 -7.71 0.67 3.14
C ILE A 65 -7.77 2.17 2.88
N THR A 66 -6.80 2.91 3.38
CA THR A 66 -6.77 4.36 3.16
C THR A 66 -6.67 4.68 1.68
N LEU A 67 -5.81 3.94 0.97
CA LEU A 67 -5.67 4.15 -0.47
C LEU A 67 -6.97 3.91 -1.21
N ASP A 68 -7.76 2.93 -0.75
CA ASP A 68 -9.08 2.69 -1.32
C ASP A 68 -9.99 3.88 -1.08
N LYS A 69 -10.02 4.36 0.16
CA LYS A 69 -10.87 5.51 0.50
C LYS A 69 -10.50 6.75 -0.30
N TYR A 70 -9.22 6.89 -0.65
CA TYR A 70 -8.78 8.04 -1.42
C TYR A 70 -9.56 8.13 -2.75
N PRO A 71 -10.09 9.28 -3.11
CA PRO A 71 -11.00 9.37 -4.29
C PRO A 71 -10.31 9.52 -5.65
N HIS A 72 -9.01 9.26 -5.71
CA HIS A 72 -8.28 9.48 -6.97
C HIS A 72 -7.18 8.45 -7.19
N LYS A 73 -6.91 8.14 -8.45
CA LYS A 73 -5.75 7.32 -8.78
C LYS A 73 -4.48 8.06 -8.37
N ILE A 74 -3.59 7.37 -7.65
CA ILE A 74 -2.32 7.99 -7.27
C ILE A 74 -1.26 7.71 -8.32
N LYS A 75 -0.53 8.76 -8.71
CA LYS A 75 0.49 8.64 -9.75
C LYS A 75 1.83 8.11 -9.22
N SER A 76 2.07 8.23 -7.92
CA SER A 76 3.29 7.69 -7.33
C SER A 76 3.15 7.55 -5.81
N GLY A 77 4.03 6.75 -5.22
CA GLY A 77 4.01 6.50 -3.78
C GLY A 77 4.18 7.79 -2.98
N ALA A 78 4.89 8.76 -3.54
CA ALA A 78 5.24 9.95 -2.77
C ALA A 78 3.98 10.67 -2.28
N GLU A 79 2.98 10.80 -3.15
CA GLU A 79 1.68 11.31 -2.71
C GLU A 79 1.05 10.36 -1.68
N ALA A 80 1.25 9.06 -1.87
CA ALA A 80 0.61 8.07 -0.99
C ALA A 80 1.05 8.26 0.46
N LYS A 81 2.29 8.66 0.67
CA LYS A 81 2.80 8.85 2.02
C LYS A 81 1.96 9.86 2.81
N LYS A 82 1.34 10.82 2.13
CA LYS A 82 0.52 11.83 2.80
C LYS A 82 -0.66 11.20 3.55
N LEU A 83 -1.09 10.01 3.15
CA LEU A 83 -2.29 9.41 3.72
C LEU A 83 -1.98 8.68 5.02
N PRO A 84 -2.86 8.70 6.00
CA PRO A 84 -2.58 8.04 7.32
C PRO A 84 -2.35 6.54 7.16
N GLY A 85 -1.24 6.07 7.72
CA GLY A 85 -0.91 4.64 7.66
C GLY A 85 0.11 4.30 6.58
N VAL A 86 0.40 5.24 5.66
CA VAL A 86 1.39 4.97 4.62
C VAL A 86 2.79 5.30 5.11
N GLY A 87 3.74 4.40 4.84
CA GLY A 87 5.12 4.59 5.25
C GLY A 87 6.04 4.66 4.04
N THR A 88 7.30 5.00 4.28
CA THR A 88 8.27 5.13 3.18
C THR A 88 8.37 3.82 2.39
N LYS A 89 8.44 2.71 3.10
CA LYS A 89 8.54 1.41 2.44
C LYS A 89 7.31 1.16 1.56
N ILE A 90 6.14 1.54 2.07
CA ILE A 90 4.91 1.34 1.32
C ILE A 90 4.92 2.19 0.04
N ALA A 91 5.40 3.42 0.16
CA ALA A 91 5.51 4.29 -1.01
C ALA A 91 6.41 3.66 -2.07
N GLU A 92 7.51 3.05 -1.63
CA GLU A 92 8.42 2.40 -2.57
C GLU A 92 7.73 1.25 -3.31
N LYS A 93 6.91 0.47 -2.60
CA LYS A 93 6.16 -0.60 -3.25
C LYS A 93 5.23 -0.03 -4.32
N ILE A 94 4.60 1.11 -4.02
CA ILE A 94 3.74 1.76 -4.99
C ILE A 94 4.54 2.13 -6.24
N ASP A 95 5.73 2.69 -6.04
CA ASP A 95 6.57 3.06 -7.17
C ASP A 95 6.90 1.85 -8.03
N GLU A 96 7.24 0.73 -7.38
CA GLU A 96 7.57 -0.48 -8.12
C GLU A 96 6.38 -0.98 -8.93
N PHE A 97 5.19 -0.96 -8.33
CA PHE A 97 4.00 -1.44 -9.03
C PHE A 97 3.75 -0.62 -10.29
N LEU A 98 3.93 0.70 -10.20
CA LEU A 98 3.81 1.55 -11.37
C LEU A 98 4.89 1.22 -12.41
N ALA A 99 6.10 0.92 -11.94
CA ALA A 99 7.17 0.54 -12.85
C ALA A 99 6.83 -0.74 -13.62
N THR A 100 6.10 -1.66 -12.98
CA THR A 100 5.66 -2.87 -13.64
C THR A 100 4.50 -2.62 -14.61
N GLY A 101 3.75 -1.54 -14.40
CA GLY A 101 2.63 -1.22 -15.28
C GLY A 101 1.92 0.05 -14.81
N GLU A 31 -14.71 -0.55 -9.46
CA GLU A 31 -13.62 -0.78 -8.51
C GLU A 31 -12.82 0.50 -8.29
N THR A 32 -12.38 0.71 -7.06
CA THR A 32 -11.60 1.90 -6.74
C THR A 32 -10.34 1.95 -7.59
N LEU A 33 -9.96 3.17 -8.00
CA LEU A 33 -8.84 3.34 -8.91
C LEU A 33 -7.54 2.74 -8.36
N ASN A 34 -7.40 2.72 -7.04
CA ASN A 34 -6.18 2.18 -6.41
C ASN A 34 -6.32 0.72 -5.98
N GLY A 35 -7.43 0.06 -6.32
CA GLY A 35 -7.71 -1.28 -5.81
C GLY A 35 -6.56 -2.24 -6.07
N ALA A 36 -5.94 -2.13 -7.24
CA ALA A 36 -4.85 -3.03 -7.59
C ALA A 36 -3.71 -2.90 -6.59
N LEU A 37 -3.31 -1.66 -6.31
CA LEU A 37 -2.27 -1.42 -5.32
C LEU A 37 -2.69 -1.92 -3.94
N VAL A 38 -3.97 -1.77 -3.62
CA VAL A 38 -4.47 -2.23 -2.32
C VAL A 38 -4.25 -3.74 -2.19
N ASN A 39 -4.54 -4.47 -3.26
CA ASN A 39 -4.34 -5.92 -3.25
C ASN A 39 -2.87 -6.26 -3.02
N MET A 40 -1.99 -5.53 -3.71
CA MET A 40 -0.55 -5.78 -3.55
C MET A 40 -0.11 -5.56 -2.12
N LEU A 41 -0.67 -4.53 -1.46
CA LEU A 41 -0.35 -4.28 -0.06
C LEU A 41 -0.79 -5.45 0.82
N LYS A 42 -1.96 -6.02 0.54
CA LYS A 42 -2.42 -7.16 1.31
C LYS A 42 -1.43 -8.32 1.18
N GLU A 43 -0.89 -8.52 -0.03
CA GLU A 43 0.11 -9.55 -0.23
C GLU A 43 1.35 -9.30 0.62
N GLU A 44 1.79 -8.04 0.66
CA GLU A 44 2.95 -7.68 1.47
C GLU A 44 2.68 -7.94 2.95
N GLY A 45 1.46 -7.64 3.39
CA GLY A 45 1.08 -7.90 4.77
C GLY A 45 1.22 -9.37 5.10
N ASN A 46 0.76 -10.24 4.18
CA ASN A 46 0.86 -11.67 4.40
C ASN A 46 2.31 -12.12 4.54
N LYS A 47 3.19 -11.53 3.73
CA LYS A 47 4.62 -11.85 3.85
C LYS A 47 5.14 -11.45 5.23
N ALA A 48 4.77 -10.26 5.70
CA ALA A 48 5.21 -9.83 7.01
C ALA A 48 4.74 -10.80 8.08
N LEU A 49 3.50 -11.27 7.95
CA LEU A 49 2.99 -12.29 8.87
C LEU A 49 3.83 -13.56 8.78
N SER A 50 4.23 -13.93 7.56
CA SER A 50 5.00 -15.15 7.37
C SER A 50 6.32 -15.12 8.15
N VAL A 51 6.92 -13.94 8.25
CA VAL A 51 8.16 -13.80 9.02
C VAL A 51 7.93 -13.53 10.51
N GLY A 52 6.68 -13.49 10.97
CA GLY A 52 6.39 -13.19 12.37
C GLY A 52 6.28 -11.68 12.65
N ASN A 53 6.24 -10.85 11.61
CA ASN A 53 6.16 -9.41 11.79
C ASN A 53 4.71 -8.93 11.70
N ILE A 54 3.92 -9.28 12.70
CA ILE A 54 2.49 -8.95 12.69
C ILE A 54 2.29 -7.44 12.68
N ASP A 55 3.16 -6.70 13.38
CA ASP A 55 3.00 -5.25 13.46
C ASP A 55 3.09 -4.62 12.08
N ASP A 56 4.10 -5.00 11.31
CA ASP A 56 4.28 -4.45 9.97
C ASP A 56 3.11 -4.86 9.07
N ALA A 57 2.65 -6.09 9.22
CA ALA A 57 1.54 -6.57 8.40
C ALA A 57 0.30 -5.69 8.63
N LEU A 58 0.00 -5.40 9.89
CA LEU A 58 -1.14 -4.54 10.21
C LEU A 58 -0.97 -3.16 9.59
N GLN A 59 0.24 -2.62 9.61
CA GLN A 59 0.48 -1.31 9.02
C GLN A 59 0.18 -1.32 7.53
N TYR A 60 0.64 -2.35 6.82
CA TYR A 60 0.37 -2.44 5.39
C TYR A 60 -1.13 -2.51 5.13
N TYR A 61 -1.86 -3.27 5.94
CA TYR A 61 -3.30 -3.37 5.76
C TYR A 61 -3.98 -2.01 5.94
N ALA A 62 -3.50 -1.24 6.93
CA ALA A 62 -4.07 0.08 7.17
C ALA A 62 -3.87 0.99 5.97
N ALA A 63 -2.66 0.97 5.42
CA ALA A 63 -2.35 1.79 4.26
C ALA A 63 -3.22 1.40 3.06
N ALA A 64 -3.44 0.09 2.89
CA ALA A 64 -4.25 -0.38 1.78
C ALA A 64 -5.67 0.17 1.87
N ILE A 65 -6.26 0.13 3.06
CA ILE A 65 -7.61 0.66 3.24
C ILE A 65 -7.64 2.15 2.92
N THR A 66 -6.62 2.89 3.37
CA THR A 66 -6.57 4.33 3.10
C THR A 66 -6.52 4.60 1.60
N LEU A 67 -5.71 3.84 0.88
CA LEU A 67 -5.62 4.03 -0.57
C LEU A 67 -6.96 3.78 -1.25
N ASP A 68 -7.72 2.82 -0.74
CA ASP A 68 -9.07 2.58 -1.26
C ASP A 68 -9.96 3.79 -1.01
N LYS A 69 -9.94 4.30 0.21
CA LYS A 69 -10.78 5.44 0.57
C LYS A 69 -10.47 6.67 -0.29
N TYR A 70 -9.22 6.81 -0.71
CA TYR A 70 -8.83 7.95 -1.54
C TYR A 70 -9.65 7.96 -2.84
N PRO A 71 -10.24 9.07 -3.24
CA PRO A 71 -11.18 9.08 -4.41
C PRO A 71 -10.49 9.23 -5.77
N HIS A 72 -9.17 9.06 -5.84
CA HIS A 72 -8.45 9.31 -7.09
C HIS A 72 -7.30 8.34 -7.29
N LYS A 73 -7.00 8.02 -8.55
CA LYS A 73 -5.81 7.23 -8.86
C LYS A 73 -4.58 8.03 -8.46
N ILE A 74 -3.68 7.39 -7.71
CA ILE A 74 -2.43 8.05 -7.34
C ILE A 74 -1.33 7.75 -8.36
N LYS A 75 -0.64 8.80 -8.79
CA LYS A 75 0.40 8.66 -9.82
C LYS A 75 1.76 8.21 -9.25
N SER A 76 1.97 8.40 -7.95
CA SER A 76 3.23 7.98 -7.34
C SER A 76 3.06 7.68 -5.86
N GLY A 77 3.92 6.80 -5.35
CA GLY A 77 3.90 6.45 -3.94
C GLY A 77 4.22 7.64 -3.05
N ALA A 78 5.07 8.55 -3.54
CA ALA A 78 5.49 9.70 -2.74
C ALA A 78 4.27 10.51 -2.33
N GLU A 79 3.35 10.71 -3.26
CA GLU A 79 2.06 11.32 -2.91
C GLU A 79 1.30 10.44 -1.91
N ALA A 80 1.42 9.13 -2.07
CA ALA A 80 0.69 8.19 -1.20
C ALA A 80 1.09 8.37 0.26
N LYS A 81 2.35 8.71 0.51
CA LYS A 81 2.84 8.90 1.87
C LYS A 81 2.02 9.95 2.62
N LYS A 82 1.47 10.93 1.91
CA LYS A 82 0.69 11.99 2.54
C LYS A 82 -0.53 11.43 3.29
N LEU A 83 -1.02 10.26 2.90
CA LEU A 83 -2.26 9.73 3.45
C LEU A 83 -2.01 9.06 4.81
N PRO A 84 -2.93 9.17 5.76
CA PRO A 84 -2.71 8.57 7.11
C PRO A 84 -2.45 7.06 7.03
N GLY A 85 -1.37 6.63 7.65
CA GLY A 85 -1.06 5.20 7.71
C GLY A 85 -0.04 4.75 6.66
N VAL A 86 0.27 5.59 5.67
CA VAL A 86 1.23 5.22 4.64
C VAL A 86 2.65 5.49 5.12
N GLY A 87 3.54 4.52 4.90
CA GLY A 87 4.94 4.66 5.33
C GLY A 87 5.88 4.74 4.13
N THR A 88 7.14 5.04 4.39
CA THR A 88 8.11 5.17 3.31
C THR A 88 8.20 3.87 2.51
N LYS A 89 8.27 2.74 3.19
CA LYS A 89 8.39 1.45 2.52
C LYS A 89 7.18 1.22 1.62
N ILE A 90 6.00 1.57 2.11
CA ILE A 90 4.77 1.36 1.35
C ILE A 90 4.80 2.22 0.08
N ALA A 91 5.25 3.46 0.21
CA ALA A 91 5.36 4.34 -0.94
C ALA A 91 6.28 3.72 -2.00
N GLU A 92 7.38 3.15 -1.56
CA GLU A 92 8.33 2.52 -2.49
C GLU A 92 7.66 1.36 -3.24
N LYS A 93 6.85 0.57 -2.55
CA LYS A 93 6.13 -0.52 -3.22
C LYS A 93 5.20 0.04 -4.29
N ILE A 94 4.55 1.16 -4.00
CA ILE A 94 3.68 1.80 -4.99
C ILE A 94 4.50 2.21 -6.22
N ASP A 95 5.68 2.79 -5.97
CA ASP A 95 6.55 3.20 -7.08
C ASP A 95 6.92 1.99 -7.93
N GLU A 96 7.24 0.88 -7.29
CA GLU A 96 7.63 -0.32 -8.01
C GLU A 96 6.49 -0.81 -8.89
N PHE A 97 5.28 -0.84 -8.34
CA PHE A 97 4.13 -1.30 -9.11
C PHE A 97 3.93 -0.44 -10.35
N LEU A 98 4.09 0.88 -10.21
CA LEU A 98 4.02 1.77 -11.35
C LEU A 98 5.13 1.46 -12.36
N ALA A 99 6.32 1.12 -11.86
CA ALA A 99 7.42 0.75 -12.74
C ALA A 99 7.09 -0.50 -13.56
N THR A 100 6.32 -1.42 -12.97
CA THR A 100 5.85 -2.59 -13.69
C THR A 100 4.73 -2.26 -14.68
N GLY A 101 4.00 -1.18 -14.44
CA GLY A 101 2.90 -0.78 -15.33
C GLY A 101 1.82 -1.85 -15.37
N GLU A 31 -14.25 -1.16 -9.58
CA GLU A 31 -13.66 -1.13 -8.24
C GLU A 31 -12.91 0.18 -8.02
N THR A 32 -12.43 0.37 -6.80
CA THR A 32 -11.68 1.59 -6.46
C THR A 32 -10.47 1.72 -7.37
N LEU A 33 -10.14 2.96 -7.74
CA LEU A 33 -9.05 3.19 -8.69
C LEU A 33 -7.72 2.61 -8.20
N ASN A 34 -7.53 2.56 -6.88
CA ASN A 34 -6.29 2.02 -6.31
C ASN A 34 -6.40 0.55 -5.91
N GLY A 35 -7.50 -0.12 -6.26
CA GLY A 35 -7.76 -1.48 -5.79
C GLY A 35 -6.59 -2.42 -6.09
N ALA A 36 -5.98 -2.26 -7.26
CA ALA A 36 -4.88 -3.14 -7.64
C ALA A 36 -3.74 -3.03 -6.63
N LEU A 37 -3.37 -1.81 -6.30
CA LEU A 37 -2.32 -1.59 -5.31
C LEU A 37 -2.76 -2.14 -3.94
N VAL A 38 -4.04 -2.02 -3.62
CA VAL A 38 -4.55 -2.54 -2.36
C VAL A 38 -4.31 -4.06 -2.28
N ASN A 39 -4.58 -4.75 -3.39
CA ASN A 39 -4.36 -6.20 -3.42
C ASN A 39 -2.89 -6.52 -3.19
N MET A 40 -2.01 -5.78 -3.85
CA MET A 40 -0.57 -5.98 -3.67
C MET A 40 -0.18 -5.73 -2.22
N LEU A 41 -0.80 -4.74 -1.58
CA LEU A 41 -0.56 -4.48 -0.16
C LEU A 41 -0.98 -5.69 0.68
N LYS A 42 -2.11 -6.29 0.33
CA LYS A 42 -2.56 -7.47 1.06
C LYS A 42 -1.52 -8.59 1.01
N GLU A 43 -0.92 -8.76 -0.17
CA GLU A 43 0.13 -9.77 -0.32
C GLU A 43 1.32 -9.45 0.59
N GLU A 44 1.71 -8.17 0.62
CA GLU A 44 2.82 -7.76 1.46
C GLU A 44 2.50 -7.99 2.94
N GLY A 45 1.25 -7.73 3.32
CA GLY A 45 0.83 -7.94 4.70
C GLY A 45 0.97 -9.40 5.10
N ASN A 46 0.53 -10.30 4.22
CA ASN A 46 0.63 -11.72 4.50
C ASN A 46 2.09 -12.14 4.64
N LYS A 47 2.97 -11.58 3.82
CA LYS A 47 4.39 -11.88 3.93
C LYS A 47 4.94 -11.45 5.28
N ALA A 48 4.57 -10.25 5.73
CA ALA A 48 5.03 -9.77 7.02
C ALA A 48 4.57 -10.70 8.13
N LEU A 49 3.31 -11.16 8.04
CA LEU A 49 2.80 -12.12 9.00
C LEU A 49 3.62 -13.41 8.96
N SER A 50 3.99 -13.84 7.75
CA SER A 50 4.74 -15.08 7.59
C SER A 50 6.08 -15.05 8.33
N VAL A 51 6.69 -13.87 8.38
CA VAL A 51 7.96 -13.72 9.12
C VAL A 51 7.77 -13.39 10.60
N GLY A 52 6.53 -13.31 11.08
CA GLY A 52 6.27 -12.94 12.48
C GLY A 52 6.20 -11.43 12.71
N ASN A 53 6.14 -10.64 11.64
CA ASN A 53 6.08 -9.18 11.76
C ASN A 53 4.64 -8.70 11.69
N ILE A 54 3.87 -9.01 12.73
CA ILE A 54 2.44 -8.69 12.73
C ILE A 54 2.23 -7.17 12.66
N ASP A 55 3.10 -6.41 13.32
CA ASP A 55 2.94 -4.96 13.35
C ASP A 55 3.02 -4.36 11.95
N ASP A 56 4.03 -4.77 11.18
CA ASP A 56 4.16 -4.27 9.82
C ASP A 56 2.98 -4.69 8.96
N ALA A 57 2.53 -5.93 9.16
CA ALA A 57 1.42 -6.44 8.36
C ALA A 57 0.17 -5.58 8.57
N LEU A 58 -0.14 -5.31 9.84
CA LEU A 58 -1.29 -4.47 10.15
C LEU A 58 -1.12 -3.08 9.55
N GLN A 59 0.11 -2.55 9.58
CA GLN A 59 0.36 -1.22 9.02
C GLN A 59 0.04 -1.19 7.53
N TYR A 60 0.48 -2.20 6.80
CA TYR A 60 0.17 -2.27 5.38
C TYR A 60 -1.34 -2.34 5.14
N TYR A 61 -2.04 -3.13 5.94
CA TYR A 61 -3.48 -3.23 5.80
C TYR A 61 -4.16 -1.88 6.04
N ALA A 62 -3.68 -1.13 7.01
CA ALA A 62 -4.25 0.18 7.30
C ALA A 62 -4.05 1.12 6.11
N ALA A 63 -2.84 1.10 5.55
CA ALA A 63 -2.56 1.94 4.39
C ALA A 63 -3.45 1.54 3.20
N ALA A 64 -3.68 0.24 3.04
CA ALA A 64 -4.51 -0.22 1.94
C ALA A 64 -5.93 0.34 2.05
N ILE A 65 -6.50 0.28 3.26
CA ILE A 65 -7.84 0.82 3.46
C ILE A 65 -7.88 2.31 3.14
N THR A 66 -6.86 3.05 3.59
CA THR A 66 -6.81 4.48 3.31
C THR A 66 -6.74 4.74 1.81
N LEU A 67 -5.93 3.95 1.11
CA LEU A 67 -5.80 4.10 -0.33
C LEU A 67 -7.14 3.88 -1.04
N ASP A 68 -7.93 2.95 -0.54
CA ASP A 68 -9.28 2.75 -1.06
C ASP A 68 -10.15 3.97 -0.83
N LYS A 69 -10.14 4.47 0.41
CA LYS A 69 -10.95 5.63 0.76
C LYS A 69 -10.59 6.85 -0.08
N TYR A 70 -9.32 6.97 -0.49
CA TYR A 70 -8.88 8.09 -1.30
C TYR A 70 -9.68 8.12 -2.62
N PRO A 71 -10.23 9.25 -3.02
CA PRO A 71 -11.18 9.29 -4.18
C PRO A 71 -10.53 9.36 -5.56
N HIS A 72 -9.23 9.12 -5.65
CA HIS A 72 -8.54 9.27 -6.94
C HIS A 72 -7.45 8.22 -7.13
N LYS A 73 -7.17 7.88 -8.39
CA LYS A 73 -6.00 7.07 -8.70
C LYS A 73 -4.74 7.84 -8.30
N ILE A 74 -3.83 7.18 -7.60
CA ILE A 74 -2.58 7.83 -7.22
C ILE A 74 -1.51 7.60 -8.28
N LYS A 75 -0.83 8.69 -8.67
CA LYS A 75 0.19 8.62 -9.72
C LYS A 75 1.56 8.18 -9.20
N SER A 76 1.80 8.30 -7.89
CA SER A 76 3.09 7.91 -7.33
C SER A 76 2.96 7.57 -5.85
N GLY A 77 3.88 6.73 -5.37
CA GLY A 77 3.91 6.37 -3.96
C GLY A 77 4.21 7.57 -3.08
N ALA A 78 5.02 8.50 -3.59
CA ALA A 78 5.40 9.68 -2.81
C ALA A 78 4.15 10.45 -2.39
N GLU A 79 3.19 10.59 -3.31
CA GLU A 79 1.89 11.12 -2.95
C GLU A 79 1.19 10.22 -1.92
N ALA A 80 1.38 8.91 -2.04
CA ALA A 80 0.73 7.97 -1.15
C ALA A 80 1.15 8.20 0.31
N LYS A 81 2.38 8.63 0.51
CA LYS A 81 2.88 8.88 1.87
C LYS A 81 2.03 9.90 2.61
N LYS A 82 1.39 10.82 1.87
CA LYS A 82 0.55 11.84 2.50
C LYS A 82 -0.61 11.24 3.29
N LEU A 83 -1.02 10.02 2.95
CA LEU A 83 -2.21 9.41 3.56
C LEU A 83 -1.86 8.72 4.87
N PRO A 84 -2.68 8.82 5.91
CA PRO A 84 -2.36 8.18 7.21
C PRO A 84 -2.16 6.66 7.07
N GLY A 85 -1.05 6.17 7.60
CA GLY A 85 -0.75 4.74 7.57
C GLY A 85 0.26 4.36 6.49
N VAL A 86 0.57 5.27 5.56
CA VAL A 86 1.55 4.98 4.51
C VAL A 86 2.96 5.21 5.03
N GLY A 87 3.87 4.28 4.75
CA GLY A 87 5.25 4.39 5.20
C GLY A 87 6.20 4.52 4.01
N THR A 88 7.47 4.81 4.30
CA THR A 88 8.46 4.99 3.24
C THR A 88 8.54 3.74 2.36
N LYS A 89 8.57 2.57 3.00
CA LYS A 89 8.65 1.31 2.26
C LYS A 89 7.43 1.16 1.35
N ILE A 90 6.26 1.53 1.87
CA ILE A 90 5.03 1.43 1.09
C ILE A 90 5.10 2.36 -0.13
N ALA A 91 5.62 3.56 0.07
CA ALA A 91 5.76 4.50 -1.03
C ALA A 91 6.68 3.93 -2.11
N GLU A 92 7.81 3.36 -1.70
CA GLU A 92 8.79 2.86 -2.66
C GLU A 92 8.24 1.69 -3.49
N LYS A 93 7.56 0.75 -2.84
CA LYS A 93 7.00 -0.39 -3.59
C LYS A 93 5.89 0.06 -4.54
N ILE A 94 5.13 1.08 -4.15
CA ILE A 94 4.13 1.65 -5.06
C ILE A 94 4.84 2.22 -6.30
N ASP A 95 5.96 2.91 -6.07
CA ASP A 95 6.74 3.45 -7.19
C ASP A 95 7.20 2.33 -8.12
N GLU A 96 7.65 1.23 -7.53
CA GLU A 96 8.13 0.10 -8.32
C GLU A 96 6.98 -0.48 -9.15
N PHE A 97 5.80 -0.61 -8.55
CA PHE A 97 4.66 -1.17 -9.26
C PHE A 97 4.31 -0.31 -10.48
N LEU A 98 4.37 1.01 -10.33
CA LEU A 98 4.17 1.91 -11.46
C LEU A 98 5.28 1.72 -12.50
N ALA A 99 6.51 1.51 -12.03
CA ALA A 99 7.64 1.32 -12.94
C ALA A 99 7.45 0.07 -13.80
N THR A 100 6.82 -0.96 -13.24
CA THR A 100 6.53 -2.18 -14.00
C THR A 100 5.37 -1.99 -14.99
N GLY A 101 4.53 -0.99 -14.77
CA GLY A 101 3.40 -0.73 -15.66
C GLY A 101 3.16 0.76 -15.82
N GLU A 31 -12.41 -2.54 -8.40
CA GLU A 31 -13.37 -1.45 -8.56
C GLU A 31 -12.69 -0.11 -8.29
N THR A 32 -12.28 0.10 -7.05
CA THR A 32 -11.61 1.34 -6.67
C THR A 32 -10.35 1.55 -7.51
N LEU A 33 -10.08 2.80 -7.86
CA LEU A 33 -8.95 3.10 -8.75
C LEU A 33 -7.62 2.59 -8.20
N ASN A 34 -7.49 2.53 -6.87
CA ASN A 34 -6.26 2.05 -6.25
C ASN A 34 -6.33 0.56 -5.87
N GLY A 35 -7.37 -0.16 -6.30
CA GLY A 35 -7.58 -1.52 -5.85
C GLY A 35 -6.35 -2.40 -6.07
N ALA A 36 -5.66 -2.21 -7.20
CA ALA A 36 -4.51 -3.04 -7.49
C ALA A 36 -3.43 -2.86 -6.42
N LEU A 37 -3.13 -1.61 -6.09
CA LEU A 37 -2.17 -1.33 -5.03
C LEU A 37 -2.65 -1.89 -3.69
N VAL A 38 -3.96 -1.85 -3.45
CA VAL A 38 -4.51 -2.42 -2.23
C VAL A 38 -4.21 -3.92 -2.17
N ASN A 39 -4.33 -4.60 -3.30
CA ASN A 39 -3.98 -6.01 -3.38
C ASN A 39 -2.49 -6.20 -3.08
N MET A 40 -1.66 -5.28 -3.56
CA MET A 40 -0.23 -5.36 -3.31
C MET A 40 0.04 -5.29 -1.80
N LEU A 41 -0.66 -4.39 -1.13
CA LEU A 41 -0.53 -4.27 0.32
C LEU A 41 -0.98 -5.55 1.03
N LYS A 42 -2.07 -6.14 0.55
CA LYS A 42 -2.58 -7.36 1.15
C LYS A 42 -1.53 -8.47 1.08
N GLU A 43 -0.84 -8.56 -0.06
CA GLU A 43 0.22 -9.56 -0.21
C GLU A 43 1.35 -9.29 0.77
N GLU A 44 1.75 -8.03 0.90
CA GLU A 44 2.81 -7.67 1.84
C GLU A 44 2.40 -7.99 3.28
N GLY A 45 1.13 -7.74 3.61
CA GLY A 45 0.63 -8.03 4.93
C GLY A 45 0.73 -9.52 5.24
N ASN A 46 0.34 -10.35 4.28
CA ASN A 46 0.38 -11.79 4.49
C ASN A 46 1.81 -12.27 4.74
N LYS A 47 2.77 -11.73 3.98
CA LYS A 47 4.17 -12.09 4.19
C LYS A 47 4.64 -11.68 5.58
N ALA A 48 4.30 -10.45 5.99
CA ALA A 48 4.74 -9.97 7.30
C ALA A 48 4.19 -10.87 8.41
N LEU A 49 2.91 -11.24 8.29
CA LEU A 49 2.32 -12.15 9.26
C LEU A 49 3.03 -13.50 9.26
N SER A 50 3.38 -13.98 8.07
CA SER A 50 4.04 -15.29 7.94
C SER A 50 5.36 -15.32 8.70
N VAL A 51 6.07 -14.19 8.71
CA VAL A 51 7.35 -14.12 9.41
C VAL A 51 7.21 -13.74 10.90
N GLY A 52 5.99 -13.56 11.39
CA GLY A 52 5.79 -13.14 12.78
C GLY A 52 5.82 -11.62 12.96
N ASN A 53 5.79 -10.86 11.87
CA ASN A 53 5.85 -9.41 11.95
C ASN A 53 4.43 -8.82 11.91
N ILE A 54 3.68 -9.02 12.98
CA ILE A 54 2.29 -8.60 13.00
C ILE A 54 2.19 -7.08 12.88
N ASP A 55 3.13 -6.36 13.48
CA ASP A 55 3.09 -4.89 13.44
C ASP A 55 3.16 -4.39 12.00
N ASP A 56 4.12 -4.92 11.24
CA ASP A 56 4.27 -4.49 9.84
C ASP A 56 3.03 -4.86 9.03
N ALA A 57 2.48 -6.04 9.29
CA ALA A 57 1.30 -6.48 8.56
C ALA A 57 0.15 -5.51 8.81
N LEU A 58 -0.05 -5.11 10.06
CA LEU A 58 -1.10 -4.15 10.40
C LEU A 58 -0.90 -2.83 9.67
N GLN A 59 0.35 -2.37 9.58
CA GLN A 59 0.63 -1.11 8.89
C GLN A 59 0.22 -1.17 7.43
N TYR A 60 0.58 -2.27 6.76
CA TYR A 60 0.17 -2.44 5.36
C TYR A 60 -1.35 -2.44 5.23
N TYR A 61 -2.03 -3.14 6.13
CA TYR A 61 -3.49 -3.19 6.09
C TYR A 61 -4.09 -1.80 6.26
N ALA A 62 -3.51 -1.01 7.16
CA ALA A 62 -4.02 0.35 7.40
C ALA A 62 -3.89 1.19 6.13
N ALA A 63 -2.74 1.08 5.48
CA ALA A 63 -2.53 1.82 4.24
C ALA A 63 -3.51 1.37 3.16
N ALA A 64 -3.79 0.07 3.11
CA ALA A 64 -4.72 -0.46 2.12
C ALA A 64 -6.11 0.16 2.28
N ILE A 65 -6.59 0.23 3.53
CA ILE A 65 -7.90 0.82 3.78
C ILE A 65 -7.92 2.27 3.36
N THR A 66 -6.88 3.03 3.72
CA THR A 66 -6.82 4.44 3.36
C THR A 66 -6.82 4.63 1.84
N LEU A 67 -6.03 3.83 1.14
CA LEU A 67 -5.95 3.93 -0.32
C LEU A 67 -7.30 3.66 -0.97
N ASP A 68 -8.06 2.74 -0.40
CA ASP A 68 -9.41 2.46 -0.90
C ASP A 68 -10.31 3.68 -0.69
N LYS A 69 -10.32 4.21 0.53
CA LYS A 69 -11.15 5.36 0.84
C LYS A 69 -10.80 6.58 -0.02
N TYR A 70 -9.53 6.70 -0.43
CA TYR A 70 -9.12 7.81 -1.26
C TYR A 70 -9.95 7.85 -2.54
N PRO A 71 -10.54 8.97 -2.93
CA PRO A 71 -11.48 9.01 -4.08
C PRO A 71 -10.82 9.17 -5.45
N HIS A 72 -9.50 8.97 -5.53
CA HIS A 72 -8.80 9.20 -6.79
C HIS A 72 -7.66 8.21 -7.00
N LYS A 73 -7.36 7.93 -8.27
CA LYS A 73 -6.17 7.15 -8.60
C LYS A 73 -4.93 7.94 -8.18
N ILE A 74 -4.00 7.29 -7.50
CA ILE A 74 -2.75 7.95 -7.13
C ILE A 74 -1.69 7.75 -8.22
N LYS A 75 -1.07 8.84 -8.64
CA LYS A 75 -0.11 8.80 -9.74
C LYS A 75 1.30 8.38 -9.29
N SER A 76 1.61 8.51 -8.00
CA SER A 76 2.93 8.13 -7.51
C SER A 76 2.88 7.68 -6.06
N GLY A 77 3.83 6.84 -5.68
CA GLY A 77 3.94 6.38 -4.30
C GLY A 77 4.24 7.54 -3.35
N ALA A 78 5.03 8.51 -3.81
CA ALA A 78 5.39 9.64 -2.98
C ALA A 78 4.14 10.38 -2.51
N GLU A 79 3.17 10.53 -3.41
CA GLU A 79 1.86 11.04 -3.02
C GLU A 79 1.20 10.10 -2.03
N ALA A 80 1.39 8.79 -2.20
CA ALA A 80 0.76 7.81 -1.32
C ALA A 80 1.22 8.00 0.14
N LYS A 81 2.48 8.41 0.32
CA LYS A 81 3.01 8.62 1.66
C LYS A 81 2.17 9.65 2.44
N LYS A 82 1.53 10.59 1.73
CA LYS A 82 0.73 11.61 2.40
C LYS A 82 -0.43 11.01 3.20
N LEU A 83 -0.86 9.80 2.87
CA LEU A 83 -2.04 9.22 3.50
C LEU A 83 -1.66 8.50 4.80
N PRO A 84 -2.46 8.59 5.85
CA PRO A 84 -2.11 7.95 7.14
C PRO A 84 -1.95 6.43 7.00
N GLY A 85 -0.84 5.91 7.51
CA GLY A 85 -0.58 4.48 7.44
C GLY A 85 0.40 4.09 6.33
N VAL A 86 0.71 5.01 5.41
CA VAL A 86 1.68 4.71 4.35
C VAL A 86 3.10 4.95 4.84
N GLY A 87 3.98 4.00 4.58
CA GLY A 87 5.38 4.13 4.99
C GLY A 87 6.28 4.41 3.80
N THR A 88 7.54 4.72 4.07
CA THR A 88 8.48 5.02 3.01
C THR A 88 8.67 3.82 2.08
N LYS A 89 8.83 2.64 2.68
CA LYS A 89 9.02 1.42 1.90
C LYS A 89 7.82 1.18 1.00
N ILE A 90 6.63 1.40 1.53
CA ILE A 90 5.41 1.17 0.75
C ILE A 90 5.37 2.15 -0.43
N ALA A 91 5.71 3.41 -0.17
CA ALA A 91 5.71 4.42 -1.23
C ALA A 91 6.66 4.00 -2.36
N GLU A 92 7.86 3.56 -2.00
CA GLU A 92 8.84 3.15 -3.01
C GLU A 92 8.30 1.97 -3.82
N LYS A 93 7.65 1.02 -3.15
CA LYS A 93 7.09 -0.13 -3.85
C LYS A 93 6.05 0.32 -4.88
N ILE A 94 5.23 1.30 -4.50
CA ILE A 94 4.26 1.85 -5.45
C ILE A 94 4.97 2.46 -6.65
N ASP A 95 6.06 3.17 -6.39
CA ASP A 95 6.82 3.79 -7.48
C ASP A 95 7.33 2.72 -8.45
N GLU A 96 7.83 1.62 -7.90
CA GLU A 96 8.33 0.53 -8.74
C GLU A 96 7.20 -0.05 -9.58
N PHE A 97 6.05 -0.27 -8.96
CA PHE A 97 4.91 -0.84 -9.67
C PHE A 97 4.49 0.04 -10.84
N LEU A 98 4.47 1.37 -10.64
CA LEU A 98 4.18 2.28 -11.74
C LEU A 98 5.26 2.22 -12.82
N ALA A 99 6.52 2.11 -12.40
CA ALA A 99 7.63 2.03 -13.35
C ALA A 99 7.50 0.79 -14.25
N THR A 100 6.98 -0.30 -13.70
CA THR A 100 6.73 -1.50 -14.50
C THR A 100 5.51 -1.35 -15.40
N GLY A 101 4.59 -0.44 -15.07
CA GLY A 101 3.39 -0.24 -15.88
C GLY A 101 3.73 0.34 -17.24
N GLU A 31 -13.06 -1.79 -7.81
CA GLU A 31 -13.65 -0.65 -8.54
C GLU A 31 -12.82 0.61 -8.31
N THR A 32 -12.39 0.82 -7.07
CA THR A 32 -11.60 2.00 -6.75
C THR A 32 -10.32 2.02 -7.59
N LEU A 33 -9.92 3.22 -7.99
CA LEU A 33 -8.78 3.36 -8.90
C LEU A 33 -7.50 2.74 -8.32
N ASN A 34 -7.38 2.73 -6.99
CA ASN A 34 -6.18 2.18 -6.34
C ASN A 34 -6.36 0.72 -5.90
N GLY A 35 -7.48 0.08 -6.23
CA GLY A 35 -7.79 -1.25 -5.72
C GLY A 35 -6.65 -2.23 -6.00
N ALA A 36 -6.05 -2.12 -7.18
CA ALA A 36 -4.97 -3.04 -7.54
C ALA A 36 -3.82 -2.92 -6.55
N LEU A 37 -3.41 -1.69 -6.26
CA LEU A 37 -2.36 -1.47 -5.29
C LEU A 37 -2.78 -1.97 -3.91
N VAL A 38 -4.06 -1.82 -3.57
CA VAL A 38 -4.54 -2.28 -2.27
C VAL A 38 -4.32 -3.79 -2.14
N ASN A 39 -4.62 -4.53 -3.21
CA ASN A 39 -4.41 -5.97 -3.20
C ASN A 39 -2.93 -6.31 -3.00
N MET A 40 -2.06 -5.59 -3.71
CA MET A 40 -0.63 -5.83 -3.59
C MET A 40 -0.15 -5.58 -2.15
N LEU A 41 -0.70 -4.55 -1.51
CA LEU A 41 -0.36 -4.29 -0.12
C LEU A 41 -0.76 -5.46 0.77
N LYS A 42 -1.95 -6.02 0.52
CA LYS A 42 -2.38 -7.19 1.29
C LYS A 42 -1.39 -8.33 1.16
N GLU A 43 -0.85 -8.52 -0.06
CA GLU A 43 0.15 -9.55 -0.27
C GLU A 43 1.40 -9.26 0.57
N GLU A 44 1.82 -8.00 0.60
CA GLU A 44 2.98 -7.62 1.40
C GLU A 44 2.72 -7.87 2.87
N GLY A 45 1.49 -7.60 3.32
CA GLY A 45 1.13 -7.88 4.71
C GLY A 45 1.29 -9.36 5.02
N ASN A 46 0.89 -10.22 4.09
CA ASN A 46 1.04 -11.65 4.29
C ASN A 46 2.51 -12.03 4.43
N LYS A 47 3.38 -11.37 3.65
CA LYS A 47 4.82 -11.63 3.78
C LYS A 47 5.31 -11.25 5.17
N ALA A 48 4.87 -10.09 5.67
CA ALA A 48 5.26 -9.66 7.01
C ALA A 48 4.81 -10.68 8.04
N LEU A 49 3.60 -11.21 7.86
CA LEU A 49 3.11 -12.27 8.74
C LEU A 49 4.01 -13.50 8.65
N SER A 50 4.47 -13.81 7.45
CA SER A 50 5.31 -15.00 7.25
C SER A 50 6.60 -14.92 8.07
N VAL A 51 7.14 -13.71 8.23
CA VAL A 51 8.34 -13.52 9.04
C VAL A 51 8.03 -13.30 10.53
N GLY A 52 6.76 -13.33 10.94
CA GLY A 52 6.40 -13.06 12.33
C GLY A 52 6.21 -11.58 12.64
N ASN A 53 6.17 -10.73 11.61
CA ASN A 53 6.02 -9.29 11.80
C ASN A 53 4.56 -8.86 11.67
N ILE A 54 3.75 -9.27 12.64
CA ILE A 54 2.32 -8.99 12.57
C ILE A 54 2.06 -7.49 12.59
N ASP A 55 2.85 -6.74 13.35
CA ASP A 55 2.65 -5.31 13.45
C ASP A 55 2.77 -4.63 12.09
N ASP A 56 3.84 -4.98 11.36
CA ASP A 56 4.03 -4.41 10.04
C ASP A 56 2.92 -4.82 9.08
N ALA A 57 2.47 -6.07 9.20
CA ALA A 57 1.40 -6.54 8.32
C ALA A 57 0.14 -5.71 8.52
N LEU A 58 -0.21 -5.46 9.78
CA LEU A 58 -1.36 -4.62 10.08
C LEU A 58 -1.18 -3.21 9.51
N GLN A 59 0.04 -2.69 9.59
CA GLN A 59 0.32 -1.36 9.06
C GLN A 59 0.03 -1.31 7.56
N TYR A 60 0.50 -2.32 6.82
CA TYR A 60 0.23 -2.37 5.39
C TYR A 60 -1.26 -2.41 5.11
N TYR A 61 -2.01 -3.19 5.90
CA TYR A 61 -3.45 -3.28 5.70
C TYR A 61 -4.12 -1.93 5.92
N ALA A 62 -3.66 -1.20 6.92
CA ALA A 62 -4.24 0.11 7.21
C ALA A 62 -4.00 1.07 6.05
N ALA A 63 -2.78 1.07 5.52
CA ALA A 63 -2.45 1.94 4.40
C ALA A 63 -3.28 1.58 3.18
N ALA A 64 -3.49 0.29 2.95
CA ALA A 64 -4.25 -0.16 1.81
C ALA A 64 -5.69 0.36 1.87
N ILE A 65 -6.31 0.26 3.04
CA ILE A 65 -7.68 0.74 3.20
C ILE A 65 -7.75 2.24 2.93
N THR A 66 -6.78 3.00 3.45
CA THR A 66 -6.77 4.44 3.21
C THR A 66 -6.67 4.75 1.72
N LEU A 67 -5.81 4.03 1.02
CA LEU A 67 -5.67 4.23 -0.42
C LEU A 67 -6.97 3.95 -1.15
N ASP A 68 -7.73 2.97 -0.68
CA ASP A 68 -9.06 2.72 -1.24
C ASP A 68 -9.99 3.91 -1.02
N LYS A 69 -9.99 4.42 0.21
CA LYS A 69 -10.85 5.57 0.53
C LYS A 69 -10.49 6.79 -0.32
N TYR A 70 -9.22 6.92 -0.70
CA TYR A 70 -8.80 8.05 -1.53
C TYR A 70 -9.61 8.07 -2.83
N PRO A 71 -10.17 9.19 -3.25
CA PRO A 71 -11.10 9.21 -4.43
C PRO A 71 -10.40 9.35 -5.79
N HIS A 72 -9.08 9.14 -5.84
CA HIS A 72 -8.35 9.36 -7.09
C HIS A 72 -7.22 8.36 -7.28
N LYS A 73 -6.94 8.03 -8.53
CA LYS A 73 -5.75 7.22 -8.84
C LYS A 73 -4.50 7.99 -8.43
N ILE A 74 -3.61 7.33 -7.68
CA ILE A 74 -2.36 7.97 -7.29
C ILE A 74 -1.27 7.69 -8.32
N LYS A 75 -0.57 8.74 -8.73
CA LYS A 75 0.47 8.62 -9.76
C LYS A 75 1.82 8.16 -9.19
N SER A 76 2.04 8.33 -7.89
CA SER A 76 3.30 7.91 -7.29
C SER A 76 3.12 7.58 -5.80
N GLY A 77 3.98 6.70 -5.30
CA GLY A 77 3.94 6.33 -3.89
C GLY A 77 4.24 7.53 -2.97
N ALA A 78 5.08 8.45 -3.45
CA ALA A 78 5.47 9.59 -2.63
C ALA A 78 4.24 10.38 -2.22
N GLU A 79 3.31 10.58 -3.15
CA GLU A 79 2.01 11.16 -2.81
C GLU A 79 1.27 10.27 -1.81
N ALA A 80 1.39 8.95 -1.97
CA ALA A 80 0.68 8.02 -1.11
C ALA A 80 1.06 8.19 0.36
N LYS A 81 2.33 8.53 0.61
CA LYS A 81 2.80 8.72 1.97
C LYS A 81 1.98 9.77 2.73
N LYS A 82 1.42 10.74 2.02
CA LYS A 82 0.64 11.80 2.65
C LYS A 82 -0.58 11.24 3.41
N LEU A 83 -1.06 10.05 3.02
CA LEU A 83 -2.28 9.52 3.61
C LEU A 83 -1.99 8.84 4.96
N PRO A 84 -2.86 8.95 5.94
CA PRO A 84 -2.61 8.32 7.27
C PRO A 84 -2.41 6.81 7.16
N GLY A 85 -1.32 6.32 7.72
CA GLY A 85 -1.03 4.90 7.72
C GLY A 85 -0.03 4.48 6.64
N VAL A 86 0.28 5.37 5.69
CA VAL A 86 1.24 5.05 4.63
C VAL A 86 2.66 5.42 5.07
N GLY A 87 3.61 4.51 4.84
CA GLY A 87 4.99 4.75 5.22
C GLY A 87 5.89 4.83 3.99
N THR A 88 7.14 5.22 4.19
CA THR A 88 8.08 5.35 3.08
C THR A 88 8.22 4.04 2.33
N LYS A 89 8.32 2.93 3.08
CA LYS A 89 8.48 1.63 2.44
C LYS A 89 7.27 1.31 1.56
N ILE A 90 6.08 1.65 2.05
CA ILE A 90 4.87 1.38 1.29
C ILE A 90 4.87 2.22 0.01
N ALA A 91 5.30 3.47 0.11
CA ALA A 91 5.38 4.32 -1.07
C ALA A 91 6.31 3.71 -2.11
N GLU A 92 7.43 3.15 -1.66
CA GLU A 92 8.38 2.53 -2.59
C GLU A 92 7.73 1.35 -3.33
N LYS A 93 6.94 0.55 -2.62
CA LYS A 93 6.23 -0.55 -3.27
C LYS A 93 5.29 -0.02 -4.35
N ILE A 94 4.63 1.10 -4.07
CA ILE A 94 3.77 1.73 -5.06
C ILE A 94 4.58 2.14 -6.29
N ASP A 95 5.76 2.71 -6.05
CA ASP A 95 6.62 3.12 -7.16
C ASP A 95 6.99 1.92 -8.02
N GLU A 96 7.33 0.80 -7.39
CA GLU A 96 7.70 -0.40 -8.12
C GLU A 96 6.53 -0.90 -8.98
N PHE A 97 5.33 -0.89 -8.40
CA PHE A 97 4.16 -1.35 -9.16
C PHE A 97 3.94 -0.49 -10.39
N LEU A 98 4.14 0.82 -10.26
CA LEU A 98 4.06 1.70 -11.42
C LEU A 98 5.16 1.37 -12.44
N ALA A 99 6.34 1.04 -11.95
CA ALA A 99 7.44 0.65 -12.83
C ALA A 99 7.10 -0.60 -13.63
N THR A 100 6.33 -1.51 -13.04
CA THR A 100 5.87 -2.70 -13.76
C THR A 100 4.75 -2.38 -14.74
N GLY A 101 4.01 -1.30 -14.51
CA GLY A 101 2.92 -0.92 -15.40
C GLY A 101 2.81 0.60 -15.51
N GLU A 31 -14.52 -1.06 -9.35
CA GLU A 31 -13.34 -1.27 -8.52
C GLU A 31 -12.62 0.05 -8.26
N THR A 32 -12.20 0.25 -7.02
CA THR A 32 -11.49 1.47 -6.65
C THR A 32 -10.24 1.64 -7.49
N LEU A 33 -9.93 2.88 -7.85
CA LEU A 33 -8.82 3.15 -8.75
C LEU A 33 -7.48 2.61 -8.21
N ASN A 34 -7.35 2.56 -6.88
CA ASN A 34 -6.12 2.08 -6.26
C ASN A 34 -6.19 0.60 -5.86
N GLY A 35 -7.24 -0.12 -6.28
CA GLY A 35 -7.46 -1.49 -5.81
C GLY A 35 -6.23 -2.37 -6.04
N ALA A 36 -5.56 -2.19 -7.17
CA ALA A 36 -4.42 -3.05 -7.49
C ALA A 36 -3.33 -2.90 -6.42
N LEU A 37 -3.01 -1.64 -6.08
CA LEU A 37 -2.02 -1.39 -5.03
C LEU A 37 -2.51 -1.94 -3.69
N VAL A 38 -3.82 -1.87 -3.44
CA VAL A 38 -4.37 -2.43 -2.21
C VAL A 38 -4.10 -3.93 -2.15
N ASN A 39 -4.24 -4.61 -3.28
CA ASN A 39 -3.93 -6.04 -3.35
C ASN A 39 -2.45 -6.27 -3.03
N MET A 40 -1.59 -5.38 -3.51
CA MET A 40 -0.16 -5.50 -3.23
C MET A 40 0.08 -5.43 -1.73
N LEU A 41 -0.61 -4.51 -1.06
CA LEU A 41 -0.47 -4.38 0.38
C LEU A 41 -0.93 -5.64 1.09
N LYS A 42 -2.01 -6.23 0.62
CA LYS A 42 -2.52 -7.46 1.23
C LYS A 42 -1.46 -8.56 1.16
N GLU A 43 -0.77 -8.66 0.03
CA GLU A 43 0.29 -9.64 -0.11
C GLU A 43 1.42 -9.38 0.88
N GLU A 44 1.79 -8.11 1.03
CA GLU A 44 2.85 -7.74 1.96
C GLU A 44 2.43 -8.07 3.40
N GLY A 45 1.16 -7.84 3.72
CA GLY A 45 0.66 -8.14 5.05
C GLY A 45 0.80 -9.63 5.36
N ASN A 46 0.42 -10.47 4.40
CA ASN A 46 0.51 -11.91 4.61
C ASN A 46 1.96 -12.34 4.84
N LYS A 47 2.88 -11.77 4.07
CA LYS A 47 4.30 -12.10 4.26
C LYS A 47 4.78 -11.70 5.65
N ALA A 48 4.41 -10.49 6.08
CA ALA A 48 4.83 -10.03 7.40
C ALA A 48 4.29 -10.96 8.48
N LEU A 49 3.03 -11.39 8.34
CA LEU A 49 2.46 -12.33 9.29
C LEU A 49 3.23 -13.64 9.30
N SER A 50 3.61 -14.12 8.11
CA SER A 50 4.32 -15.40 8.02
C SER A 50 5.64 -15.38 8.80
N VAL A 51 6.29 -14.22 8.82
CA VAL A 51 7.55 -14.09 9.57
C VAL A 51 7.35 -13.70 11.03
N GLY A 52 6.10 -13.57 11.50
CA GLY A 52 5.85 -13.16 12.88
C GLY A 52 5.82 -11.63 13.07
N ASN A 53 5.81 -10.88 11.97
CA ASN A 53 5.82 -9.42 12.05
C ASN A 53 4.41 -8.87 11.93
N ILE A 54 3.57 -9.16 12.93
CA ILE A 54 2.18 -8.76 12.88
C ILE A 54 2.04 -7.24 12.83
N ASP A 55 2.93 -6.53 13.52
CA ASP A 55 2.83 -5.06 13.57
C ASP A 55 2.96 -4.47 12.16
N ASP A 56 3.98 -4.88 11.42
CA ASP A 56 4.17 -4.37 10.08
C ASP A 56 3.01 -4.77 9.17
N ALA A 57 2.50 -5.99 9.34
CA ALA A 57 1.40 -6.45 8.51
C ALA A 57 0.19 -5.54 8.70
N LEU A 58 -0.11 -5.21 9.96
CA LEU A 58 -1.22 -4.31 10.25
C LEU A 58 -1.00 -2.95 9.60
N GLN A 59 0.23 -2.47 9.60
CA GLN A 59 0.52 -1.16 8.99
C GLN A 59 0.20 -1.16 7.50
N TYR A 60 0.60 -2.21 6.79
CA TYR A 60 0.27 -2.32 5.38
C TYR A 60 -1.24 -2.35 5.18
N TYR A 61 -1.95 -3.10 6.03
CA TYR A 61 -3.41 -3.17 5.91
C TYR A 61 -4.05 -1.81 6.13
N ALA A 62 -3.51 -1.03 7.06
CA ALA A 62 -4.05 0.30 7.33
C ALA A 62 -3.91 1.19 6.10
N ALA A 63 -2.74 1.13 5.47
CA ALA A 63 -2.52 1.91 4.25
C ALA A 63 -3.47 1.46 3.14
N ALA A 64 -3.72 0.15 3.06
CA ALA A 64 -4.61 -0.37 2.03
C ALA A 64 -6.02 0.21 2.18
N ILE A 65 -6.53 0.24 3.41
CA ILE A 65 -7.86 0.79 3.64
C ILE A 65 -7.90 2.26 3.23
N THR A 66 -6.88 3.02 3.63
CA THR A 66 -6.85 4.44 3.29
C THR A 66 -6.83 4.65 1.78
N LEU A 67 -6.02 3.85 1.07
CA LEU A 67 -5.94 3.96 -0.38
C LEU A 67 -7.29 3.72 -1.03
N ASP A 68 -8.07 2.78 -0.48
CA ASP A 68 -9.42 2.56 -0.97
C ASP A 68 -10.30 3.78 -0.74
N LYS A 69 -10.25 4.32 0.48
CA LYS A 69 -11.05 5.50 0.81
C LYS A 69 -10.71 6.70 -0.07
N TYR A 70 -9.46 6.78 -0.51
CA TYR A 70 -9.05 7.89 -1.37
C TYR A 70 -9.90 7.92 -2.64
N PRO A 71 -10.49 9.04 -3.03
CA PRO A 71 -11.43 9.08 -4.19
C PRO A 71 -10.75 9.23 -5.55
N HIS A 72 -9.44 9.04 -5.62
CA HIS A 72 -8.71 9.25 -6.88
C HIS A 72 -7.58 8.26 -7.06
N LYS A 73 -7.27 7.96 -8.32
CA LYS A 73 -6.06 7.21 -8.63
C LYS A 73 -4.85 8.02 -8.21
N ILE A 74 -3.90 7.39 -7.53
CA ILE A 74 -2.66 8.07 -7.15
C ILE A 74 -1.60 7.88 -8.24
N LYS A 75 -0.96 8.99 -8.62
CA LYS A 75 0.01 8.96 -9.72
C LYS A 75 1.41 8.51 -9.28
N SER A 76 1.70 8.60 -7.98
CA SER A 76 3.00 8.17 -7.48
C SER A 76 2.92 7.71 -6.03
N GLY A 77 3.83 6.82 -5.66
CA GLY A 77 3.89 6.32 -4.28
C GLY A 77 4.19 7.45 -3.29
N ALA A 78 5.02 8.42 -3.73
CA ALA A 78 5.39 9.53 -2.86
C ALA A 78 4.15 10.27 -2.39
N GLU A 79 3.19 10.47 -3.30
CA GLU A 79 1.90 11.01 -2.92
C GLU A 79 1.18 10.06 -1.95
N ALA A 80 1.35 8.76 -2.16
CA ALA A 80 0.69 7.77 -1.30
C ALA A 80 1.13 7.92 0.15
N LYS A 81 2.39 8.27 0.36
CA LYS A 81 2.93 8.45 1.71
C LYS A 81 2.12 9.50 2.49
N LYS A 82 1.53 10.46 1.81
CA LYS A 82 0.77 11.51 2.48
C LYS A 82 -0.40 10.95 3.28
N LEU A 83 -0.90 9.77 2.92
CA LEU A 83 -2.09 9.22 3.55
C LEU A 83 -1.73 8.48 4.84
N PRO A 84 -2.51 8.59 5.89
CA PRO A 84 -2.17 7.91 7.19
C PRO A 84 -2.05 6.39 6.99
N GLY A 85 -0.96 5.83 7.50
CA GLY A 85 -0.73 4.39 7.41
C GLY A 85 0.25 4.01 6.29
N VAL A 86 0.59 4.94 5.40
CA VAL A 86 1.55 4.64 4.34
C VAL A 86 2.96 5.01 4.80
N GLY A 87 3.91 4.11 4.55
CA GLY A 87 5.30 4.36 4.94
C GLY A 87 6.18 4.59 3.71
N THR A 88 7.42 5.00 3.95
CA THR A 88 8.34 5.28 2.85
C THR A 88 8.56 4.03 1.99
N LYS A 89 8.76 2.89 2.65
CA LYS A 89 9.01 1.65 1.91
C LYS A 89 7.83 1.31 1.01
N ILE A 90 6.61 1.51 1.53
CA ILE A 90 5.42 1.22 0.75
C ILE A 90 5.34 2.15 -0.46
N ALA A 91 5.65 3.43 -0.25
CA ALA A 91 5.63 4.40 -1.33
C ALA A 91 6.59 3.97 -2.44
N GLU A 92 7.79 3.55 -2.06
CA GLU A 92 8.79 3.16 -3.05
C GLU A 92 8.31 1.98 -3.88
N LYS A 93 7.70 0.99 -3.22
CA LYS A 93 7.15 -0.16 -3.93
C LYS A 93 6.07 0.28 -4.92
N ILE A 94 5.24 1.24 -4.53
CA ILE A 94 4.24 1.79 -5.44
C ILE A 94 4.92 2.41 -6.66
N ASP A 95 6.02 3.14 -6.42
CA ASP A 95 6.74 3.76 -7.53
C ASP A 95 7.23 2.71 -8.52
N GLU A 96 7.76 1.61 -8.00
CA GLU A 96 8.24 0.53 -8.86
C GLU A 96 7.10 -0.06 -9.68
N PHE A 97 5.97 -0.31 -9.03
CA PHE A 97 4.83 -0.89 -9.72
C PHE A 97 4.36 0.00 -10.86
N LEU A 98 4.32 1.32 -10.63
CA LEU A 98 3.97 2.25 -11.70
C LEU A 98 5.01 2.21 -12.82
N ALA A 99 6.28 2.08 -12.45
CA ALA A 99 7.34 1.98 -13.44
C ALA A 99 7.17 0.75 -14.34
N THR A 100 6.65 -0.33 -13.76
CA THR A 100 6.35 -1.54 -14.53
C THR A 100 5.09 -1.37 -15.40
N GLY A 101 4.20 -0.46 -15.01
CA GLY A 101 2.98 -0.23 -15.79
C GLY A 101 1.80 0.06 -14.85
N GLU A 31 -14.53 -0.73 -9.26
CA GLU A 31 -13.52 -0.90 -8.23
C GLU A 31 -12.71 0.38 -8.06
N THR A 32 -12.26 0.64 -6.83
CA THR A 32 -11.48 1.85 -6.55
C THR A 32 -10.22 1.88 -7.41
N LEU A 33 -9.82 3.07 -7.82
CA LEU A 33 -8.69 3.22 -8.73
C LEU A 33 -7.41 2.61 -8.15
N ASN A 34 -7.29 2.56 -6.83
CA ASN A 34 -6.09 2.03 -6.20
C ASN A 34 -6.24 0.56 -5.78
N GLY A 35 -7.30 -0.11 -6.21
CA GLY A 35 -7.58 -1.47 -5.76
C GLY A 35 -6.37 -2.39 -6.00
N ALA A 36 -5.69 -2.22 -7.12
CA ALA A 36 -4.55 -3.07 -7.44
C ALA A 36 -3.48 -2.92 -6.36
N LEU A 37 -3.16 -1.68 -6.00
CA LEU A 37 -2.20 -1.43 -4.94
C LEU A 37 -2.69 -2.01 -3.60
N VAL A 38 -3.99 -1.96 -3.37
CA VAL A 38 -4.56 -2.54 -2.15
C VAL A 38 -4.26 -4.04 -2.11
N ASN A 39 -4.39 -4.70 -3.26
CA ASN A 39 -4.03 -6.11 -3.34
C ASN A 39 -2.56 -6.32 -3.03
N MET A 40 -1.72 -5.41 -3.51
CA MET A 40 -0.29 -5.49 -3.23
C MET A 40 -0.03 -5.43 -1.73
N LEU A 41 -0.75 -4.54 -1.05
CA LEU A 41 -0.61 -4.41 0.40
C LEU A 41 -1.03 -5.69 1.10
N LYS A 42 -2.11 -6.30 0.64
CA LYS A 42 -2.58 -7.55 1.25
C LYS A 42 -1.49 -8.62 1.16
N GLU A 43 -0.82 -8.69 0.01
CA GLU A 43 0.25 -9.66 -0.16
C GLU A 43 1.41 -9.35 0.78
N GLU A 44 1.77 -8.08 0.89
CA GLU A 44 2.88 -7.70 1.77
C GLU A 44 2.53 -8.03 3.22
N GLY A 45 1.28 -7.78 3.60
CA GLY A 45 0.84 -8.08 4.96
C GLY A 45 0.99 -9.56 5.28
N ASN A 46 0.59 -10.41 4.34
CA ASN A 46 0.73 -11.86 4.55
C ASN A 46 2.20 -12.23 4.71
N LYS A 47 3.07 -11.62 3.93
CA LYS A 47 4.50 -11.88 4.05
C LYS A 47 5.00 -11.49 5.44
N ALA A 48 4.59 -10.31 5.91
CA ALA A 48 5.01 -9.86 7.23
C ALA A 48 4.54 -10.83 8.30
N LEU A 49 3.31 -11.32 8.18
CA LEU A 49 2.80 -12.32 9.12
C LEU A 49 3.64 -13.58 9.06
N SER A 50 4.06 -13.97 7.86
CA SER A 50 4.85 -15.20 7.71
C SER A 50 6.16 -15.12 8.48
N VAL A 51 6.75 -13.93 8.56
CA VAL A 51 7.98 -13.76 9.32
C VAL A 51 7.75 -13.43 10.81
N GLY A 52 6.48 -13.39 11.25
CA GLY A 52 6.19 -13.04 12.64
C GLY A 52 6.07 -11.53 12.88
N ASN A 53 6.03 -10.73 11.81
CA ASN A 53 5.97 -9.28 11.93
C ASN A 53 4.52 -8.79 11.83
N ILE A 54 3.72 -9.14 12.84
CA ILE A 54 2.30 -8.81 12.80
C ILE A 54 2.08 -7.29 12.77
N ASP A 55 2.94 -6.54 13.47
CA ASP A 55 2.78 -5.10 13.53
C ASP A 55 2.86 -4.47 12.15
N ASP A 56 3.90 -4.85 11.40
CA ASP A 56 4.06 -4.32 10.05
C ASP A 56 2.90 -4.75 9.14
N ALA A 57 2.46 -5.99 9.31
CA ALA A 57 1.37 -6.50 8.49
C ALA A 57 0.11 -5.65 8.69
N LEU A 58 -0.21 -5.35 9.94
CA LEU A 58 -1.34 -4.49 10.23
C LEU A 58 -1.15 -3.11 9.59
N GLN A 59 0.08 -2.60 9.61
CA GLN A 59 0.34 -1.29 9.02
C GLN A 59 0.00 -1.27 7.53
N TYR A 60 0.42 -2.30 6.80
CA TYR A 60 0.08 -2.38 5.38
C TYR A 60 -1.43 -2.43 5.17
N TYR A 61 -2.13 -3.20 6.02
CA TYR A 61 -3.58 -3.29 5.91
C TYR A 61 -4.23 -1.92 6.15
N ALA A 62 -3.69 -1.17 7.10
CA ALA A 62 -4.22 0.17 7.39
C ALA A 62 -4.07 1.08 6.17
N ALA A 63 -2.90 1.02 5.55
CA ALA A 63 -2.67 1.81 4.34
C ALA A 63 -3.61 1.38 3.22
N ALA A 64 -3.89 0.08 3.13
CA ALA A 64 -4.79 -0.42 2.09
C ALA A 64 -6.18 0.19 2.24
N ILE A 65 -6.68 0.24 3.47
CA ILE A 65 -8.00 0.83 3.70
C ILE A 65 -8.00 2.30 3.29
N THR A 66 -6.97 3.03 3.69
CA THR A 66 -6.89 4.45 3.36
C THR A 66 -6.84 4.66 1.84
N LEU A 67 -6.04 3.84 1.15
CA LEU A 67 -5.93 3.96 -0.30
C LEU A 67 -7.27 3.72 -0.99
N ASP A 68 -8.07 2.81 -0.44
CA ASP A 68 -9.40 2.57 -0.98
C ASP A 68 -10.29 3.80 -0.82
N LYS A 69 -10.36 4.32 0.40
CA LYS A 69 -11.19 5.50 0.66
C LYS A 69 -10.76 6.70 -0.17
N TYR A 70 -9.47 6.79 -0.50
CA TYR A 70 -8.98 7.91 -1.31
C TYR A 70 -9.72 7.94 -2.65
N PRO A 71 -10.27 9.07 -3.07
CA PRO A 71 -11.16 9.11 -4.27
C PRO A 71 -10.45 9.24 -5.62
N HIS A 72 -9.13 9.01 -5.65
CA HIS A 72 -8.38 9.21 -6.89
C HIS A 72 -7.25 8.20 -7.05
N LYS A 73 -6.94 7.88 -8.31
CA LYS A 73 -5.74 7.10 -8.60
C LYS A 73 -4.52 7.87 -8.14
N ILE A 74 -3.59 7.20 -7.47
CA ILE A 74 -2.35 7.86 -7.05
C ILE A 74 -1.27 7.71 -8.12
N LYS A 75 -0.64 8.82 -8.47
CA LYS A 75 0.35 8.84 -9.55
C LYS A 75 1.75 8.41 -9.08
N SER A 76 2.01 8.47 -7.77
CA SER A 76 3.32 8.07 -7.26
C SER A 76 3.23 7.71 -5.78
N GLY A 77 4.17 6.88 -5.32
CA GLY A 77 4.23 6.50 -3.91
C GLY A 77 4.45 7.73 -3.03
N ALA A 78 5.23 8.70 -3.51
CA ALA A 78 5.51 9.90 -2.73
C ALA A 78 4.19 10.60 -2.37
N GLU A 79 3.29 10.69 -3.34
CA GLU A 79 1.95 11.18 -3.05
C GLU A 79 1.24 10.27 -2.05
N ALA A 80 1.48 8.95 -2.16
CA ALA A 80 0.82 8.00 -1.28
C ALA A 80 1.17 8.26 0.18
N LYS A 81 2.38 8.72 0.45
CA LYS A 81 2.81 9.01 1.81
C LYS A 81 1.87 10.01 2.49
N LYS A 82 1.24 10.89 1.71
CA LYS A 82 0.35 11.90 2.29
C LYS A 82 -0.82 11.26 3.06
N LEU A 83 -1.18 10.02 2.72
CA LEU A 83 -2.35 9.39 3.33
C LEU A 83 -1.98 8.71 4.65
N PRO A 84 -2.79 8.80 5.69
CA PRO A 84 -2.43 8.21 7.01
C PRO A 84 -2.20 6.71 6.93
N GLY A 85 -1.05 6.28 7.44
CA GLY A 85 -0.72 4.86 7.46
C GLY A 85 0.25 4.44 6.35
N VAL A 86 0.50 5.32 5.37
CA VAL A 86 1.45 4.99 4.30
C VAL A 86 2.88 5.18 4.81
N GLY A 87 3.75 4.22 4.51
CA GLY A 87 5.14 4.28 4.96
C GLY A 87 6.09 4.36 3.77
N THR A 88 7.37 4.60 4.05
CA THR A 88 8.35 4.74 2.99
C THR A 88 8.43 3.48 2.13
N LYS A 89 8.45 2.31 2.78
CA LYS A 89 8.56 1.06 2.05
C LYS A 89 7.37 0.89 1.11
N ILE A 90 6.19 1.24 1.58
CA ILE A 90 4.99 1.12 0.76
C ILE A 90 5.07 2.05 -0.44
N ALA A 91 5.54 3.27 -0.20
CA ALA A 91 5.67 4.24 -1.28
C ALA A 91 6.60 3.70 -2.37
N GLU A 92 7.73 3.11 -1.97
CA GLU A 92 8.67 2.56 -2.93
C GLU A 92 8.02 1.44 -3.76
N LYS A 93 7.24 0.59 -3.11
CA LYS A 93 6.53 -0.47 -3.83
C LYS A 93 5.60 0.12 -4.89
N ILE A 94 4.91 1.19 -4.53
CA ILE A 94 4.02 1.86 -5.49
C ILE A 94 4.84 2.37 -6.67
N ASP A 95 6.01 2.95 -6.40
CA ASP A 95 6.85 3.46 -7.47
C ASP A 95 7.26 2.35 -8.42
N GLU A 96 7.62 1.19 -7.87
CA GLU A 96 8.02 0.07 -8.70
C GLU A 96 6.87 -0.39 -9.59
N PHE A 97 5.68 -0.51 -9.01
CA PHE A 97 4.51 -0.94 -9.78
C PHE A 97 4.24 0.02 -10.93
N LEU A 98 4.37 1.32 -10.70
CA LEU A 98 4.22 2.30 -11.76
C LEU A 98 5.31 2.13 -12.83
N ALA A 99 6.53 1.84 -12.38
CA ALA A 99 7.63 1.63 -13.31
C ALA A 99 7.39 0.43 -14.22
N THR A 100 6.71 -0.59 -13.70
CA THR A 100 6.36 -1.76 -14.52
C THR A 100 5.20 -1.46 -15.47
N GLY A 101 4.39 -0.45 -15.19
CA GLY A 101 3.27 -0.10 -16.06
C GLY A 101 3.66 0.97 -17.07
N GLU A 31 -12.65 -2.24 -8.27
CA GLU A 31 -13.26 -1.13 -8.99
C GLU A 31 -12.57 0.18 -8.65
N THR A 32 -12.22 0.35 -7.38
CA THR A 32 -11.54 1.57 -6.94
C THR A 32 -10.23 1.73 -7.70
N LEU A 33 -9.89 2.98 -8.02
CA LEU A 33 -8.72 3.25 -8.85
C LEU A 33 -7.44 2.68 -8.24
N ASN A 34 -7.37 2.63 -6.91
CA ASN A 34 -6.18 2.13 -6.24
C ASN A 34 -6.30 0.64 -5.85
N GLY A 35 -7.36 -0.04 -6.28
CA GLY A 35 -7.62 -1.40 -5.83
C GLY A 35 -6.43 -2.32 -6.06
N ALA A 36 -5.75 -2.15 -7.20
CA ALA A 36 -4.60 -3.00 -7.50
C ALA A 36 -3.53 -2.88 -6.43
N LEU A 37 -3.21 -1.63 -6.08
CA LEU A 37 -2.23 -1.40 -5.02
C LEU A 37 -2.72 -1.96 -3.69
N VAL A 38 -4.03 -1.89 -3.44
CA VAL A 38 -4.59 -2.46 -2.21
C VAL A 38 -4.32 -3.96 -2.16
N ASN A 39 -4.46 -4.63 -3.30
CA ASN A 39 -4.13 -6.05 -3.37
C ASN A 39 -2.65 -6.27 -3.07
N MET A 40 -1.81 -5.37 -3.56
CA MET A 40 -0.37 -5.47 -3.30
C MET A 40 -0.10 -5.39 -1.80
N LEU A 41 -0.81 -4.48 -1.12
CA LEU A 41 -0.65 -4.36 0.32
C LEU A 41 -1.06 -5.64 1.03
N LYS A 42 -2.15 -6.26 0.58
CA LYS A 42 -2.59 -7.50 1.20
C LYS A 42 -1.51 -8.56 1.10
N GLU A 43 -0.84 -8.63 -0.06
CA GLU A 43 0.25 -9.58 -0.22
C GLU A 43 1.41 -9.27 0.73
N GLU A 44 1.75 -7.99 0.84
CA GLU A 44 2.81 -7.58 1.75
C GLU A 44 2.44 -7.91 3.20
N GLY A 45 1.18 -7.72 3.54
CA GLY A 45 0.72 -8.02 4.90
C GLY A 45 0.93 -9.49 5.23
N ASN A 46 0.55 -10.37 4.30
CA ASN A 46 0.73 -11.80 4.53
C ASN A 46 2.22 -12.14 4.67
N LYS A 47 3.06 -11.49 3.87
CA LYS A 47 4.50 -11.73 3.97
C LYS A 47 5.02 -11.32 5.35
N ALA A 48 4.58 -10.16 5.84
CA ALA A 48 5.03 -9.69 7.14
C ALA A 48 4.60 -10.68 8.23
N LEU A 49 3.37 -11.19 8.13
CA LEU A 49 2.91 -12.20 9.07
C LEU A 49 3.78 -13.45 8.99
N SER A 50 4.18 -13.84 7.78
CA SER A 50 4.98 -15.04 7.60
C SER A 50 6.32 -14.94 8.35
N VAL A 51 6.88 -13.74 8.41
CA VAL A 51 8.13 -13.54 9.15
C VAL A 51 7.93 -13.23 10.64
N GLY A 52 6.68 -13.21 11.12
CA GLY A 52 6.41 -12.88 12.52
C GLY A 52 6.27 -11.37 12.76
N ASN A 53 6.18 -10.57 11.69
CA ASN A 53 6.08 -9.12 11.82
C ASN A 53 4.62 -8.67 11.74
N ILE A 54 3.85 -9.02 12.78
CA ILE A 54 2.42 -8.72 12.78
C ILE A 54 2.18 -7.22 12.74
N ASP A 55 3.04 -6.45 13.41
CA ASP A 55 2.85 -5.00 13.46
C ASP A 55 2.91 -4.40 12.05
N ASP A 56 3.91 -4.81 11.28
CA ASP A 56 4.04 -4.32 9.91
C ASP A 56 2.85 -4.75 9.06
N ALA A 57 2.38 -5.99 9.28
CA ALA A 57 1.26 -6.49 8.50
C ALA A 57 0.03 -5.61 8.72
N LEU A 58 -0.26 -5.29 9.99
CA LEU A 58 -1.37 -4.42 10.31
C LEU A 58 -1.19 -3.05 9.65
N GLN A 59 0.04 -2.54 9.63
CA GLN A 59 0.31 -1.24 9.04
C GLN A 59 -0.06 -1.24 7.55
N TYR A 60 0.33 -2.28 6.83
CA TYR A 60 -0.01 -2.38 5.42
C TYR A 60 -1.53 -2.41 5.22
N TYR A 61 -2.22 -3.16 6.08
CA TYR A 61 -3.68 -3.23 5.97
C TYR A 61 -4.32 -1.87 6.18
N ALA A 62 -3.77 -1.09 7.11
CA ALA A 62 -4.29 0.25 7.37
C ALA A 62 -4.13 1.12 6.14
N ALA A 63 -2.95 1.04 5.51
CA ALA A 63 -2.70 1.81 4.30
C ALA A 63 -3.66 1.37 3.19
N ALA A 64 -3.95 0.07 3.10
CA ALA A 64 -4.85 -0.42 2.08
C ALA A 64 -6.23 0.20 2.21
N ILE A 65 -6.74 0.27 3.44
CA ILE A 65 -8.05 0.87 3.66
C ILE A 65 -8.03 2.34 3.24
N THR A 66 -6.98 3.07 3.63
CA THR A 66 -6.88 4.47 3.26
C THR A 66 -6.85 4.67 1.74
N LEU A 67 -6.07 3.83 1.06
CA LEU A 67 -5.97 3.95 -0.39
C LEU A 67 -7.32 3.74 -1.07
N ASP A 68 -8.13 2.83 -0.52
CA ASP A 68 -9.47 2.63 -1.04
C ASP A 68 -10.33 3.87 -0.82
N LYS A 69 -10.28 4.41 0.39
CA LYS A 69 -11.06 5.60 0.71
C LYS A 69 -10.67 6.79 -0.16
N TYR A 70 -9.41 6.85 -0.59
CA TYR A 70 -8.96 7.96 -1.42
C TYR A 70 -9.81 8.04 -2.70
N PRO A 71 -10.33 9.19 -3.07
CA PRO A 71 -11.25 9.29 -4.25
C PRO A 71 -10.51 9.45 -5.59
N HIS A 72 -9.21 9.21 -5.62
CA HIS A 72 -8.45 9.45 -6.84
C HIS A 72 -7.33 8.41 -7.03
N LYS A 73 -7.03 8.10 -8.28
CA LYS A 73 -5.87 7.28 -8.59
C LYS A 73 -4.61 8.01 -8.17
N ILE A 74 -3.72 7.35 -7.44
CA ILE A 74 -2.45 7.95 -7.07
C ILE A 74 -1.39 7.63 -8.13
N LYS A 75 -0.75 8.68 -8.66
CA LYS A 75 0.24 8.52 -9.71
C LYS A 75 1.64 8.17 -9.19
N SER A 76 1.90 8.39 -7.90
CA SER A 76 3.20 8.09 -7.34
C SER A 76 3.10 7.65 -5.88
N GLY A 77 4.01 6.80 -5.45
CA GLY A 77 4.05 6.34 -4.07
C GLY A 77 4.37 7.47 -3.10
N ALA A 78 5.22 8.40 -3.53
CA ALA A 78 5.65 9.48 -2.65
C ALA A 78 4.44 10.28 -2.19
N GLU A 79 3.52 10.56 -3.12
CA GLU A 79 2.25 11.17 -2.74
C GLU A 79 1.47 10.24 -1.80
N ALA A 80 1.56 8.93 -2.02
CA ALA A 80 0.81 7.98 -1.19
C ALA A 80 1.21 8.09 0.27
N LYS A 81 2.48 8.38 0.53
CA LYS A 81 2.96 8.52 1.90
C LYS A 81 2.18 9.59 2.67
N LYS A 82 1.64 10.59 1.97
CA LYS A 82 0.89 11.66 2.63
C LYS A 82 -0.34 11.13 3.38
N LEU A 83 -0.85 9.95 2.98
CA LEU A 83 -2.07 9.43 3.57
C LEU A 83 -1.78 8.69 4.88
N PRO A 84 -2.62 8.79 5.89
CA PRO A 84 -2.33 8.13 7.20
C PRO A 84 -2.21 6.62 7.05
N GLY A 85 -1.12 6.07 7.58
CA GLY A 85 -0.89 4.62 7.52
C GLY A 85 0.09 4.21 6.43
N VAL A 86 0.44 5.12 5.50
CA VAL A 86 1.39 4.78 4.45
C VAL A 86 2.81 5.10 4.91
N GLY A 87 3.73 4.16 4.66
CA GLY A 87 5.13 4.34 5.06
C GLY A 87 6.04 4.47 3.84
N THR A 88 7.30 4.80 4.07
CA THR A 88 8.24 4.98 2.98
C THR A 88 8.36 3.70 2.17
N LYS A 89 8.45 2.56 2.85
CA LYS A 89 8.60 1.29 2.16
C LYS A 89 7.41 1.03 1.25
N ILE A 90 6.21 1.35 1.73
CA ILE A 90 5.01 1.15 0.94
C ILE A 90 5.04 2.05 -0.29
N ALA A 91 5.48 3.29 -0.12
CA ALA A 91 5.59 4.22 -1.25
C ALA A 91 6.53 3.64 -2.31
N GLU A 92 7.64 3.05 -1.88
CA GLU A 92 8.58 2.45 -2.83
C GLU A 92 7.93 1.33 -3.62
N LYS A 93 7.12 0.49 -2.97
CA LYS A 93 6.42 -0.57 -3.69
C LYS A 93 5.51 0.03 -4.75
N ILE A 94 4.83 1.12 -4.42
CA ILE A 94 3.96 1.80 -5.37
C ILE A 94 4.78 2.27 -6.57
N ASP A 95 5.93 2.87 -6.30
CA ASP A 95 6.78 3.38 -7.39
C ASP A 95 7.21 2.26 -8.33
N GLU A 96 7.59 1.12 -7.78
CA GLU A 96 8.03 0.00 -8.61
C GLU A 96 6.90 -0.49 -9.51
N PHE A 97 5.70 -0.64 -8.93
CA PHE A 97 4.55 -1.09 -9.71
C PHE A 97 4.25 -0.13 -10.85
N LEU A 98 4.36 1.17 -10.58
CA LEU A 98 4.19 2.18 -11.63
C LEU A 98 5.26 2.02 -12.71
N ALA A 99 6.48 1.73 -12.31
CA ALA A 99 7.56 1.48 -13.27
C ALA A 99 7.26 0.29 -14.16
N THR A 100 6.58 -0.72 -13.62
CA THR A 100 6.17 -1.88 -14.40
C THR A 100 4.98 -1.56 -15.32
N GLY A 101 4.19 -0.55 -14.96
CA GLY A 101 3.03 -0.18 -15.78
C GLY A 101 3.34 1.05 -16.63
N GLU A 31 -14.78 -0.42 -9.60
CA GLU A 31 -13.71 -0.68 -8.64
C GLU A 31 -12.90 0.59 -8.39
N THR A 32 -12.47 0.76 -7.14
CA THR A 32 -11.67 1.93 -6.78
C THR A 32 -10.41 1.98 -7.62
N LEU A 33 -10.00 3.19 -8.03
CA LEU A 33 -8.86 3.33 -8.92
C LEU A 33 -7.58 2.73 -8.34
N ASN A 34 -7.47 2.72 -7.01
CA ASN A 34 -6.28 2.17 -6.36
C ASN A 34 -6.47 0.71 -5.91
N GLY A 35 -7.60 0.08 -6.25
CA GLY A 35 -7.91 -1.24 -5.72
C GLY A 35 -6.79 -2.24 -5.99
N ALA A 36 -6.18 -2.16 -7.16
CA ALA A 36 -5.11 -3.09 -7.51
C ALA A 36 -3.96 -2.96 -6.52
N LEU A 37 -3.55 -1.73 -6.25
CA LEU A 37 -2.49 -1.50 -5.28
C LEU A 37 -2.91 -1.98 -3.88
N VAL A 38 -4.19 -1.81 -3.55
CA VAL A 38 -4.67 -2.24 -2.24
C VAL A 38 -4.47 -3.75 -2.09
N ASN A 39 -4.80 -4.50 -3.12
CA ASN A 39 -4.62 -5.95 -3.08
C ASN A 39 -3.14 -6.30 -2.91
N MET A 40 -2.28 -5.63 -3.66
CA MET A 40 -0.85 -5.89 -3.56
C MET A 40 -0.33 -5.61 -2.15
N LEU A 41 -0.85 -4.55 -1.53
CA LEU A 41 -0.46 -4.24 -0.15
C LEU A 41 -0.87 -5.37 0.79
N LYS A 42 -2.07 -5.91 0.60
CA LYS A 42 -2.50 -7.05 1.42
C LYS A 42 -1.54 -8.22 1.26
N GLU A 43 -1.05 -8.45 0.05
CA GLU A 43 -0.07 -9.50 -0.18
C GLU A 43 1.20 -9.22 0.61
N GLU A 44 1.65 -7.97 0.60
CA GLU A 44 2.85 -7.60 1.36
C GLU A 44 2.63 -7.83 2.84
N GLY A 45 1.44 -7.50 3.34
CA GLY A 45 1.11 -7.72 4.73
C GLY A 45 1.21 -9.20 5.09
N ASN A 46 0.71 -10.06 4.21
CA ASN A 46 0.79 -11.50 4.44
C ASN A 46 2.25 -11.94 4.51
N LYS A 47 3.10 -11.36 3.67
CA LYS A 47 4.53 -11.67 3.72
C LYS A 47 5.11 -11.28 5.07
N ALA A 48 4.75 -10.10 5.57
CA ALA A 48 5.23 -9.66 6.87
C ALA A 48 4.79 -10.64 7.95
N LEU A 49 3.55 -11.13 7.85
CA LEU A 49 3.07 -12.15 8.78
C LEU A 49 3.92 -13.42 8.67
N SER A 50 4.30 -13.78 7.45
CA SER A 50 5.08 -14.99 7.24
C SER A 50 6.42 -14.95 7.99
N VAL A 51 7.00 -13.75 8.08
CA VAL A 51 8.27 -13.59 8.81
C VAL A 51 8.05 -13.32 10.32
N GLY A 52 6.81 -13.29 10.78
CA GLY A 52 6.54 -12.99 12.19
C GLY A 52 6.42 -11.49 12.49
N ASN A 53 6.35 -10.65 11.45
CA ASN A 53 6.25 -9.21 11.63
C ASN A 53 4.79 -8.75 11.58
N ILE A 54 4.03 -9.12 12.60
CA ILE A 54 2.59 -8.83 12.61
C ILE A 54 2.36 -7.31 12.60
N ASP A 55 3.21 -6.55 13.29
CA ASP A 55 3.03 -5.11 13.37
C ASP A 55 3.08 -4.49 11.98
N ASP A 56 4.10 -4.87 11.20
CA ASP A 56 4.23 -4.35 9.85
C ASP A 56 3.06 -4.76 8.98
N ALA A 57 2.60 -6.00 9.16
CA ALA A 57 1.48 -6.50 8.36
C ALA A 57 0.24 -5.65 8.58
N LEU A 58 -0.05 -5.34 9.85
CA LEU A 58 -1.18 -4.47 10.17
C LEU A 58 -1.00 -3.10 9.53
N GLN A 59 0.23 -2.59 9.52
CA GLN A 59 0.51 -1.30 8.91
C GLN A 59 0.16 -1.31 7.42
N TYR A 60 0.57 -2.36 6.71
CA TYR A 60 0.26 -2.46 5.29
C TYR A 60 -1.26 -2.47 5.07
N TYR A 61 -1.97 -3.22 5.90
CA TYR A 61 -3.43 -3.29 5.77
C TYR A 61 -4.07 -1.92 5.97
N ALA A 62 -3.56 -1.15 6.93
CA ALA A 62 -4.11 0.18 7.19
C ALA A 62 -3.90 1.09 5.99
N ALA A 63 -2.70 1.06 5.42
CA ALA A 63 -2.39 1.88 4.26
C ALA A 63 -3.29 1.50 3.08
N ALA A 64 -3.53 0.19 2.91
CA ALA A 64 -4.35 -0.28 1.81
C ALA A 64 -5.78 0.27 1.91
N ILE A 65 -6.35 0.22 3.11
CA ILE A 65 -7.70 0.71 3.30
C ILE A 65 -7.77 2.21 2.98
N THR A 66 -6.80 2.98 3.46
CA THR A 66 -6.80 4.42 3.19
C THR A 66 -6.72 4.69 1.68
N LEU A 67 -5.86 3.94 0.99
CA LEU A 67 -5.71 4.10 -0.45
C LEU A 67 -7.01 3.82 -1.19
N ASP A 68 -7.77 2.84 -0.69
CA ASP A 68 -9.08 2.56 -1.26
C ASP A 68 -10.04 3.73 -1.04
N LYS A 69 -10.07 4.25 0.17
CA LYS A 69 -10.95 5.38 0.49
C LYS A 69 -10.64 6.61 -0.37
N TYR A 70 -9.38 6.77 -0.75
CA TYR A 70 -8.98 7.90 -1.59
C TYR A 70 -9.80 7.90 -2.89
N PRO A 71 -10.40 9.01 -3.30
CA PRO A 71 -11.29 9.03 -4.50
C PRO A 71 -10.57 9.20 -5.83
N HIS A 72 -9.24 9.04 -5.84
CA HIS A 72 -8.48 9.30 -7.06
C HIS A 72 -7.31 8.33 -7.23
N LYS A 73 -6.99 7.99 -8.47
CA LYS A 73 -5.79 7.21 -8.75
C LYS A 73 -4.55 8.00 -8.31
N ILE A 74 -3.68 7.35 -7.55
CA ILE A 74 -2.42 8.00 -7.17
C ILE A 74 -1.33 7.69 -8.18
N LYS A 75 -0.60 8.71 -8.60
CA LYS A 75 0.41 8.56 -9.65
C LYS A 75 1.75 8.05 -9.10
N SER A 76 2.00 8.20 -7.79
CA SER A 76 3.26 7.75 -7.21
C SER A 76 3.10 7.45 -5.73
N GLY A 77 3.98 6.59 -5.22
CA GLY A 77 3.99 6.27 -3.79
C GLY A 77 4.31 7.50 -2.94
N ALA A 78 5.12 8.40 -3.47
CA ALA A 78 5.52 9.58 -2.71
C ALA A 78 4.29 10.38 -2.31
N GLU A 79 3.35 10.53 -3.24
CA GLU A 79 2.05 11.11 -2.88
C GLU A 79 1.33 10.23 -1.86
N ALA A 80 1.50 8.91 -1.97
CA ALA A 80 0.79 7.99 -1.08
C ALA A 80 1.15 8.23 0.38
N LYS A 81 2.39 8.63 0.64
CA LYS A 81 2.81 8.88 2.01
C LYS A 81 1.94 9.93 2.71
N LYS A 82 1.34 10.85 1.94
CA LYS A 82 0.51 11.90 2.50
C LYS A 82 -0.68 11.33 3.28
N LEU A 83 -1.11 10.10 2.95
CA LEU A 83 -2.31 9.54 3.54
C LEU A 83 -2.01 8.86 4.88
N PRO A 84 -2.85 8.97 5.89
CA PRO A 84 -2.58 8.33 7.21
C PRO A 84 -2.39 6.82 7.08
N GLY A 85 -1.29 6.32 7.65
CA GLY A 85 -1.01 4.89 7.63
C GLY A 85 0.00 4.49 6.54
N VAL A 86 0.33 5.39 5.61
CA VAL A 86 1.30 5.08 4.58
C VAL A 86 2.72 5.36 5.08
N GLY A 87 3.63 4.42 4.83
CA GLY A 87 5.01 4.56 5.28
C GLY A 87 5.96 4.63 4.09
N THR A 88 7.23 4.95 4.35
CA THR A 88 8.22 5.08 3.29
C THR A 88 8.34 3.78 2.49
N LYS A 89 8.38 2.65 3.20
CA LYS A 89 8.51 1.35 2.54
C LYS A 89 7.30 1.12 1.62
N ILE A 90 6.12 1.49 2.10
CA ILE A 90 4.91 1.29 1.31
C ILE A 90 4.97 2.17 0.05
N ALA A 91 5.43 3.41 0.20
CA ALA A 91 5.54 4.31 -0.93
C ALA A 91 6.48 3.73 -1.98
N GLU A 92 7.60 3.17 -1.54
CA GLU A 92 8.55 2.57 -2.48
C GLU A 92 7.91 1.41 -3.22
N LYS A 93 7.11 0.61 -2.51
CA LYS A 93 6.41 -0.50 -3.15
C LYS A 93 5.48 0.01 -4.25
N ILE A 94 4.79 1.10 -3.97
CA ILE A 94 3.91 1.71 -4.97
C ILE A 94 4.72 2.13 -6.20
N ASP A 95 5.88 2.74 -5.95
CA ASP A 95 6.74 3.16 -7.06
C ASP A 95 7.14 1.98 -7.92
N GLU A 96 7.49 0.87 -7.28
CA GLU A 96 7.92 -0.32 -8.01
C GLU A 96 6.77 -0.85 -8.88
N PHE A 97 5.57 -0.92 -8.31
CA PHE A 97 4.43 -1.42 -9.05
C PHE A 97 4.16 -0.57 -10.28
N LEU A 98 4.26 0.75 -10.14
CA LEU A 98 4.12 1.64 -11.29
C LEU A 98 5.23 1.41 -12.31
N ALA A 99 6.44 1.14 -11.83
CA ALA A 99 7.56 0.86 -12.74
C ALA A 99 7.29 -0.41 -13.56
N THR A 100 6.61 -1.37 -12.98
CA THR A 100 6.22 -2.58 -13.71
C THR A 100 5.06 -2.31 -14.69
N GLY A 101 4.26 -1.28 -14.41
CA GLY A 101 3.13 -0.96 -15.28
C GLY A 101 2.75 0.51 -15.16
N GLU A 31 -14.66 -0.75 -9.24
CA GLU A 31 -13.46 -0.98 -8.44
C GLU A 31 -12.70 0.33 -8.23
N THR A 32 -12.26 0.55 -6.99
CA THR A 32 -11.52 1.78 -6.67
C THR A 32 -10.27 1.89 -7.54
N LEU A 33 -9.92 3.11 -7.91
CA LEU A 33 -8.81 3.33 -8.83
C LEU A 33 -7.50 2.75 -8.30
N ASN A 34 -7.35 2.69 -6.98
CA ASN A 34 -6.12 2.17 -6.38
C ASN A 34 -6.22 0.68 -5.99
N GLY A 35 -7.31 0.01 -6.37
CA GLY A 35 -7.54 -1.36 -5.89
C GLY A 35 -6.36 -2.27 -6.19
N ALA A 36 -5.73 -2.10 -7.36
CA ALA A 36 -4.62 -2.97 -7.73
C ALA A 36 -3.47 -2.83 -6.73
N LEU A 37 -3.13 -1.59 -6.40
CA LEU A 37 -2.09 -1.35 -5.41
C LEU A 37 -2.51 -1.90 -4.05
N VAL A 38 -3.79 -1.78 -3.72
CA VAL A 38 -4.29 -2.29 -2.44
C VAL A 38 -4.05 -3.79 -2.35
N ASN A 39 -4.31 -4.51 -3.43
CA ASN A 39 -4.09 -5.95 -3.44
C ASN A 39 -2.63 -6.28 -3.22
N MET A 40 -1.74 -5.55 -3.90
CA MET A 40 -0.31 -5.78 -3.74
C MET A 40 0.12 -5.55 -2.29
N LEU A 41 -0.43 -4.52 -1.65
CA LEU A 41 -0.14 -4.26 -0.25
C LEU A 41 -0.61 -5.43 0.63
N LYS A 42 -1.79 -5.97 0.32
CA LYS A 42 -2.29 -7.11 1.07
C LYS A 42 -1.32 -8.29 0.99
N GLU A 43 -0.73 -8.49 -0.19
CA GLU A 43 0.28 -9.54 -0.34
C GLU A 43 1.48 -9.26 0.55
N GLU A 44 1.91 -8.00 0.59
CA GLU A 44 3.04 -7.63 1.44
C GLU A 44 2.70 -7.85 2.91
N GLY A 45 1.46 -7.56 3.29
CA GLY A 45 1.02 -7.78 4.67
C GLY A 45 1.13 -9.26 5.04
N ASN A 46 0.68 -10.12 4.13
CA ASN A 46 0.76 -11.56 4.37
C ASN A 46 2.22 -12.00 4.52
N LYS A 47 3.11 -11.40 3.72
CA LYS A 47 4.53 -11.72 3.82
C LYS A 47 5.06 -11.35 5.21
N ALA A 48 4.69 -10.16 5.69
CA ALA A 48 5.13 -9.73 7.00
C ALA A 48 4.64 -10.71 8.07
N LEU A 49 3.40 -11.15 7.93
CA LEU A 49 2.87 -12.17 8.85
C LEU A 49 3.68 -13.46 8.76
N SER A 50 4.08 -13.82 7.55
CA SER A 50 4.84 -15.06 7.35
C SER A 50 6.15 -15.05 8.13
N VAL A 51 6.77 -13.87 8.24
CA VAL A 51 8.01 -13.76 9.00
C VAL A 51 7.79 -13.48 10.49
N GLY A 52 6.54 -13.43 10.95
CA GLY A 52 6.25 -13.12 12.35
C GLY A 52 6.17 -11.61 12.63
N ASN A 53 6.12 -10.78 11.58
CA ASN A 53 6.07 -9.33 11.76
C ASN A 53 4.62 -8.84 11.68
N ILE A 54 3.83 -9.19 12.69
CA ILE A 54 2.40 -8.87 12.67
C ILE A 54 2.20 -7.35 12.67
N ASP A 55 3.06 -6.62 13.36
CA ASP A 55 2.90 -5.16 13.45
C ASP A 55 3.01 -4.55 12.06
N ASP A 56 4.02 -4.94 11.29
CA ASP A 56 4.20 -4.41 9.95
C ASP A 56 3.03 -4.80 9.05
N ALA A 57 2.54 -6.02 9.20
CA ALA A 57 1.43 -6.49 8.38
C ALA A 57 0.20 -5.60 8.62
N LEU A 58 -0.08 -5.31 9.90
CA LEU A 58 -1.21 -4.44 10.22
C LEU A 58 -1.04 -3.06 9.61
N GLN A 59 0.19 -2.54 9.63
CA GLN A 59 0.44 -1.23 9.05
C GLN A 59 0.12 -1.21 7.56
N TYR A 60 0.56 -2.24 6.83
CA TYR A 60 0.26 -2.34 5.41
C TYR A 60 -1.24 -2.38 5.18
N TYR A 61 -1.96 -3.15 6.00
CA TYR A 61 -3.41 -3.24 5.85
C TYR A 61 -4.08 -1.88 6.07
N ALA A 62 -3.56 -1.12 7.03
CA ALA A 62 -4.12 0.21 7.29
C ALA A 62 -3.94 1.11 6.08
N ALA A 63 -2.75 1.07 5.49
CA ALA A 63 -2.49 1.87 4.30
C ALA A 63 -3.39 1.44 3.15
N ALA A 64 -3.62 0.13 3.03
CA ALA A 64 -4.48 -0.38 1.96
C ALA A 64 -5.89 0.20 2.07
N ILE A 65 -6.44 0.20 3.29
CA ILE A 65 -7.78 0.74 3.49
C ILE A 65 -7.82 2.22 3.10
N THR A 66 -6.82 2.98 3.54
CA THR A 66 -6.79 4.41 3.21
C THR A 66 -6.73 4.62 1.70
N LEU A 67 -5.91 3.83 1.01
CA LEU A 67 -5.79 3.95 -0.44
C LEU A 67 -7.13 3.70 -1.12
N ASP A 68 -7.91 2.76 -0.58
CA ASP A 68 -9.25 2.51 -1.11
C ASP A 68 -10.14 3.73 -0.92
N LYS A 69 -10.14 4.28 0.30
CA LYS A 69 -10.96 5.45 0.60
C LYS A 69 -10.60 6.66 -0.27
N TYR A 70 -9.34 6.75 -0.69
CA TYR A 70 -8.90 7.86 -1.53
C TYR A 70 -9.75 7.93 -2.81
N PRO A 71 -10.32 9.06 -3.17
CA PRO A 71 -11.23 9.13 -4.36
C PRO A 71 -10.51 9.30 -5.70
N HIS A 72 -9.20 9.10 -5.72
CA HIS A 72 -8.44 9.34 -6.95
C HIS A 72 -7.31 8.34 -7.14
N LYS A 73 -6.99 8.02 -8.39
CA LYS A 73 -5.80 7.24 -8.68
C LYS A 73 -4.57 8.02 -8.25
N ILE A 74 -3.66 7.38 -7.53
CA ILE A 74 -2.41 8.04 -7.14
C ILE A 74 -1.33 7.77 -8.19
N LYS A 75 -0.64 8.83 -8.59
CA LYS A 75 0.37 8.72 -9.65
C LYS A 75 1.73 8.25 -9.12
N SER A 76 1.98 8.39 -7.81
CA SER A 76 3.25 7.96 -7.24
C SER A 76 3.10 7.61 -5.77
N GLY A 77 3.97 6.73 -5.29
CA GLY A 77 3.95 6.34 -3.89
C GLY A 77 4.27 7.52 -2.97
N ALA A 78 5.13 8.43 -3.44
CA ALA A 78 5.52 9.58 -2.62
C ALA A 78 4.29 10.38 -2.22
N GLU A 79 3.37 10.59 -3.17
CA GLU A 79 2.08 11.18 -2.83
C GLU A 79 1.32 10.31 -1.85
N ALA A 80 1.44 8.99 -1.99
CA ALA A 80 0.71 8.07 -1.13
C ALA A 80 1.08 8.25 0.34
N LYS A 81 2.34 8.58 0.59
CA LYS A 81 2.82 8.79 1.95
C LYS A 81 2.00 9.85 2.69
N LYS A 82 1.44 10.81 1.96
CA LYS A 82 0.65 11.87 2.58
C LYS A 82 -0.56 11.32 3.34
N LEU A 83 -1.04 10.13 2.96
CA LEU A 83 -2.25 9.58 3.56
C LEU A 83 -1.95 8.87 4.88
N PRO A 84 -2.82 8.95 5.87
CA PRO A 84 -2.53 8.33 7.20
C PRO A 84 -2.35 6.82 7.08
N GLY A 85 -1.25 6.33 7.66
CA GLY A 85 -0.96 4.89 7.63
C GLY A 85 0.05 4.50 6.55
N VAL A 86 0.37 5.39 5.62
CA VAL A 86 1.34 5.08 4.57
C VAL A 86 2.74 5.47 5.02
N GLY A 87 3.71 4.56 4.80
CA GLY A 87 5.09 4.81 5.18
C GLY A 87 5.99 4.88 3.95
N THR A 88 7.24 5.28 4.16
CA THR A 88 8.17 5.42 3.05
C THR A 88 8.32 4.09 2.29
N LYS A 89 8.44 3.00 3.05
CA LYS A 89 8.61 1.69 2.43
C LYS A 89 7.39 1.34 1.56
N ILE A 90 6.20 1.68 2.06
CA ILE A 90 4.98 1.40 1.32
C ILE A 90 4.97 2.23 0.02
N ALA A 91 5.38 3.48 0.11
CA ALA A 91 5.44 4.34 -1.07
C ALA A 91 6.36 3.72 -2.12
N GLU A 92 7.50 3.17 -1.69
CA GLU A 92 8.43 2.54 -2.62
C GLU A 92 7.78 1.37 -3.33
N LYS A 93 6.99 0.57 -2.61
CA LYS A 93 6.27 -0.54 -3.24
C LYS A 93 5.32 -0.01 -4.31
N ILE A 94 4.66 1.11 -4.02
CA ILE A 94 3.77 1.73 -5.00
C ILE A 94 4.56 2.13 -6.24
N ASP A 95 5.73 2.72 -6.04
CA ASP A 95 6.57 3.13 -7.16
C ASP A 95 6.94 1.93 -8.03
N GLU A 96 7.30 0.83 -7.38
CA GLU A 96 7.68 -0.37 -8.11
C GLU A 96 6.52 -0.89 -8.96
N PHE A 97 5.32 -0.95 -8.36
CA PHE A 97 4.16 -1.44 -9.08
C PHE A 97 3.88 -0.60 -10.31
N LEU A 98 4.01 0.73 -10.18
CA LEU A 98 3.83 1.61 -11.33
C LEU A 98 4.90 1.35 -12.39
N ALA A 99 6.14 1.08 -11.94
CA ALA A 99 7.23 0.77 -12.86
C ALA A 99 6.94 -0.50 -13.66
N THR A 100 6.26 -1.46 -13.03
CA THR A 100 5.85 -2.68 -13.72
C THR A 100 4.68 -2.44 -14.68
N GLY A 101 3.87 -1.41 -14.43
CA GLY A 101 2.73 -1.10 -15.28
C GLY A 101 3.13 -0.16 -16.41
#